data_8BNS
#
_entry.id   8BNS
#
_cell.length_a   113.138
_cell.length_b   129.292
_cell.length_c   113.685
_cell.angle_alpha   90.000
_cell.angle_beta   103.400
_cell.angle_gamma   90.000
#
_symmetry.space_group_name_H-M   'P 1 21 1'
#
loop_
_entity.id
_entity.type
_entity.pdbx_description
1 polymer 'AAA ATPase'
2 non-polymer "ADENOSINE-5'-DIPHOSPHATE"
#
_entity_poly.entity_id   1
_entity_poly.type   'polypeptide(L)'
_entity_poly.pdbx_seq_one_letter_code
;MIQTVEFNEQFSKALDLMENTNKNVLIVGRAGTGKSTLLNYFRNNTKKKIAVLAPTGVAAVNIKGQTIHSFFNFKPDITL
SSVKDIKPKNKEIYKKLDAIVIDEVSMVRADLFDCINEFLKIHGKQPGEPFGGIQLILIGDLYQLPPVVTSSEKKFFSQI
YKSPFFFDSISFNEAEFEFVELEKVYRQKDEKFIKLLNAIRNKTIEEKDLEELNKRYIPDFEPDEKEFYIYLTTTNELAD
KINQQKLEKLKGKKYVYQGYIEGDFSEKDLPAPLELVIKKGTQVMLLNNDYQGRWINGSMGRVVDIEKVKGNEDIIWVEL
EDGEEVPVQPYEWDMFEFYYDKAQKKIKSRTVGSYYQYPLKPAWAITIHKSQGLTFDKVIIDIGRGTFSHGQLYVALSRC
RSLEGLVLKKPISEKYIWLDKRVVSFLTKYQYKLSSKKLPLEEKIEIIKKAISEKKPIEIVYLKSKDVKSKRVIIPKKIG
KMDYNGAEFLGVEGFCTIRKDDRVFNVEKILEIKEIE
;
_entity_poly.pdbx_strand_id   A,B,C,D
#
loop_
_chem_comp.id
_chem_comp.type
_chem_comp.name
_chem_comp.formula
ADP non-polymer ADENOSINE-5'-DIPHOSPHATE 'C10 H15 N5 O10 P2'
#
# COMPACT_ATOMS: atom_id res chain seq x y z
N MET A 1 -10.50 -46.56 -34.54
CA MET A 1 -10.44 -48.00 -34.52
C MET A 1 -10.49 -48.53 -35.94
N ILE A 2 -9.37 -48.50 -36.67
CA ILE A 2 -9.40 -48.90 -38.06
C ILE A 2 -8.48 -50.10 -38.29
N GLN A 3 -8.56 -50.64 -39.51
CA GLN A 3 -8.01 -51.91 -39.97
C GLN A 3 -7.28 -51.79 -41.31
N THR A 4 -6.43 -50.80 -41.51
CA THR A 4 -5.95 -50.46 -42.85
C THR A 4 -4.46 -50.70 -42.94
N VAL A 5 -4.02 -51.81 -42.34
CA VAL A 5 -2.62 -52.07 -42.04
C VAL A 5 -2.09 -53.38 -42.66
N GLU A 6 -2.70 -53.91 -43.71
CA GLU A 6 -1.96 -54.77 -44.65
C GLU A 6 -1.28 -55.98 -43.98
N PHE A 7 -2.08 -56.87 -43.38
CA PHE A 7 -1.47 -57.85 -42.47
C PHE A 7 -0.73 -58.96 -43.23
N ASN A 8 0.58 -58.76 -43.37
CA ASN A 8 1.50 -59.68 -44.01
C ASN A 8 1.95 -60.77 -43.05
N GLU A 9 2.64 -61.78 -43.60
CA GLU A 9 3.11 -62.92 -42.82
C GLU A 9 3.85 -62.51 -41.56
N GLN A 10 4.82 -61.58 -41.69
CA GLN A 10 5.60 -61.16 -40.53
C GLN A 10 4.73 -60.41 -39.54
N PHE A 11 3.88 -59.53 -40.05
CA PHE A 11 2.96 -58.79 -39.18
C PHE A 11 2.04 -59.75 -38.45
N SER A 12 1.45 -60.70 -39.18
CA SER A 12 0.51 -61.63 -38.56
C SER A 12 1.22 -62.58 -37.60
N LYS A 13 2.46 -62.97 -37.92
CA LYS A 13 3.20 -63.83 -37.01
C LYS A 13 3.53 -63.08 -35.73
N ALA A 14 3.88 -61.80 -35.85
CA ALA A 14 4.23 -61.02 -34.67
C ALA A 14 3.01 -60.77 -33.80
N LEU A 15 1.88 -60.44 -34.41
CA LEU A 15 0.67 -60.24 -33.63
C LEU A 15 0.21 -61.54 -32.98
N ASP A 16 0.45 -62.66 -33.65
CA ASP A 16 0.12 -63.96 -33.05
C ASP A 16 0.92 -64.19 -31.79
N LEU A 17 2.24 -63.99 -31.87
CA LEU A 17 3.07 -64.13 -30.67
C LEU A 17 2.68 -63.11 -29.60
N MET A 18 2.18 -61.94 -30.00
CA MET A 18 1.87 -60.90 -29.03
C MET A 18 0.59 -61.21 -28.25
N GLU A 19 -0.52 -61.40 -28.95
CA GLU A 19 -1.82 -61.37 -28.28
C GLU A 19 -2.23 -62.73 -27.71
N ASN A 20 -2.31 -63.76 -28.55
CA ASN A 20 -2.84 -65.03 -28.07
C ASN A 20 -1.84 -65.77 -27.19
N THR A 21 -0.55 -65.61 -27.43
CA THR A 21 0.47 -66.23 -26.60
C THR A 21 0.92 -65.25 -25.53
N ASN A 22 1.54 -65.80 -24.48
CA ASN A 22 2.12 -65.03 -23.39
C ASN A 22 3.64 -65.18 -23.33
N LYS A 23 4.26 -65.35 -24.50
CA LYS A 23 5.70 -65.56 -24.60
C LYS A 23 6.41 -64.23 -24.76
N ASN A 24 7.64 -64.18 -24.24
CA ASN A 24 8.49 -63.02 -24.48
C ASN A 24 8.92 -62.99 -25.95
N VAL A 25 8.84 -61.82 -26.57
CA VAL A 25 9.03 -61.68 -28.00
C VAL A 25 9.94 -60.50 -28.29
N LEU A 26 10.67 -60.59 -29.41
CA LEU A 26 11.56 -59.53 -29.87
C LEU A 26 11.29 -59.25 -31.34
N ILE A 27 10.70 -58.09 -31.63
CA ILE A 27 10.37 -57.68 -33.01
C ILE A 27 11.32 -56.57 -33.44
N VAL A 28 12.01 -56.77 -34.57
CA VAL A 28 12.89 -55.75 -35.16
C VAL A 28 12.48 -55.42 -36.59
N GLY A 29 12.52 -54.13 -36.93
CA GLY A 29 12.68 -53.70 -38.31
C GLY A 29 13.81 -52.68 -38.41
N ARG A 30 14.11 -52.25 -39.64
CA ARG A 30 15.26 -51.35 -39.66
C ARG A 30 14.99 -49.85 -39.72
N ALA A 31 14.24 -49.32 -40.73
CA ALA A 31 13.53 -48.07 -40.46
C ALA A 31 12.03 -48.08 -40.73
N GLY A 32 11.60 -48.79 -41.79
CA GLY A 32 10.28 -48.55 -42.36
C GLY A 32 9.28 -49.67 -42.18
N THR A 33 9.54 -50.50 -41.19
CA THR A 33 8.94 -51.82 -41.15
C THR A 33 7.53 -51.84 -40.57
N GLY A 34 7.18 -50.86 -39.76
CA GLY A 34 5.89 -50.90 -39.11
C GLY A 34 6.06 -51.21 -37.64
N LYS A 35 7.20 -50.80 -37.09
CA LYS A 35 7.47 -51.02 -35.68
C LYS A 35 6.45 -50.27 -34.84
N SER A 36 6.35 -48.96 -35.02
CA SER A 36 5.32 -48.19 -34.34
C SER A 36 3.92 -48.61 -34.82
N THR A 37 3.79 -48.99 -36.09
CA THR A 37 2.49 -49.37 -36.61
C THR A 37 1.99 -50.65 -35.95
N LEU A 38 2.85 -51.69 -35.92
CA LEU A 38 2.47 -52.95 -35.28
C LEU A 38 2.21 -52.76 -33.80
N LEU A 39 3.09 -52.03 -33.12
CA LEU A 39 2.95 -51.80 -31.69
C LEU A 39 1.63 -51.13 -31.37
N ASN A 40 1.27 -50.12 -32.14
CA ASN A 40 0.13 -49.30 -31.82
C ASN A 40 -1.17 -49.96 -32.25
N TYR A 41 -1.12 -50.79 -33.30
CA TYR A 41 -2.30 -51.57 -33.64
C TYR A 41 -2.62 -52.55 -32.52
N PHE A 42 -1.59 -53.20 -31.99
CA PHE A 42 -1.77 -54.04 -30.80
C PHE A 42 -2.26 -53.20 -29.64
N ARG A 43 -1.62 -52.05 -29.43
CA ARG A 43 -1.91 -51.20 -28.29
C ARG A 43 -3.38 -50.80 -28.25
N ASN A 44 -3.93 -50.40 -29.39
CA ASN A 44 -5.29 -49.87 -29.41
C ASN A 44 -6.33 -50.98 -29.28
N ASN A 45 -6.06 -52.13 -29.91
CA ASN A 45 -7.05 -53.19 -30.07
C ASN A 45 -6.83 -54.37 -29.15
N THR A 46 -6.34 -54.14 -27.93
CA THR A 46 -6.13 -55.24 -26.98
C THR A 46 -6.85 -54.94 -25.67
N LYS A 47 -7.09 -56.01 -24.94
CA LYS A 47 -7.73 -55.97 -23.62
C LYS A 47 -6.88 -56.75 -22.62
N LYS A 48 -5.57 -56.56 -22.68
CA LYS A 48 -4.63 -57.45 -22.03
C LYS A 48 -3.85 -56.76 -20.91
N LYS A 49 -4.35 -55.63 -20.42
CA LYS A 49 -3.80 -54.98 -19.23
C LYS A 49 -2.29 -54.76 -19.38
N ILE A 50 -1.94 -53.98 -20.40
CA ILE A 50 -0.55 -53.80 -20.80
C ILE A 50 -0.04 -52.43 -20.40
N ALA A 51 1.29 -52.29 -20.39
CA ALA A 51 1.98 -51.04 -20.13
C ALA A 51 3.06 -50.81 -21.18
N VAL A 52 2.98 -49.68 -21.88
CA VAL A 52 3.92 -49.36 -22.96
C VAL A 52 4.96 -48.37 -22.43
N LEU A 53 6.24 -48.76 -22.48
CA LEU A 53 7.35 -47.97 -21.98
C LEU A 53 8.36 -47.65 -23.09
N ALA A 54 9.21 -46.66 -22.84
CA ALA A 54 10.26 -46.29 -23.78
C ALA A 54 11.48 -45.80 -23.00
N PRO A 55 12.69 -45.97 -23.53
CA PRO A 55 13.89 -45.59 -22.76
C PRO A 55 13.97 -44.12 -22.38
N THR A 56 13.86 -43.20 -23.35
CA THR A 56 14.02 -41.77 -23.07
C THR A 56 12.66 -41.08 -22.94
N GLY A 57 12.69 -39.89 -22.34
CA GLY A 57 11.47 -39.11 -22.27
C GLY A 57 10.95 -38.68 -23.62
N VAL A 58 11.84 -38.45 -24.59
CA VAL A 58 11.39 -38.10 -25.93
C VAL A 58 10.72 -39.30 -26.59
N ALA A 59 11.33 -40.48 -26.47
CA ALA A 59 10.70 -41.67 -27.03
C ALA A 59 9.40 -42.00 -26.30
N ALA A 60 9.30 -41.64 -25.02
CA ALA A 60 8.07 -41.94 -24.29
C ALA A 60 6.93 -41.04 -24.73
N VAL A 61 7.18 -39.74 -24.90
CA VAL A 61 6.11 -38.84 -25.29
C VAL A 61 5.63 -39.15 -26.70
N ASN A 62 6.54 -39.55 -27.59
CA ASN A 62 6.13 -39.86 -28.95
C ASN A 62 5.19 -41.06 -28.98
N ILE A 63 5.56 -42.14 -28.27
CA ILE A 63 4.70 -43.32 -28.19
C ILE A 63 3.62 -43.20 -27.14
N LYS A 64 3.51 -42.06 -26.45
CA LYS A 64 2.54 -41.92 -25.37
C LYS A 64 2.81 -42.91 -24.23
N GLY A 65 4.08 -43.12 -23.90
CA GLY A 65 4.49 -44.11 -22.94
C GLY A 65 5.07 -43.53 -21.66
N GLN A 66 5.77 -44.38 -20.90
CA GLN A 66 6.07 -44.09 -19.51
C GLN A 66 7.56 -44.18 -19.15
N THR A 67 8.46 -43.79 -20.05
CA THR A 67 9.69 -43.08 -19.63
C THR A 67 10.45 -43.82 -18.52
N ILE A 68 10.90 -45.04 -18.83
CA ILE A 68 10.87 -46.19 -17.92
C ILE A 68 11.36 -45.87 -16.52
N HIS A 69 12.42 -45.08 -16.40
CA HIS A 69 12.93 -44.73 -15.08
C HIS A 69 11.83 -44.17 -14.19
N SER A 70 10.83 -43.54 -14.77
CA SER A 70 9.70 -43.00 -14.03
C SER A 70 8.73 -44.11 -13.63
N PHE A 71 8.56 -45.09 -14.50
CA PHE A 71 7.60 -46.16 -14.23
C PHE A 71 8.07 -47.04 -13.09
N PHE A 72 9.37 -47.28 -12.99
CA PHE A 72 9.95 -48.13 -11.95
C PHE A 72 10.51 -47.32 -10.79
N ASN A 73 10.40 -45.99 -10.84
CA ASN A 73 10.97 -45.10 -9.83
C ASN A 73 12.47 -45.29 -9.71
N PHE A 74 13.14 -45.45 -10.86
CA PHE A 74 14.57 -45.65 -10.92
C PHE A 74 15.31 -44.32 -10.85
N LYS A 75 16.19 -44.18 -9.87
CA LYS A 75 17.07 -43.02 -9.78
C LYS A 75 18.12 -43.06 -10.89
N PRO A 76 18.63 -41.91 -11.32
CA PRO A 76 19.59 -41.90 -12.44
C PRO A 76 20.83 -42.76 -12.20
N ASP A 77 21.13 -43.10 -10.95
CA ASP A 77 22.31 -43.87 -10.61
C ASP A 77 21.98 -45.30 -10.22
N ILE A 78 20.80 -45.80 -10.63
CA ILE A 78 20.32 -47.08 -10.14
C ILE A 78 21.32 -48.19 -10.41
N THR A 79 21.30 -49.19 -9.53
CA THR A 79 22.21 -50.33 -9.57
C THR A 79 21.45 -51.55 -9.06
N LEU A 80 21.94 -52.73 -9.46
CA LEU A 80 21.27 -53.98 -9.10
C LEU A 80 21.08 -54.13 -7.59
N SER A 81 21.90 -53.47 -6.78
CA SER A 81 21.75 -53.53 -5.33
C SER A 81 20.76 -52.48 -4.82
N SER A 82 20.78 -51.28 -5.38
CA SER A 82 19.90 -50.23 -4.89
C SER A 82 18.46 -50.46 -5.32
N VAL A 83 18.24 -51.22 -6.40
CA VAL A 83 16.90 -51.52 -6.89
C VAL A 83 16.12 -52.28 -5.83
N LYS A 84 16.80 -53.06 -4.99
CA LYS A 84 16.12 -53.87 -4.00
C LYS A 84 15.45 -53.00 -2.94
N ASP A 85 15.96 -51.80 -2.70
CA ASP A 85 15.41 -50.89 -1.71
C ASP A 85 14.31 -49.98 -2.26
N ILE A 86 14.03 -50.05 -3.56
CA ILE A 86 13.06 -49.14 -4.17
C ILE A 86 11.65 -49.53 -3.74
N LYS A 87 10.93 -48.58 -3.13
CA LYS A 87 9.52 -48.78 -2.82
C LYS A 87 8.65 -48.34 -3.99
N PRO A 88 7.84 -49.22 -4.57
CA PRO A 88 6.95 -48.80 -5.67
C PRO A 88 5.96 -47.72 -5.25
N LYS A 89 5.83 -46.72 -6.11
CA LYS A 89 4.81 -45.68 -5.93
C LYS A 89 3.42 -46.30 -5.90
N ASN A 90 3.20 -47.33 -6.71
CA ASN A 90 1.90 -47.88 -7.11
C ASN A 90 1.87 -49.37 -6.83
N LYS A 91 2.34 -49.73 -5.62
CA LYS A 91 2.60 -51.11 -5.22
C LYS A 91 1.53 -52.06 -5.73
N GLU A 92 0.26 -51.68 -5.57
CA GLU A 92 -0.85 -52.51 -6.02
C GLU A 92 -0.68 -52.96 -7.47
N ILE A 93 -0.17 -52.09 -8.35
CA ILE A 93 0.13 -52.49 -9.72
C ILE A 93 1.41 -53.34 -9.76
N TYR A 94 1.61 -54.02 -10.89
CA TYR A 94 2.58 -55.08 -11.21
C TYR A 94 2.17 -56.40 -10.61
N LYS A 95 1.09 -56.46 -9.84
CA LYS A 95 0.45 -57.72 -9.57
C LYS A 95 -0.58 -58.06 -10.64
N LYS A 96 -1.20 -57.04 -11.23
CA LYS A 96 -2.26 -57.25 -12.21
C LYS A 96 -1.76 -57.27 -13.65
N LEU A 97 -0.57 -56.74 -13.92
CA LEU A 97 -0.15 -56.52 -15.30
C LEU A 97 0.11 -57.84 -16.02
N ASP A 98 -0.52 -58.02 -17.17
CA ASP A 98 -0.28 -59.21 -17.97
C ASP A 98 0.92 -59.09 -18.88
N ALA A 99 1.14 -57.93 -19.48
CA ALA A 99 2.23 -57.75 -20.43
C ALA A 99 2.81 -56.35 -20.32
N ILE A 100 4.07 -56.20 -20.75
CA ILE A 100 4.76 -54.92 -20.78
C ILE A 100 5.58 -54.81 -22.07
N VAL A 101 5.34 -53.73 -22.84
CA VAL A 101 6.06 -53.48 -24.09
C VAL A 101 7.14 -52.44 -23.86
N ILE A 102 8.22 -52.55 -24.63
CA ILE A 102 9.35 -51.61 -24.56
C ILE A 102 9.80 -51.30 -25.98
N ASP A 103 9.54 -50.08 -26.42
CA ASP A 103 9.92 -49.63 -27.75
C ASP A 103 11.34 -49.08 -27.75
N GLU A 104 11.94 -49.05 -28.94
CA GLU A 104 13.32 -48.57 -29.12
C GLU A 104 14.27 -49.27 -28.16
N VAL A 105 14.09 -50.58 -28.02
CA VAL A 105 14.90 -51.41 -27.14
C VAL A 105 16.37 -51.41 -27.53
N SER A 106 16.70 -50.90 -28.72
CA SER A 106 18.09 -50.86 -29.14
C SER A 106 18.93 -50.05 -28.18
N MET A 107 18.37 -48.96 -27.63
CA MET A 107 19.12 -48.04 -26.79
C MET A 107 18.87 -48.26 -25.30
N VAL A 108 18.63 -49.50 -24.90
CA VAL A 108 18.50 -49.88 -23.49
C VAL A 108 19.74 -50.68 -23.11
N ARG A 109 20.53 -50.16 -22.17
CA ARG A 109 21.78 -50.84 -21.87
C ARG A 109 21.51 -52.08 -21.00
N ALA A 110 22.49 -52.98 -21.00
CA ALA A 110 22.31 -54.28 -20.34
C ALA A 110 22.00 -54.14 -18.86
N ASP A 111 22.71 -53.24 -18.17
CA ASP A 111 22.53 -53.10 -16.72
C ASP A 111 21.10 -52.69 -16.37
N LEU A 112 20.53 -51.78 -17.15
CA LEU A 112 19.16 -51.35 -16.90
C LEU A 112 18.19 -52.49 -17.14
N PHE A 113 18.46 -53.31 -18.17
CA PHE A 113 17.59 -54.45 -18.43
C PHE A 113 17.61 -55.43 -17.26
N ASP A 114 18.79 -55.66 -16.68
CA ASP A 114 18.87 -56.56 -15.53
C ASP A 114 18.16 -55.97 -14.32
N CYS A 115 18.22 -54.65 -14.15
CA CYS A 115 17.50 -54.03 -13.04
C CYS A 115 16.00 -54.19 -13.21
N ILE A 116 15.52 -54.07 -14.45
CA ILE A 116 14.09 -54.26 -14.72
C ILE A 116 13.68 -55.68 -14.35
N ASN A 117 14.46 -56.66 -14.76
CA ASN A 117 14.11 -58.06 -14.50
C ASN A 117 14.07 -58.33 -13.01
N GLU A 118 15.05 -57.81 -12.26
CA GLU A 118 15.07 -57.99 -10.81
C GLU A 118 13.85 -57.33 -10.18
N PHE A 119 13.51 -56.12 -10.63
CA PHE A 119 12.40 -55.40 -10.04
C PHE A 119 11.08 -56.15 -10.25
N LEU A 120 10.82 -56.59 -11.48
CA LEU A 120 9.61 -57.38 -11.73
C LEU A 120 9.69 -58.76 -11.09
N LYS A 121 10.89 -59.28 -10.87
CA LYS A 121 10.99 -60.57 -10.23
C LYS A 121 10.62 -60.50 -8.75
N ILE A 122 10.76 -59.34 -8.12
CA ILE A 122 10.44 -59.21 -6.70
C ILE A 122 9.01 -58.72 -6.49
N HIS A 123 8.48 -57.94 -7.42
CA HIS A 123 7.15 -57.36 -7.28
C HIS A 123 6.16 -57.88 -8.30
N GLY A 124 6.55 -58.87 -9.10
CA GLY A 124 5.70 -59.33 -10.16
C GLY A 124 4.61 -60.25 -9.69
N LYS A 125 3.82 -60.72 -10.65
CA LYS A 125 2.75 -61.67 -10.35
C LYS A 125 3.33 -62.90 -9.67
N GLN A 126 4.24 -63.58 -10.36
CA GLN A 126 4.91 -64.77 -9.87
C GLN A 126 6.34 -64.43 -9.45
N PRO A 127 6.58 -64.06 -8.18
CA PRO A 127 7.92 -63.64 -7.79
C PRO A 127 8.92 -64.79 -7.85
N GLY A 128 10.14 -64.45 -8.28
CA GLY A 128 11.17 -65.46 -8.45
C GLY A 128 11.35 -65.86 -9.90
N GLU A 129 10.25 -65.95 -10.63
CA GLU A 129 10.30 -66.28 -12.04
C GLU A 129 10.67 -65.03 -12.86
N PRO A 130 11.20 -65.22 -14.07
CA PRO A 130 11.64 -64.07 -14.89
C PRO A 130 10.53 -63.06 -15.10
N PHE A 131 10.80 -61.82 -14.69
CA PHE A 131 9.88 -60.69 -14.82
C PHE A 131 8.58 -60.91 -14.05
N GLY A 132 8.61 -61.75 -13.01
CA GLY A 132 7.38 -62.08 -12.32
C GLY A 132 6.35 -62.75 -13.19
N GLY A 133 6.79 -63.45 -14.25
CA GLY A 133 5.90 -64.11 -15.16
C GLY A 133 5.19 -63.22 -16.16
N ILE A 134 5.49 -61.93 -16.17
CA ILE A 134 4.80 -61.00 -17.04
C ILE A 134 5.41 -61.07 -18.44
N GLN A 135 4.57 -61.24 -19.45
CA GLN A 135 5.02 -61.35 -20.83
C GLN A 135 5.69 -60.06 -21.28
N LEU A 136 6.94 -60.17 -21.73
CA LEU A 136 7.73 -59.02 -22.16
C LEU A 136 7.79 -58.93 -23.68
N ILE A 137 7.47 -57.75 -24.21
CA ILE A 137 7.48 -57.48 -25.65
C ILE A 137 8.51 -56.40 -25.93
N LEU A 138 9.55 -56.74 -26.71
CA LEU A 138 10.58 -55.80 -27.10
C LEU A 138 10.47 -55.44 -28.58
N ILE A 139 10.58 -54.15 -28.89
CA ILE A 139 10.46 -53.60 -30.24
C ILE A 139 11.58 -52.57 -30.45
N GLY A 140 12.40 -52.77 -31.48
CA GLY A 140 13.49 -51.83 -31.68
C GLY A 140 14.27 -52.10 -32.95
N ASP A 141 15.24 -51.23 -33.20
CA ASP A 141 16.09 -51.24 -34.40
C ASP A 141 17.48 -51.76 -34.04
N LEU A 142 17.67 -53.08 -34.12
CA LEU A 142 18.96 -53.70 -33.82
C LEU A 142 20.12 -53.01 -34.52
N TYR A 143 19.88 -52.45 -35.70
CA TYR A 143 20.93 -51.83 -36.51
C TYR A 143 21.23 -50.42 -35.99
N GLN A 144 21.58 -50.35 -34.71
CA GLN A 144 21.71 -49.08 -34.02
C GLN A 144 22.98 -49.04 -33.17
N LEU A 145 23.54 -47.84 -33.08
CA LEU A 145 24.69 -47.53 -32.24
C LEU A 145 24.45 -47.98 -30.80
N PRO A 146 25.32 -48.82 -30.24
CA PRO A 146 25.09 -49.36 -28.89
C PRO A 146 25.05 -48.24 -27.87
N PRO A 147 24.41 -48.47 -26.73
CA PRO A 147 24.30 -47.41 -25.71
C PRO A 147 25.66 -47.08 -25.12
N VAL A 148 26.00 -45.79 -25.16
CA VAL A 148 27.32 -45.34 -24.76
C VAL A 148 27.59 -45.71 -23.30
N VAL A 149 28.89 -45.87 -22.99
CA VAL A 149 29.36 -46.27 -21.67
C VAL A 149 30.57 -45.40 -21.34
N THR A 150 30.42 -44.50 -20.36
CA THR A 150 31.46 -43.51 -20.07
C THR A 150 32.77 -44.18 -19.69
N SER A 151 33.85 -43.41 -19.83
CA SER A 151 35.18 -43.96 -19.63
C SER A 151 35.38 -44.49 -18.22
N SER A 152 34.73 -43.87 -17.22
CA SER A 152 34.84 -44.33 -15.85
C SER A 152 34.23 -45.71 -15.70
N GLU A 153 32.98 -45.86 -16.13
CA GLU A 153 32.29 -47.15 -16.08
C GLU A 153 33.01 -48.24 -16.85
N LYS A 154 33.81 -47.85 -17.86
CA LYS A 154 34.29 -48.79 -18.86
C LYS A 154 35.01 -49.99 -18.25
N LYS A 155 35.91 -49.73 -17.30
CA LYS A 155 36.77 -50.79 -16.77
C LYS A 155 35.97 -51.97 -16.25
N PHE A 156 35.03 -51.73 -15.33
CA PHE A 156 34.29 -52.82 -14.74
C PHE A 156 33.02 -53.19 -15.51
N PHE A 157 32.48 -52.28 -16.29
CA PHE A 157 31.37 -52.65 -17.17
C PHE A 157 31.81 -53.68 -18.19
N SER A 158 33.03 -53.54 -18.72
CA SER A 158 33.55 -54.52 -19.67
C SER A 158 33.64 -55.89 -19.02
N GLN A 159 33.80 -55.94 -17.70
CA GLN A 159 33.95 -57.21 -16.99
C GLN A 159 32.63 -57.81 -16.56
N ILE A 160 31.57 -57.02 -16.46
CA ILE A 160 30.28 -57.58 -16.12
C ILE A 160 29.49 -57.96 -17.36
N TYR A 161 29.45 -57.06 -18.34
CA TYR A 161 28.70 -57.26 -19.57
C TYR A 161 29.65 -57.33 -20.76
N LYS A 162 29.39 -58.28 -21.66
CA LYS A 162 30.22 -58.41 -22.84
C LYS A 162 30.08 -57.22 -23.78
N SER A 163 28.90 -56.62 -23.84
CA SER A 163 28.65 -55.44 -24.66
C SER A 163 27.56 -54.63 -24.00
N PRO A 164 27.54 -53.31 -24.21
CA PRO A 164 26.42 -52.52 -23.67
C PRO A 164 25.09 -52.78 -24.35
N PHE A 165 25.03 -53.68 -25.32
CA PHE A 165 23.74 -54.05 -25.91
C PHE A 165 22.87 -54.76 -24.88
N PHE A 166 21.55 -54.59 -25.03
CA PHE A 166 20.63 -55.24 -24.12
C PHE A 166 20.72 -56.76 -24.21
N PHE A 167 21.01 -57.29 -25.40
CA PHE A 167 21.01 -58.74 -25.61
C PHE A 167 22.23 -59.43 -25.00
N ASP A 168 23.20 -58.66 -24.49
CA ASP A 168 24.33 -59.22 -23.75
C ASP A 168 24.13 -59.11 -22.25
N SER A 169 22.88 -58.92 -21.81
CA SER A 169 22.51 -58.94 -20.40
C SER A 169 22.11 -60.34 -19.98
N ILE A 170 22.45 -60.68 -18.72
CA ILE A 170 22.26 -62.03 -18.23
C ILE A 170 20.78 -62.40 -18.17
N SER A 171 19.91 -61.43 -17.98
CA SER A 171 18.48 -61.71 -17.89
C SER A 171 17.90 -62.06 -19.25
N PHE A 172 18.51 -61.56 -20.33
CA PHE A 172 17.97 -61.84 -21.65
C PHE A 172 18.28 -63.26 -22.09
N ASN A 173 19.36 -63.84 -21.58
CA ASN A 173 19.73 -65.19 -21.99
C ASN A 173 18.90 -66.23 -21.25
N GLU A 174 18.69 -66.02 -19.95
CA GLU A 174 17.95 -66.97 -19.14
C GLU A 174 16.48 -67.00 -19.47
N ALA A 175 16.00 -66.06 -20.29
CA ALA A 175 14.62 -66.03 -20.74
C ALA A 175 14.60 -66.21 -22.25
N GLU A 176 13.61 -66.96 -22.74
CA GLU A 176 13.51 -67.26 -24.15
C GLU A 176 12.58 -66.28 -24.83
N PHE A 177 13.07 -65.65 -25.90
CA PHE A 177 12.32 -64.65 -26.65
C PHE A 177 12.10 -65.17 -28.06
N GLU A 178 10.84 -65.22 -28.49
CA GLU A 178 10.57 -65.54 -29.88
C GLU A 178 11.00 -64.38 -30.75
N PHE A 179 11.68 -64.69 -31.84
CA PHE A 179 12.31 -63.68 -32.68
C PHE A 179 11.48 -63.45 -33.92
N VAL A 180 11.18 -62.19 -34.20
CA VAL A 180 10.46 -61.79 -35.39
C VAL A 180 11.14 -60.57 -35.97
N GLU A 181 11.49 -60.63 -37.25
CA GLU A 181 12.16 -59.52 -37.90
C GLU A 181 11.26 -59.00 -39.01
N LEU A 182 10.86 -57.74 -38.90
CA LEU A 182 10.07 -57.10 -39.93
C LEU A 182 10.95 -56.76 -41.12
N GLU A 183 10.61 -57.34 -42.29
CA GLU A 183 11.41 -57.14 -43.49
C GLU A 183 10.77 -56.25 -44.53
N LYS A 184 9.46 -56.00 -44.44
CA LYS A 184 8.76 -55.26 -45.47
C LYS A 184 8.91 -53.76 -45.25
N VAL A 185 9.32 -53.05 -46.29
CA VAL A 185 9.47 -51.60 -46.28
C VAL A 185 8.23 -50.98 -46.90
N TYR A 186 7.32 -50.49 -46.06
CA TYR A 186 6.09 -49.90 -46.56
C TYR A 186 6.29 -48.45 -46.96
N ARG A 187 5.46 -48.00 -47.90
CA ARG A 187 5.54 -46.66 -48.50
C ARG A 187 7.00 -46.27 -48.77
N GLN A 188 7.67 -47.13 -49.51
CA GLN A 188 9.12 -47.00 -49.71
C GLN A 188 9.44 -47.26 -51.17
N LYS A 189 9.81 -46.20 -51.90
CA LYS A 189 10.35 -46.32 -53.25
C LYS A 189 11.87 -46.42 -53.24
N ASP A 190 12.44 -46.86 -52.12
CA ASP A 190 13.89 -46.95 -51.94
C ASP A 190 14.46 -48.24 -52.54
N GLU A 191 14.19 -48.45 -53.82
CA GLU A 191 14.55 -49.73 -54.42
C GLU A 191 16.05 -49.79 -54.70
N LYS A 192 16.63 -50.93 -54.38
CA LYS A 192 18.04 -51.29 -54.47
C LYS A 192 18.86 -50.64 -53.37
N PHE A 193 18.25 -49.80 -52.54
CA PHE A 193 18.98 -49.22 -51.42
C PHE A 193 19.01 -50.18 -50.25
N ILE A 194 17.85 -50.78 -49.94
CA ILE A 194 17.80 -51.75 -48.87
C ILE A 194 18.54 -53.01 -49.26
N LYS A 195 18.52 -53.35 -50.55
CA LYS A 195 19.31 -54.48 -51.01
C LYS A 195 20.79 -54.19 -50.85
N LEU A 196 21.20 -52.95 -51.09
CA LEU A 196 22.58 -52.57 -50.86
C LEU A 196 22.93 -52.61 -49.38
N LEU A 197 22.02 -52.12 -48.54
CA LEU A 197 22.28 -52.11 -47.10
C LEU A 197 22.35 -53.53 -46.56
N ASN A 198 21.45 -54.40 -46.98
CA ASN A 198 21.52 -55.79 -46.58
C ASN A 198 22.78 -56.46 -47.11
N ALA A 199 23.26 -56.03 -48.28
CA ALA A 199 24.52 -56.55 -48.79
C ALA A 199 25.69 -56.08 -47.93
N ILE A 200 25.66 -54.85 -47.45
CA ILE A 200 26.69 -54.37 -46.54
C ILE A 200 26.63 -55.12 -45.21
N ARG A 201 25.43 -55.54 -44.81
CA ARG A 201 25.30 -56.31 -43.57
C ARG A 201 26.09 -57.61 -43.66
N ASN A 202 25.95 -58.33 -44.76
CA ASN A 202 26.65 -59.58 -45.00
C ASN A 202 28.00 -59.29 -45.67
N LYS A 203 28.67 -60.36 -46.10
CA LYS A 203 29.96 -60.27 -46.76
C LYS A 203 29.83 -60.19 -48.28
N THR A 204 28.69 -59.71 -48.77
CA THR A 204 28.26 -59.77 -50.17
C THR A 204 28.42 -58.41 -50.85
N ILE A 205 29.47 -57.67 -50.48
CA ILE A 205 29.58 -56.26 -50.83
C ILE A 205 29.66 -56.06 -52.34
N GLU A 206 30.24 -57.02 -53.08
CA GLU A 206 30.23 -56.94 -54.53
C GLU A 206 30.88 -55.64 -55.03
N GLU A 207 32.17 -55.48 -54.70
CA GLU A 207 32.83 -54.18 -54.64
C GLU A 207 32.68 -53.38 -55.92
N LYS A 208 32.31 -54.01 -57.03
CA LYS A 208 31.79 -53.25 -58.15
C LYS A 208 30.62 -52.37 -57.71
N ASP A 209 29.74 -52.92 -56.85
CA ASP A 209 28.66 -52.13 -56.24
C ASP A 209 29.17 -51.27 -55.09
N LEU A 210 30.30 -51.63 -54.48
CA LEU A 210 30.97 -50.74 -53.54
C LEU A 210 31.51 -49.51 -54.27
N GLU A 211 32.08 -49.71 -55.46
CA GLU A 211 32.53 -48.56 -56.22
C GLU A 211 31.38 -47.88 -56.96
N GLU A 212 30.29 -48.58 -57.29
CA GLU A 212 29.02 -47.91 -57.56
C GLU A 212 28.61 -46.96 -56.43
N LEU A 213 29.15 -47.18 -55.23
CA LEU A 213 29.06 -46.20 -54.15
C LEU A 213 30.08 -45.09 -54.37
N ASN A 214 31.28 -45.44 -54.85
CA ASN A 214 32.40 -44.52 -54.92
C ASN A 214 32.11 -43.38 -55.89
N LYS A 215 30.97 -43.44 -56.57
CA LYS A 215 30.59 -42.39 -57.50
C LYS A 215 30.06 -41.13 -56.81
N ARG A 216 29.59 -41.22 -55.56
CA ARG A 216 28.95 -40.07 -54.94
C ARG A 216 29.79 -39.40 -53.88
N TYR A 217 31.12 -39.47 -53.98
CA TYR A 217 32.00 -38.64 -53.16
C TYR A 217 32.42 -37.40 -53.91
N ILE A 218 31.47 -36.52 -54.21
CA ILE A 218 31.71 -35.38 -55.08
C ILE A 218 32.68 -34.37 -54.47
N PRO A 219 32.72 -34.13 -53.11
CA PRO A 219 33.09 -32.80 -52.63
C PRO A 219 32.66 -31.69 -53.53
N ASP A 220 33.70 -30.93 -53.84
CA ASP A 220 33.56 -29.53 -54.13
C ASP A 220 32.55 -29.02 -53.13
N PHE A 221 32.77 -29.40 -51.87
CA PHE A 221 31.83 -29.06 -50.80
C PHE A 221 30.39 -29.40 -51.16
N GLU A 222 29.85 -28.66 -52.13
CA GLU A 222 28.87 -27.59 -51.93
C GLU A 222 27.46 -28.11 -51.90
N PRO A 223 26.48 -27.25 -51.53
CA PRO A 223 25.10 -27.63 -51.79
C PRO A 223 24.25 -26.74 -52.68
N ASP A 224 23.30 -26.05 -52.04
CA ASP A 224 22.32 -25.17 -52.67
C ASP A 224 21.54 -24.48 -51.56
N GLU A 225 20.98 -23.31 -51.85
CA GLU A 225 20.01 -22.74 -50.92
C GLU A 225 18.65 -23.42 -51.01
N LYS A 226 18.55 -24.52 -51.75
CA LYS A 226 17.27 -25.13 -52.10
C LYS A 226 17.19 -26.63 -51.85
N GLU A 227 18.30 -27.34 -51.75
CA GLU A 227 18.32 -28.80 -51.83
C GLU A 227 18.22 -29.49 -50.47
N PHE A 228 17.98 -28.73 -49.39
CA PHE A 228 17.57 -29.28 -48.09
C PHE A 228 18.48 -30.39 -47.56
N TYR A 229 19.75 -30.39 -47.93
CA TYR A 229 20.68 -31.36 -47.37
C TYR A 229 20.81 -31.20 -45.85
N ILE A 230 20.78 -32.33 -45.14
CA ILE A 230 21.04 -32.33 -43.70
C ILE A 230 22.38 -33.02 -43.42
N TYR A 231 23.22 -32.36 -42.63
CA TYR A 231 24.46 -32.93 -42.11
C TYR A 231 24.21 -33.90 -40.96
N LEU A 232 24.72 -35.11 -41.08
CA LEU A 232 24.66 -36.10 -40.01
C LEU A 232 26.01 -36.15 -39.31
N THR A 233 26.05 -35.68 -38.06
CA THR A 233 27.29 -35.61 -37.29
C THR A 233 27.31 -36.68 -36.19
N THR A 234 28.52 -36.97 -35.70
CA THR A 234 28.69 -37.93 -34.62
C THR A 234 28.42 -37.35 -33.23
N THR A 235 28.48 -36.02 -33.09
CA THR A 235 28.37 -35.37 -31.80
C THR A 235 27.43 -34.19 -31.92
N ASN A 236 26.82 -33.81 -30.79
CA ASN A 236 26.00 -32.61 -30.81
C ASN A 236 26.82 -31.41 -31.27
N GLU A 237 28.03 -31.29 -30.73
CA GLU A 237 28.83 -30.08 -30.91
C GLU A 237 28.98 -29.69 -32.38
N LEU A 238 29.17 -30.66 -33.27
CA LEU A 238 29.35 -30.25 -34.65
C LEU A 238 28.04 -29.86 -35.31
N ALA A 239 27.01 -30.70 -35.18
CA ALA A 239 25.67 -30.31 -35.59
C ALA A 239 25.26 -28.96 -35.03
N ASP A 240 25.70 -28.65 -33.80
CA ASP A 240 25.35 -27.37 -33.18
C ASP A 240 26.06 -26.20 -33.84
N LYS A 241 27.26 -26.43 -34.38
CA LYS A 241 27.97 -25.38 -35.10
C LYS A 241 27.36 -25.12 -36.47
N ILE A 242 27.02 -26.18 -37.20
CA ILE A 242 26.46 -26.00 -38.53
C ILE A 242 25.10 -25.30 -38.46
N ASN A 243 24.32 -25.59 -37.42
CA ASN A 243 23.05 -24.90 -37.25
C ASN A 243 23.27 -23.42 -36.98
N GLN A 244 24.27 -23.08 -36.16
CA GLN A 244 24.49 -21.67 -35.83
C GLN A 244 25.14 -20.93 -36.98
N GLN A 245 26.12 -21.53 -37.62
CA GLN A 245 26.80 -20.86 -38.71
C GLN A 245 25.86 -20.63 -39.88
N LYS A 246 25.00 -21.59 -40.17
CA LYS A 246 23.97 -21.37 -41.17
C LYS A 246 22.96 -20.34 -40.68
N LEU A 247 22.67 -20.32 -39.38
CA LEU A 247 21.76 -19.31 -38.86
C LEU A 247 22.38 -17.91 -38.96
N GLU A 248 23.68 -17.81 -38.71
CA GLU A 248 24.39 -16.60 -39.03
C GLU A 248 24.66 -16.56 -40.52
N LYS A 249 25.30 -15.49 -40.98
CA LYS A 249 25.45 -15.24 -42.41
C LYS A 249 24.11 -15.34 -43.12
N LEU A 250 23.03 -14.95 -42.42
CA LEU A 250 21.68 -15.00 -42.94
C LEU A 250 20.94 -13.79 -42.43
N LYS A 251 20.40 -12.99 -43.33
CA LYS A 251 19.78 -11.73 -42.97
C LYS A 251 18.34 -11.96 -42.52
N GLY A 252 17.61 -10.87 -42.36
CA GLY A 252 16.26 -10.89 -41.84
C GLY A 252 16.26 -10.91 -40.33
N LYS A 253 15.06 -10.83 -39.76
CA LYS A 253 14.90 -10.76 -38.32
C LYS A 253 14.75 -12.15 -37.73
N LYS A 254 15.30 -12.33 -36.53
CA LYS A 254 15.16 -13.57 -35.81
C LYS A 254 13.97 -13.51 -34.88
N TYR A 255 13.29 -14.65 -34.73
CA TYR A 255 12.14 -14.79 -33.86
C TYR A 255 12.41 -15.90 -32.86
N VAL A 256 12.24 -15.59 -31.57
CA VAL A 256 12.56 -16.51 -30.49
C VAL A 256 11.29 -16.86 -29.73
N TYR A 257 11.04 -18.15 -29.58
CA TYR A 257 9.87 -18.69 -28.93
C TYR A 257 10.28 -19.60 -27.78
N GLN A 258 9.72 -19.37 -26.59
CA GLN A 258 10.06 -20.14 -25.41
C GLN A 258 8.99 -21.18 -25.14
N GLY A 259 9.43 -22.43 -24.95
CA GLY A 259 8.51 -23.48 -24.57
C GLY A 259 8.00 -23.30 -23.16
N TYR A 260 6.76 -23.71 -22.95
CA TYR A 260 6.09 -23.55 -21.66
C TYR A 260 5.83 -24.92 -21.05
N ILE A 261 6.27 -25.11 -19.82
CA ILE A 261 6.05 -26.37 -19.09
C ILE A 261 4.93 -26.16 -18.07
N GLU A 262 3.91 -27.00 -18.15
CA GLU A 262 2.84 -27.01 -17.17
C GLU A 262 2.86 -28.33 -16.41
N GLY A 263 2.59 -28.28 -15.11
CA GLY A 263 2.68 -29.49 -14.33
C GLY A 263 4.12 -29.84 -14.04
N ASP A 264 4.60 -30.92 -14.65
CA ASP A 264 5.96 -31.37 -14.40
C ASP A 264 6.51 -32.00 -15.67
N PHE A 265 7.75 -31.64 -16.00
CA PHE A 265 8.43 -32.02 -17.23
C PHE A 265 9.91 -31.73 -17.04
N SER A 266 10.75 -32.61 -17.56
CA SER A 266 12.19 -32.41 -17.45
C SER A 266 12.72 -31.70 -18.69
N GLU A 267 13.77 -30.91 -18.48
CA GLU A 267 14.48 -30.23 -19.57
C GLU A 267 15.97 -30.51 -19.37
N LYS A 268 16.52 -31.41 -20.17
CA LYS A 268 15.87 -32.22 -21.20
C LYS A 268 15.18 -33.40 -20.51
N ASP A 269 14.36 -34.18 -21.22
CA ASP A 269 14.14 -34.32 -22.65
C ASP A 269 12.89 -33.59 -23.15
N LEU A 270 13.09 -32.73 -24.14
CA LEU A 270 12.03 -32.01 -24.81
C LEU A 270 12.02 -32.37 -26.29
N PRO A 271 10.85 -32.63 -26.87
CA PRO A 271 10.83 -32.96 -28.31
C PRO A 271 11.30 -31.80 -29.18
N ALA A 272 10.77 -30.63 -28.98
CA ALA A 272 11.21 -29.41 -29.61
C ALA A 272 12.14 -28.65 -28.68
N PRO A 273 13.14 -27.97 -29.23
CA PRO A 273 14.07 -27.20 -28.39
C PRO A 273 13.32 -26.14 -27.60
N LEU A 274 13.85 -25.81 -26.42
CA LEU A 274 13.16 -24.87 -25.55
C LEU A 274 13.15 -23.47 -26.13
N GLU A 275 14.24 -23.08 -26.79
CA GLU A 275 14.36 -21.76 -27.43
C GLU A 275 14.42 -21.96 -28.93
N LEU A 276 13.31 -21.64 -29.61
CA LEU A 276 13.21 -21.76 -31.06
C LEU A 276 13.67 -20.45 -31.69
N VAL A 277 14.84 -20.48 -32.33
CA VAL A 277 15.46 -19.30 -32.91
C VAL A 277 15.36 -19.43 -34.43
N ILE A 278 14.46 -18.66 -35.03
CA ILE A 278 14.16 -18.79 -36.45
C ILE A 278 14.34 -17.45 -37.15
N LYS A 279 15.21 -17.43 -38.16
CA LYS A 279 15.30 -16.34 -39.13
C LYS A 279 14.50 -16.72 -40.37
N LYS A 280 14.16 -15.70 -41.15
CA LYS A 280 13.49 -15.95 -42.41
C LYS A 280 14.44 -16.68 -43.35
N GLY A 281 13.98 -17.78 -43.92
CA GLY A 281 14.83 -18.59 -44.76
C GLY A 281 15.57 -19.68 -44.04
N THR A 282 15.01 -20.21 -42.95
CA THR A 282 15.69 -21.16 -42.09
C THR A 282 15.21 -22.58 -42.38
N GLN A 283 16.17 -23.48 -42.64
CA GLN A 283 15.86 -24.89 -42.85
C GLN A 283 15.50 -25.54 -41.52
N VAL A 284 14.29 -26.09 -41.43
CA VAL A 284 13.80 -26.66 -40.19
C VAL A 284 13.24 -28.06 -40.40
N MET A 285 13.12 -28.78 -39.30
CA MET A 285 12.61 -30.15 -39.25
C MET A 285 11.41 -30.21 -38.30
N LEU A 286 10.35 -30.88 -38.76
CA LEU A 286 9.12 -31.00 -37.99
C LEU A 286 9.17 -32.26 -37.14
N LEU A 287 8.93 -32.11 -35.84
CA LEU A 287 9.24 -33.15 -34.88
C LEU A 287 8.01 -33.91 -34.38
N ASN A 288 6.91 -33.87 -35.13
CA ASN A 288 5.76 -34.70 -34.82
C ASN A 288 4.97 -34.98 -36.09
N ASN A 289 4.12 -36.00 -36.02
CA ASN A 289 3.23 -36.36 -37.12
C ASN A 289 1.97 -35.50 -37.03
N ASP A 290 1.67 -34.77 -38.11
CA ASP A 290 0.51 -33.89 -38.11
C ASP A 290 -0.79 -34.70 -38.15
N TYR A 291 -1.70 -34.37 -37.22
CA TYR A 291 -3.03 -34.97 -37.24
C TYR A 291 -3.73 -34.70 -38.56
N GLN A 292 -3.66 -33.46 -39.05
CA GLN A 292 -4.33 -33.06 -40.27
C GLN A 292 -3.73 -33.72 -41.51
N GLY A 293 -2.59 -34.39 -41.39
CA GLY A 293 -1.99 -35.10 -42.51
C GLY A 293 -1.36 -34.17 -43.53
N ARG A 294 -0.43 -33.36 -43.07
CA ARG A 294 0.31 -32.43 -43.91
C ARG A 294 1.80 -32.66 -43.87
N TRP A 295 2.35 -33.02 -42.71
CA TRP A 295 3.77 -33.31 -42.56
C TRP A 295 3.95 -34.35 -41.47
N ILE A 296 5.10 -35.02 -41.52
CA ILE A 296 5.39 -36.12 -40.61
C ILE A 296 6.54 -35.69 -39.70
N ASN A 297 6.82 -36.54 -38.72
CA ASN A 297 7.99 -36.35 -37.86
C ASN A 297 9.24 -36.55 -38.72
N GLY A 298 10.00 -35.47 -38.91
CA GLY A 298 11.17 -35.50 -39.75
C GLY A 298 10.99 -34.84 -41.09
N SER A 299 9.80 -34.39 -41.44
CA SER A 299 9.57 -33.71 -42.70
C SER A 299 10.26 -32.35 -42.67
N MET A 300 11.31 -32.20 -43.47
CA MET A 300 12.08 -30.97 -43.51
C MET A 300 11.35 -29.88 -44.30
N GLY A 301 11.65 -28.63 -43.95
CA GLY A 301 11.11 -27.49 -44.65
C GLY A 301 12.01 -26.28 -44.50
N ARG A 302 11.54 -25.16 -45.02
CA ARG A 302 12.28 -23.90 -44.99
C ARG A 302 11.35 -22.81 -44.48
N VAL A 303 11.74 -22.16 -43.38
CA VAL A 303 10.91 -21.13 -42.77
C VAL A 303 10.65 -20.01 -43.76
N VAL A 304 9.37 -19.68 -43.95
CA VAL A 304 8.95 -18.59 -44.84
C VAL A 304 8.12 -17.58 -44.06
N ASP A 305 7.73 -16.50 -44.74
CA ASP A 305 7.10 -15.32 -44.13
C ASP A 305 6.04 -15.69 -43.10
N ILE A 306 6.20 -15.15 -41.90
CA ILE A 306 5.25 -15.31 -40.80
C ILE A 306 4.22 -14.19 -40.88
N GLU A 307 2.95 -14.57 -40.97
CA GLU A 307 1.91 -13.58 -40.77
C GLU A 307 1.55 -13.65 -39.29
N LYS A 308 1.08 -12.54 -38.72
CA LYS A 308 1.84 -12.19 -37.54
C LYS A 308 1.24 -12.62 -36.22
N VAL A 309 0.00 -12.24 -35.86
CA VAL A 309 -1.06 -13.18 -35.50
C VAL A 309 -2.38 -12.41 -35.55
N LYS A 310 -3.49 -13.09 -35.79
CA LYS A 310 -4.72 -12.57 -35.22
C LYS A 310 -4.82 -12.99 -33.74
N GLY A 311 -5.96 -12.77 -33.07
CA GLY A 311 -5.90 -12.78 -31.61
C GLY A 311 -5.59 -14.12 -30.93
N ASN A 312 -5.27 -15.17 -31.69
CA ASN A 312 -4.73 -16.44 -31.19
C ASN A 312 -3.20 -16.40 -31.23
N GLU A 313 -2.54 -17.53 -30.95
CA GLU A 313 -1.08 -17.58 -31.00
C GLU A 313 -0.58 -17.56 -32.44
N ASP A 314 0.65 -17.05 -32.64
CA ASP A 314 1.22 -16.78 -33.95
C ASP A 314 1.66 -18.07 -34.64
N ILE A 315 1.79 -18.00 -35.98
CA ILE A 315 2.12 -19.17 -36.76
C ILE A 315 3.41 -18.96 -37.54
N ILE A 316 4.05 -20.08 -37.88
CA ILE A 316 5.28 -20.14 -38.65
C ILE A 316 4.99 -20.89 -39.95
N TRP A 317 4.74 -20.17 -41.04
CA TRP A 317 4.65 -20.87 -42.32
C TRP A 317 5.97 -21.54 -42.68
N VAL A 318 5.90 -22.70 -43.32
CA VAL A 318 7.08 -23.49 -43.68
C VAL A 318 6.91 -24.03 -45.09
N GLU A 319 7.99 -24.02 -45.86
CA GLU A 319 7.97 -24.49 -47.25
C GLU A 319 8.52 -25.91 -47.27
N LEU A 320 7.63 -26.89 -47.39
CA LEU A 320 8.02 -28.29 -47.28
C LEU A 320 8.79 -28.76 -48.51
N GLU A 321 9.28 -30.01 -48.44
CA GLU A 321 9.99 -30.60 -49.57
C GLU A 321 9.12 -30.65 -50.82
N ASP A 322 7.87 -31.08 -50.67
CA ASP A 322 6.91 -31.08 -51.77
C ASP A 322 5.98 -29.90 -51.54
N GLY A 323 6.36 -28.74 -52.04
CA GLY A 323 5.59 -27.55 -51.81
C GLY A 323 6.20 -26.76 -50.68
N GLU A 324 5.50 -26.62 -49.57
CA GLU A 324 4.06 -26.88 -49.45
C GLU A 324 3.37 -25.72 -48.71
N GLU A 325 4.17 -24.86 -48.08
CA GLU A 325 3.69 -23.63 -47.42
C GLU A 325 2.61 -23.95 -46.36
N VAL A 326 3.02 -24.72 -45.37
CA VAL A 326 2.12 -25.21 -44.33
C VAL A 326 2.27 -24.33 -43.09
N PRO A 327 1.16 -23.87 -42.47
CA PRO A 327 1.23 -23.10 -41.22
C PRO A 327 1.44 -23.99 -40.02
N VAL A 328 2.61 -23.89 -39.39
CA VAL A 328 2.90 -24.64 -38.18
C VAL A 328 2.59 -23.80 -36.97
N GLN A 329 1.81 -24.35 -36.03
CA GLN A 329 1.46 -23.72 -34.77
C GLN A 329 1.98 -24.58 -33.62
N PRO A 330 2.05 -24.03 -32.41
CA PRO A 330 2.58 -24.83 -31.27
C PRO A 330 1.75 -26.09 -31.04
N TYR A 331 2.45 -27.16 -30.68
CA TYR A 331 1.85 -28.46 -30.42
C TYR A 331 1.99 -28.81 -28.95
N GLU A 332 1.00 -29.54 -28.43
CA GLU A 332 0.97 -29.90 -27.02
C GLU A 332 1.47 -31.34 -26.85
N TRP A 333 2.53 -31.50 -26.07
CA TRP A 333 3.03 -32.81 -25.67
C TRP A 333 2.61 -33.11 -24.24
N ASP A 334 2.29 -34.38 -23.98
CA ASP A 334 1.81 -34.81 -22.67
C ASP A 334 2.67 -35.95 -22.15
N MET A 335 2.87 -35.96 -20.82
CA MET A 335 3.67 -36.98 -20.15
C MET A 335 2.73 -37.85 -19.32
N PHE A 336 2.53 -39.08 -19.78
CA PHE A 336 1.56 -40.00 -19.18
C PHE A 336 2.17 -40.75 -18.00
N GLU A 337 1.31 -41.50 -17.31
CA GLU A 337 1.75 -42.45 -16.30
C GLU A 337 0.63 -43.48 -16.09
N PHE A 338 0.98 -44.76 -16.19
CA PHE A 338 0.00 -45.83 -16.10
C PHE A 338 -0.29 -46.16 -14.64
N TYR A 339 -1.54 -46.55 -14.38
CA TYR A 339 -1.97 -46.97 -13.06
C TYR A 339 -3.17 -47.90 -13.21
N TYR A 340 -3.38 -48.73 -12.19
CA TYR A 340 -4.52 -49.62 -12.17
C TYR A 340 -5.70 -48.91 -11.53
N ASP A 341 -6.85 -49.04 -12.15
CA ASP A 341 -8.08 -48.44 -11.63
C ASP A 341 -8.78 -49.50 -10.81
N LYS A 342 -8.79 -49.32 -9.49
CA LYS A 342 -9.34 -50.36 -8.61
C LYS A 342 -10.80 -50.63 -8.91
N ALA A 343 -11.52 -49.61 -9.43
CA ALA A 343 -12.94 -49.76 -9.68
C ALA A 343 -13.22 -50.90 -10.64
N GLN A 344 -12.60 -50.89 -11.82
CA GLN A 344 -12.84 -51.93 -12.82
C GLN A 344 -11.54 -52.67 -13.13
N LYS A 345 -11.65 -53.63 -14.05
CA LYS A 345 -10.51 -54.44 -14.47
C LYS A 345 -9.74 -53.76 -15.61
N LYS A 346 -9.18 -52.58 -15.32
CA LYS A 346 -8.52 -51.82 -16.37
C LYS A 346 -7.37 -51.01 -15.80
N ILE A 347 -6.37 -50.78 -16.66
CA ILE A 347 -5.19 -50.00 -16.33
C ILE A 347 -5.28 -48.69 -17.11
N LYS A 348 -5.56 -47.59 -16.41
CA LYS A 348 -5.69 -46.29 -17.04
C LYS A 348 -4.37 -45.52 -16.97
N SER A 349 -4.27 -44.50 -17.81
CA SER A 349 -3.05 -43.70 -17.93
C SER A 349 -3.40 -42.23 -17.75
N ARG A 350 -3.06 -41.66 -16.60
CA ARG A 350 -3.29 -40.25 -16.36
C ARG A 350 -2.08 -39.42 -16.81
N THR A 351 -2.35 -38.14 -17.08
CA THR A 351 -1.36 -37.19 -17.59
C THR A 351 -0.89 -36.27 -16.47
N VAL A 352 0.39 -36.35 -16.15
CA VAL A 352 0.96 -35.59 -15.03
C VAL A 352 1.65 -34.31 -15.48
N GLY A 353 1.79 -34.09 -16.79
CA GLY A 353 2.56 -32.97 -17.30
C GLY A 353 2.08 -32.52 -18.66
N SER A 354 2.39 -31.26 -18.99
CA SER A 354 2.12 -30.72 -20.31
C SER A 354 3.28 -29.82 -20.73
N TYR A 355 3.54 -29.81 -22.04
CA TYR A 355 4.62 -29.03 -22.64
C TYR A 355 4.14 -28.47 -23.97
N TYR A 356 4.30 -27.17 -24.16
CA TYR A 356 3.80 -26.47 -25.35
C TYR A 356 4.95 -25.77 -26.04
N GLN A 357 5.15 -26.09 -27.33
CA GLN A 357 6.18 -25.46 -28.14
C GLN A 357 5.94 -25.80 -29.61
N TYR A 358 6.34 -24.90 -30.49
CA TYR A 358 6.32 -25.13 -31.92
C TYR A 358 7.10 -26.41 -32.27
N PRO A 359 6.46 -27.38 -32.93
CA PRO A 359 7.13 -28.66 -33.21
C PRO A 359 8.18 -28.58 -34.32
N LEU A 360 9.29 -27.90 -34.06
CA LEU A 360 10.30 -27.70 -35.08
C LEU A 360 11.65 -27.48 -34.43
N LYS A 361 12.71 -27.72 -35.22
CA LYS A 361 14.08 -27.51 -34.77
C LYS A 361 14.95 -27.21 -35.99
N PRO A 362 16.00 -26.42 -35.83
CA PRO A 362 16.90 -26.12 -36.96
C PRO A 362 17.43 -27.40 -37.59
N ALA A 363 17.34 -27.48 -38.91
CA ALA A 363 17.59 -28.71 -39.65
C ALA A 363 18.58 -28.46 -40.78
N TRP A 364 19.66 -27.74 -40.48
CA TRP A 364 20.79 -27.72 -41.39
C TRP A 364 21.71 -28.89 -41.11
N ALA A 365 21.70 -29.39 -39.87
CA ALA A 365 22.52 -30.51 -39.47
C ALA A 365 21.88 -31.17 -38.26
N ILE A 366 22.07 -32.49 -38.14
CA ILE A 366 21.59 -33.26 -37.01
C ILE A 366 22.62 -34.33 -36.67
N THR A 367 22.49 -34.88 -35.48
CA THR A 367 23.36 -35.96 -35.05
C THR A 367 22.70 -37.30 -35.36
N ILE A 368 23.54 -38.32 -35.54
CA ILE A 368 23.01 -39.65 -35.81
C ILE A 368 22.08 -40.10 -34.70
N HIS A 369 22.49 -39.87 -33.44
CA HIS A 369 21.69 -40.34 -32.31
C HIS A 369 20.35 -39.62 -32.26
N LYS A 370 20.33 -38.33 -32.59
CA LYS A 370 19.07 -37.60 -32.59
C LYS A 370 18.17 -38.08 -33.71
N SER A 371 18.73 -38.57 -34.81
CA SER A 371 17.99 -38.98 -35.99
C SER A 371 17.72 -40.48 -36.02
N GLN A 372 17.62 -41.11 -34.86
CA GLN A 372 17.36 -42.54 -34.79
C GLN A 372 15.95 -42.83 -35.29
N GLY A 373 15.85 -43.68 -36.31
CA GLY A 373 14.57 -44.03 -36.89
C GLY A 373 14.01 -42.99 -37.83
N LEU A 374 14.85 -42.44 -38.71
CA LEU A 374 14.42 -41.43 -39.68
C LEU A 374 15.21 -41.62 -40.96
N THR A 375 14.57 -41.30 -42.08
CA THR A 375 15.19 -41.39 -43.39
C THR A 375 15.00 -40.07 -44.12
N PHE A 376 16.10 -39.53 -44.65
CA PHE A 376 16.12 -38.24 -45.30
C PHE A 376 16.51 -38.43 -46.76
N ASP A 377 15.84 -37.69 -47.64
CA ASP A 377 16.07 -37.90 -49.07
C ASP A 377 17.45 -37.44 -49.50
N LYS A 378 17.90 -36.30 -48.98
CA LYS A 378 19.20 -35.73 -49.32
C LYS A 378 19.99 -35.51 -48.04
N VAL A 379 21.09 -36.27 -47.88
CA VAL A 379 21.90 -36.22 -46.68
C VAL A 379 23.34 -35.92 -47.05
N ILE A 380 24.10 -35.51 -46.04
CA ILE A 380 25.53 -35.23 -46.18
C ILE A 380 26.22 -35.91 -45.01
N ILE A 381 26.98 -36.95 -45.30
CA ILE A 381 27.72 -37.69 -44.27
C ILE A 381 29.03 -36.94 -44.06
N ASP A 382 29.05 -36.07 -43.07
CA ASP A 382 30.13 -35.11 -42.86
C ASP A 382 31.32 -35.77 -42.16
N ILE A 383 32.32 -34.94 -41.84
CA ILE A 383 33.53 -35.38 -41.16
C ILE A 383 33.20 -35.85 -39.75
N GLY A 384 34.14 -36.59 -39.16
CA GLY A 384 33.94 -37.27 -37.88
C GLY A 384 33.25 -36.50 -36.76
N ARG A 385 33.81 -35.38 -36.30
CA ARG A 385 35.11 -34.85 -36.69
C ARG A 385 36.24 -35.21 -35.70
N GLY A 386 35.96 -36.05 -34.71
CA GLY A 386 37.06 -36.52 -33.87
C GLY A 386 37.30 -38.01 -33.82
N THR A 387 36.29 -38.83 -34.12
CA THR A 387 36.47 -40.26 -34.30
C THR A 387 35.29 -40.80 -35.07
N PHE A 388 35.54 -41.45 -36.21
CA PHE A 388 34.52 -42.24 -36.89
C PHE A 388 34.65 -43.71 -36.49
N SER A 389 34.22 -44.01 -35.27
CA SER A 389 34.54 -45.29 -34.63
C SER A 389 33.85 -46.45 -35.34
N HIS A 390 34.17 -47.65 -34.84
CA HIS A 390 33.69 -48.93 -35.37
C HIS A 390 32.17 -48.98 -35.52
N GLY A 391 31.71 -49.33 -36.72
CA GLY A 391 30.31 -49.59 -37.00
C GLY A 391 29.37 -48.40 -36.93
N GLN A 392 29.92 -47.19 -36.96
CA GLN A 392 29.08 -46.00 -37.04
C GLN A 392 28.69 -45.67 -38.48
N LEU A 393 29.37 -46.27 -39.45
CA LEU A 393 29.13 -45.99 -40.85
C LEU A 393 27.87 -46.67 -41.36
N TYR A 394 27.62 -47.91 -40.92
CA TYR A 394 26.40 -48.61 -41.36
C TYR A 394 25.15 -47.91 -40.85
N VAL A 395 25.21 -47.38 -39.63
CA VAL A 395 24.07 -46.65 -39.08
C VAL A 395 23.83 -45.36 -39.86
N ALA A 396 24.90 -44.62 -40.14
CA ALA A 396 24.76 -43.35 -40.85
C ALA A 396 24.21 -43.58 -42.25
N LEU A 397 24.65 -44.64 -42.91
CA LEU A 397 24.08 -44.97 -44.21
C LEU A 397 22.63 -45.40 -44.07
N SER A 398 22.28 -46.08 -42.98
CA SER A 398 20.89 -46.46 -42.78
C SER A 398 19.99 -45.28 -42.46
N ARG A 399 20.55 -44.09 -42.26
CA ARG A 399 19.74 -42.90 -42.09
C ARG A 399 19.26 -42.31 -43.40
N CYS A 400 19.83 -42.75 -44.51
CA CYS A 400 19.55 -42.17 -45.81
C CYS A 400 18.36 -42.85 -46.47
N ARG A 401 17.81 -42.18 -47.49
CA ARG A 401 16.73 -42.74 -48.30
C ARG A 401 17.19 -43.29 -49.65
N SER A 402 17.91 -42.49 -50.43
CA SER A 402 18.36 -42.91 -51.75
C SER A 402 19.85 -42.62 -51.91
N LEU A 403 20.44 -43.27 -52.92
CA LEU A 403 21.85 -43.06 -53.24
C LEU A 403 22.08 -41.75 -54.00
N GLU A 404 21.14 -41.35 -54.86
CA GLU A 404 21.26 -40.09 -55.58
C GLU A 404 21.00 -38.88 -54.70
N GLY A 405 20.65 -39.05 -53.43
CA GLY A 405 20.53 -37.95 -52.49
C GLY A 405 21.66 -37.95 -51.48
N LEU A 406 22.38 -39.06 -51.42
CA LEU A 406 23.51 -39.20 -50.52
C LEU A 406 24.73 -38.49 -51.10
N VAL A 407 25.30 -37.56 -50.35
CA VAL A 407 26.58 -36.95 -50.68
C VAL A 407 27.53 -37.24 -49.53
N LEU A 408 28.66 -37.88 -49.84
CA LEU A 408 29.64 -38.25 -48.83
C LEU A 408 30.78 -37.23 -48.88
N LYS A 409 30.89 -36.42 -47.83
CA LYS A 409 31.94 -35.41 -47.75
C LYS A 409 33.32 -35.99 -47.99
N LYS A 410 33.72 -37.01 -47.19
CA LYS A 410 34.97 -37.76 -47.24
C LYS A 410 34.79 -39.06 -48.00
N PRO A 411 35.62 -39.37 -48.99
CA PRO A 411 35.42 -40.56 -49.84
C PRO A 411 35.94 -41.87 -49.24
N ILE A 412 35.58 -42.14 -47.99
CA ILE A 412 36.32 -43.12 -47.20
C ILE A 412 36.02 -44.55 -47.66
N SER A 413 34.75 -44.96 -47.62
CA SER A 413 34.21 -46.04 -48.47
C SER A 413 35.05 -47.32 -48.50
N GLU A 414 35.20 -47.93 -47.34
CA GLU A 414 36.22 -48.94 -47.06
C GLU A 414 35.64 -49.90 -46.03
N LYS A 415 36.50 -50.72 -45.41
CA LYS A 415 36.21 -52.06 -44.95
C LYS A 415 35.94 -52.08 -43.46
N TYR A 416 35.34 -51.00 -42.95
CA TYR A 416 34.75 -50.95 -41.62
C TYR A 416 33.38 -50.30 -41.69
N ILE A 417 32.82 -50.18 -42.90
CA ILE A 417 31.40 -49.90 -43.05
C ILE A 417 30.58 -50.96 -42.34
N TRP A 418 31.11 -52.18 -42.29
CA TRP A 418 30.42 -53.35 -41.76
C TRP A 418 29.68 -53.05 -40.47
N LEU A 419 28.44 -53.52 -40.41
CA LEU A 419 27.67 -53.45 -39.17
C LEU A 419 28.50 -54.09 -38.06
N ASP A 420 28.40 -53.51 -36.86
CA ASP A 420 29.31 -53.88 -35.79
C ASP A 420 28.95 -55.28 -35.32
N LYS A 421 29.77 -56.26 -35.70
CA LYS A 421 29.34 -57.64 -35.57
C LYS A 421 29.53 -58.13 -34.14
N ARG A 422 28.89 -57.39 -33.22
CA ARG A 422 28.21 -58.00 -32.10
C ARG A 422 26.75 -58.25 -32.48
N VAL A 423 26.12 -57.24 -33.06
CA VAL A 423 24.76 -57.38 -33.60
C VAL A 423 24.70 -58.53 -34.60
N VAL A 424 25.68 -58.60 -35.50
CA VAL A 424 25.65 -59.62 -36.55
C VAL A 424 25.67 -61.01 -35.95
N SER A 425 26.45 -61.21 -34.89
CA SER A 425 26.45 -62.49 -34.20
C SER A 425 25.07 -62.80 -33.65
N PHE A 426 24.47 -61.83 -32.94
CA PHE A 426 23.14 -62.02 -32.37
C PHE A 426 22.11 -62.33 -33.44
N LEU A 427 22.18 -61.65 -34.59
CA LEU A 427 21.18 -61.85 -35.64
C LEU A 427 21.35 -63.21 -36.30
N THR A 428 22.59 -63.65 -36.52
CA THR A 428 22.79 -64.96 -37.12
C THR A 428 22.49 -66.10 -36.14
N LYS A 429 22.47 -65.81 -34.84
CA LYS A 429 22.03 -66.82 -33.87
C LYS A 429 20.52 -66.99 -33.91
N TYR A 430 19.78 -65.88 -33.90
CA TYR A 430 18.33 -65.95 -33.77
C TYR A 430 17.63 -66.26 -35.09
N GLN A 431 18.17 -65.79 -36.22
CA GLN A 431 17.54 -66.08 -37.51
C GLN A 431 17.62 -67.56 -37.85
N TYR A 432 18.66 -68.25 -37.37
CA TYR A 432 18.86 -69.66 -37.64
C TYR A 432 18.62 -70.53 -36.41
N LYS A 433 17.67 -70.13 -35.55
CA LYS A 433 17.29 -70.95 -34.41
C LYS A 433 15.83 -71.37 -34.51
N MET B 1 10.34 25.33 -32.03
CA MET B 1 9.78 26.68 -31.92
C MET B 1 8.88 26.81 -30.69
N ILE B 2 9.24 26.13 -29.60
CA ILE B 2 8.40 26.19 -28.40
C ILE B 2 8.92 27.30 -27.48
N GLN B 3 8.01 27.83 -26.65
CA GLN B 3 8.30 28.99 -25.80
C GLN B 3 7.77 28.77 -24.38
N THR B 4 7.97 27.60 -23.81
CA THR B 4 7.28 27.24 -22.57
C THR B 4 8.25 27.04 -21.41
N VAL B 5 9.39 27.76 -21.45
CA VAL B 5 10.58 27.38 -20.70
C VAL B 5 10.83 28.24 -19.46
N GLU B 6 10.02 29.28 -19.20
CA GLU B 6 10.02 29.89 -17.86
C GLU B 6 11.43 30.34 -17.43
N PHE B 7 12.01 31.28 -18.19
CA PHE B 7 13.47 31.46 -18.29
C PHE B 7 13.97 32.17 -17.03
N ASN B 8 14.19 31.37 -15.98
CA ASN B 8 14.67 31.88 -14.71
C ASN B 8 16.09 32.42 -14.83
N GLU B 9 16.50 33.18 -13.82
CA GLU B 9 17.79 33.86 -13.83
C GLU B 9 18.92 32.93 -14.26
N GLN B 10 19.13 31.83 -13.52
CA GLN B 10 20.09 30.81 -13.91
C GLN B 10 19.95 30.46 -15.39
N PHE B 11 18.73 30.25 -15.83
CA PHE B 11 18.51 29.82 -17.19
C PHE B 11 18.86 30.93 -18.17
N SER B 12 18.42 32.15 -17.89
CA SER B 12 18.73 33.23 -18.82
C SER B 12 20.21 33.56 -18.79
N LYS B 13 20.85 33.42 -17.63
CA LYS B 13 22.28 33.66 -17.57
C LYS B 13 23.04 32.60 -18.35
N ALA B 14 22.59 31.35 -18.28
CA ALA B 14 23.28 30.29 -18.99
C ALA B 14 23.10 30.44 -20.50
N LEU B 15 21.89 30.75 -20.95
CA LEU B 15 21.67 30.96 -22.37
C LEU B 15 22.43 32.17 -22.88
N ASP B 16 22.54 33.21 -22.05
CA ASP B 16 23.30 34.39 -22.45
C ASP B 16 24.75 34.03 -22.68
N LEU B 17 25.35 33.28 -21.74
CA LEU B 17 26.72 32.86 -21.92
C LEU B 17 26.88 31.96 -23.14
N MET B 18 25.83 31.22 -23.48
CA MET B 18 25.91 30.29 -24.60
C MET B 18 25.87 31.01 -25.94
N GLU B 19 24.84 31.82 -26.16
CA GLU B 19 24.50 32.26 -27.51
C GLU B 19 25.26 33.52 -27.94
N ASN B 20 25.13 34.60 -27.17
CA ASN B 20 25.74 35.85 -27.62
C ASN B 20 27.24 35.84 -27.44
N THR B 21 27.76 35.13 -26.43
CA THR B 21 29.19 35.03 -26.21
C THR B 21 29.71 33.73 -26.82
N ASN B 22 31.04 33.68 -27.00
CA ASN B 22 31.73 32.49 -27.47
C ASN B 22 32.67 31.93 -26.40
N LYS B 23 32.29 32.08 -25.13
CA LYS B 23 33.10 31.60 -24.03
C LYS B 23 32.76 30.15 -23.69
N ASN B 24 33.77 29.44 -23.23
CA ASN B 24 33.54 28.10 -22.71
C ASN B 24 32.75 28.17 -21.42
N VAL B 25 31.75 27.31 -21.30
CA VAL B 25 30.84 27.35 -20.17
C VAL B 25 30.66 25.95 -19.61
N LEU B 26 30.37 25.89 -18.31
CA LEU B 26 30.15 24.65 -17.58
C LEU B 26 28.88 24.77 -16.77
N ILE B 27 27.84 24.06 -17.21
CA ILE B 27 26.53 24.07 -16.57
C ILE B 27 26.35 22.77 -15.80
N VAL B 28 26.03 22.89 -14.51
CA VAL B 28 25.80 21.72 -13.66
C VAL B 28 24.38 21.77 -13.13
N GLY B 29 23.71 20.62 -13.10
CA GLY B 29 22.44 20.49 -12.43
C GLY B 29 22.40 19.35 -11.43
N ARG B 30 21.23 19.04 -10.91
CA ARG B 30 21.06 17.91 -10.01
C ARG B 30 19.97 16.96 -10.50
N ALA B 31 19.75 16.94 -11.81
CA ALA B 31 18.94 15.99 -12.56
C ALA B 31 17.44 16.22 -12.39
N GLY B 32 17.04 17.17 -11.55
CA GLY B 32 15.67 17.62 -11.51
C GLY B 32 15.62 18.99 -12.14
N THR B 33 16.78 19.40 -12.62
CA THR B 33 17.06 20.74 -13.08
C THR B 33 16.65 20.85 -14.55
N GLY B 34 17.01 21.95 -15.19
CA GLY B 34 16.57 22.16 -16.55
C GLY B 34 17.66 21.83 -17.54
N LYS B 35 18.51 20.85 -17.22
CA LYS B 35 19.66 20.53 -18.05
C LYS B 35 19.23 20.11 -19.45
N SER B 36 18.42 19.05 -19.55
CA SER B 36 17.97 18.64 -20.86
C SER B 36 17.08 19.72 -21.48
N THR B 37 16.37 20.45 -20.65
CA THR B 37 15.51 21.51 -21.16
C THR B 37 16.34 22.63 -21.76
N LEU B 38 17.38 23.07 -21.06
CA LEU B 38 18.24 24.13 -21.59
C LEU B 38 18.94 23.67 -22.86
N LEU B 39 19.47 22.45 -22.86
CA LEU B 39 20.23 21.97 -24.00
C LEU B 39 19.36 21.94 -25.25
N ASN B 40 18.12 21.48 -25.13
CA ASN B 40 17.31 21.32 -26.32
C ASN B 40 16.73 22.63 -26.79
N TYR B 41 16.42 23.56 -25.88
CA TYR B 41 15.96 24.88 -26.30
C TYR B 41 17.05 25.63 -27.05
N PHE B 42 18.28 25.61 -26.53
CA PHE B 42 19.41 26.18 -27.25
C PHE B 42 19.62 25.47 -28.58
N ARG B 43 19.60 24.13 -28.54
CA ARG B 43 19.85 23.35 -29.75
C ARG B 43 18.87 23.71 -30.86
N ASN B 44 17.58 23.83 -30.52
CA ASN B 44 16.55 24.01 -31.54
C ASN B 44 16.52 25.43 -32.07
N ASN B 45 16.71 26.43 -31.20
CA ASN B 45 16.41 27.82 -31.53
C ASN B 45 17.67 28.67 -31.75
N THR B 46 18.72 28.09 -32.31
CA THR B 46 19.99 28.78 -32.52
C THR B 46 20.41 28.72 -33.99
N LYS B 47 21.34 29.60 -34.34
CA LYS B 47 21.87 29.73 -35.69
C LYS B 47 23.39 29.75 -35.64
N LYS B 48 23.97 28.87 -34.83
CA LYS B 48 25.38 28.97 -34.48
C LYS B 48 26.21 27.78 -34.95
N LYS B 49 25.67 26.94 -35.84
CA LYS B 49 26.43 25.88 -36.52
C LYS B 49 27.29 25.08 -35.53
N ILE B 50 26.60 24.46 -34.58
CA ILE B 50 27.23 23.78 -33.47
C ILE B 50 27.13 22.27 -33.67
N ALA B 51 27.86 21.52 -32.84
CA ALA B 51 27.89 20.06 -32.87
C ALA B 51 27.69 19.53 -31.45
N VAL B 52 26.67 18.69 -31.26
CA VAL B 52 26.29 18.18 -29.95
C VAL B 52 26.82 16.76 -29.80
N LEU B 53 27.66 16.54 -28.79
CA LEU B 53 28.26 15.24 -28.54
C LEU B 53 27.86 14.70 -27.18
N ALA B 54 28.07 13.39 -27.00
CA ALA B 54 27.80 12.73 -25.74
C ALA B 54 28.81 11.60 -25.57
N PRO B 55 29.17 11.25 -24.32
CA PRO B 55 30.20 10.21 -24.13
C PRO B 55 29.83 8.84 -24.72
N THR B 56 28.67 8.30 -24.35
CA THR B 56 28.26 6.96 -24.74
C THR B 56 27.27 7.00 -25.90
N GLY B 57 27.12 5.85 -26.55
CA GLY B 57 26.12 5.74 -27.60
C GLY B 57 24.71 5.89 -27.09
N VAL B 58 24.46 5.48 -25.84
CA VAL B 58 23.13 5.64 -25.26
C VAL B 58 22.82 7.10 -25.04
N ALA B 59 23.76 7.83 -24.43
CA ALA B 59 23.55 9.26 -24.24
C ALA B 59 23.47 10.01 -25.56
N ALA B 60 24.14 9.50 -26.60
CA ALA B 60 24.11 10.20 -27.88
C ALA B 60 22.76 10.03 -28.57
N VAL B 61 22.21 8.81 -28.56
CA VAL B 61 20.92 8.57 -29.21
C VAL B 61 19.80 9.31 -28.49
N ASN B 62 19.88 9.42 -27.16
CA ASN B 62 18.85 10.12 -26.40
C ASN B 62 18.81 11.59 -26.77
N ILE B 63 19.98 12.24 -26.81
CA ILE B 63 20.07 13.65 -27.20
C ILE B 63 20.00 13.87 -28.69
N LYS B 64 19.86 12.81 -29.49
CA LYS B 64 19.88 12.91 -30.95
C LYS B 64 21.20 13.49 -31.43
N GLY B 65 22.30 13.12 -30.76
CA GLY B 65 23.62 13.59 -31.14
C GLY B 65 24.57 12.50 -31.58
N GLN B 66 25.88 12.75 -31.49
CA GLN B 66 26.90 11.79 -31.90
C GLN B 66 27.85 11.52 -30.74
N THR B 67 28.39 10.31 -30.69
CA THR B 67 29.33 9.98 -29.63
C THR B 67 30.67 10.63 -29.90
N ILE B 68 31.42 10.89 -28.83
CA ILE B 68 32.71 11.55 -28.96
C ILE B 68 33.64 10.73 -29.85
N HIS B 69 33.73 9.43 -29.60
CA HIS B 69 34.60 8.59 -30.41
C HIS B 69 34.19 8.60 -31.87
N SER B 70 32.88 8.71 -32.14
CA SER B 70 32.39 8.70 -33.52
C SER B 70 32.69 10.01 -34.21
N PHE B 71 32.54 11.12 -33.48
CA PHE B 71 32.77 12.43 -34.09
C PHE B 71 34.24 12.65 -34.37
N PHE B 72 35.12 12.18 -33.50
CA PHE B 72 36.55 12.37 -33.65
C PHE B 72 37.28 11.17 -34.25
N ASN B 73 36.55 10.09 -34.59
CA ASN B 73 37.17 8.87 -35.11
C ASN B 73 38.17 8.30 -34.11
N PHE B 74 37.79 8.34 -32.84
CA PHE B 74 38.64 7.85 -31.75
C PHE B 74 38.50 6.33 -31.60
N LYS B 75 39.62 5.63 -31.69
CA LYS B 75 39.65 4.21 -31.42
C LYS B 75 39.47 3.95 -29.93
N PRO B 76 38.93 2.79 -29.55
CA PRO B 76 38.64 2.55 -28.12
C PRO B 76 39.85 2.68 -27.20
N ASP B 77 41.06 2.56 -27.73
CA ASP B 77 42.27 2.59 -26.92
C ASP B 77 43.08 3.86 -27.11
N ILE B 78 42.49 4.91 -27.70
CA ILE B 78 43.26 6.09 -28.08
C ILE B 78 44.03 6.63 -26.90
N THR B 79 45.22 7.15 -27.19
CA THR B 79 46.05 7.88 -26.26
C THR B 79 46.34 9.26 -26.83
N LEU B 80 46.98 10.11 -26.01
CA LEU B 80 47.34 11.44 -26.48
C LEU B 80 48.36 11.40 -27.62
N SER B 81 49.24 10.39 -27.64
CA SER B 81 50.21 10.24 -28.73
C SER B 81 49.52 9.81 -30.02
N SER B 82 48.62 8.84 -29.95
CA SER B 82 48.02 8.26 -31.15
C SER B 82 47.01 9.20 -31.79
N VAL B 83 46.48 10.15 -31.01
CA VAL B 83 45.50 11.10 -31.54
C VAL B 83 46.12 11.91 -32.67
N LYS B 84 47.44 12.15 -32.62
CA LYS B 84 48.08 12.98 -33.61
C LYS B 84 48.06 12.35 -34.99
N ASP B 85 48.00 11.02 -35.06
CA ASP B 85 47.96 10.31 -36.33
C ASP B 85 46.55 10.10 -36.88
N ILE B 86 45.52 10.50 -36.15
CA ILE B 86 44.15 10.26 -36.60
C ILE B 86 43.82 11.21 -37.75
N LYS B 87 43.43 10.65 -38.89
CA LYS B 87 42.96 11.44 -40.01
C LYS B 87 41.46 11.66 -39.91
N PRO B 88 40.99 12.90 -39.84
CA PRO B 88 39.54 13.15 -39.76
C PRO B 88 38.80 12.61 -40.99
N LYS B 89 37.68 11.94 -40.72
CA LYS B 89 36.78 11.52 -41.80
C LYS B 89 36.36 12.72 -42.65
N ASN B 90 36.14 13.86 -42.01
CA ASN B 90 35.41 15.01 -42.51
C ASN B 90 36.28 16.26 -42.36
N LYS B 91 37.54 16.14 -42.75
CA LYS B 91 38.59 17.11 -42.49
C LYS B 91 38.09 18.55 -42.64
N GLU B 92 37.36 18.80 -43.73
CA GLU B 92 36.80 20.13 -43.99
C GLU B 92 36.09 20.71 -42.77
N ILE B 93 35.33 19.89 -42.04
CA ILE B 93 34.68 20.36 -40.82
C ILE B 93 35.72 20.48 -39.72
N TYR B 94 35.35 21.17 -38.63
CA TYR B 94 36.15 21.74 -37.55
C TYR B 94 36.89 22.97 -38.00
N LYS B 95 36.80 23.36 -39.26
CA LYS B 95 37.14 24.72 -39.65
C LYS B 95 35.92 25.63 -39.55
N LYS B 96 34.74 25.07 -39.79
CA LYS B 96 33.50 25.83 -39.81
C LYS B 96 32.79 25.87 -38.47
N LEU B 97 33.09 24.95 -37.56
CA LEU B 97 32.30 24.83 -36.35
C LEU B 97 32.51 26.02 -35.44
N ASP B 98 31.41 26.66 -35.04
CA ASP B 98 31.49 27.75 -34.07
C ASP B 98 31.50 27.27 -32.62
N ALA B 99 30.71 26.25 -32.29
CA ALA B 99 30.59 25.76 -30.92
C ALA B 99 30.45 24.26 -30.93
N ILE B 100 30.76 23.64 -29.78
CA ILE B 100 30.61 22.21 -29.57
C ILE B 100 30.08 21.96 -28.18
N VAL B 101 28.96 21.24 -28.08
CA VAL B 101 28.35 20.93 -26.80
C VAL B 101 28.67 19.49 -26.43
N ILE B 102 28.81 19.24 -25.13
CA ILE B 102 29.08 17.89 -24.61
C ILE B 102 28.19 17.64 -23.41
N ASP B 103 27.18 16.80 -23.58
CA ASP B 103 26.26 16.48 -22.49
C ASP B 103 26.79 15.31 -21.65
N GLU B 104 26.27 15.23 -20.42
CA GLU B 104 26.69 14.22 -19.45
C GLU B 104 28.21 14.20 -19.30
N VAL B 105 28.80 15.40 -19.25
CA VAL B 105 30.24 15.55 -19.10
C VAL B 105 30.76 14.94 -17.80
N SER B 106 29.85 14.59 -16.88
CA SER B 106 30.28 13.99 -15.62
C SER B 106 31.05 12.70 -15.87
N MET B 107 30.64 11.93 -16.88
CA MET B 107 31.23 10.62 -17.13
C MET B 107 32.28 10.66 -18.23
N VAL B 108 32.97 11.79 -18.36
CA VAL B 108 34.06 11.95 -19.33
C VAL B 108 35.36 11.99 -18.56
N ARG B 109 36.23 11.01 -18.80
CA ARG B 109 37.46 10.94 -18.03
C ARG B 109 38.49 11.95 -18.55
N ALA B 110 39.47 12.25 -17.70
CA ALA B 110 40.42 13.32 -17.99
C ALA B 110 41.21 13.06 -19.26
N ASP B 111 41.68 11.82 -19.46
CA ASP B 111 42.52 11.52 -20.61
C ASP B 111 41.78 11.78 -21.92
N LEU B 112 40.50 11.41 -21.97
CA LEU B 112 39.71 11.64 -23.18
C LEU B 112 39.50 13.12 -23.44
N PHE B 113 39.31 13.89 -22.37
CA PHE B 113 39.17 15.34 -22.53
C PHE B 113 40.44 15.97 -23.11
N ASP B 114 41.61 15.52 -22.65
CA ASP B 114 42.88 16.02 -23.19
C ASP B 114 43.06 15.62 -24.64
N CYS B 115 42.60 14.41 -24.99
CA CYS B 115 42.66 14.00 -26.39
C CYS B 115 41.79 14.87 -27.26
N ILE B 116 40.60 15.24 -26.75
CA ILE B 116 39.72 16.14 -27.47
C ILE B 116 40.39 17.49 -27.70
N ASN B 117 41.01 18.04 -26.66
CA ASN B 117 41.67 19.33 -26.78
C ASN B 117 42.80 19.26 -27.78
N GLU B 118 43.57 18.17 -27.75
CA GLU B 118 44.68 18.03 -28.69
C GLU B 118 44.17 17.92 -30.13
N PHE B 119 43.11 17.15 -30.34
CA PHE B 119 42.58 17.02 -31.69
C PHE B 119 42.11 18.36 -32.23
N LEU B 120 41.33 19.11 -31.45
CA LEU B 120 40.86 20.41 -31.91
C LEU B 120 41.99 21.42 -31.98
N LYS B 121 43.07 21.20 -31.23
CA LYS B 121 44.25 22.05 -31.37
C LYS B 121 44.91 21.85 -32.73
N ILE B 122 44.76 20.67 -33.33
CA ILE B 122 45.44 20.35 -34.58
C ILE B 122 44.57 20.64 -35.79
N HIS B 123 43.26 20.45 -35.66
CA HIS B 123 42.38 20.55 -36.82
C HIS B 123 41.35 21.66 -36.74
N GLY B 124 41.35 22.49 -35.69
CA GLY B 124 40.25 23.41 -35.50
C GLY B 124 40.37 24.69 -36.30
N LYS B 125 39.30 25.49 -36.22
CA LYS B 125 39.26 26.83 -36.79
C LYS B 125 40.30 27.72 -36.14
N GLN B 126 41.32 28.14 -36.88
CA GLN B 126 42.42 28.87 -36.25
C GLN B 126 42.97 27.98 -35.14
N PRO B 127 43.58 26.85 -35.51
CA PRO B 127 43.93 25.83 -34.51
C PRO B 127 45.09 26.21 -33.61
N GLY B 128 44.84 27.12 -32.66
CA GLY B 128 45.88 27.47 -31.71
C GLY B 128 45.81 26.58 -30.49
N GLU B 129 46.03 27.14 -29.30
CA GLU B 129 45.97 26.33 -28.10
C GLU B 129 44.56 26.00 -27.61
N PRO B 130 43.62 26.97 -27.54
CA PRO B 130 42.37 26.66 -26.82
C PRO B 130 41.35 25.89 -27.67
N PHE B 131 41.57 24.58 -27.77
CA PHE B 131 40.68 23.71 -28.54
C PHE B 131 40.59 24.15 -29.99
N GLY B 132 41.63 24.80 -30.49
CA GLY B 132 41.51 25.39 -31.80
C GLY B 132 40.46 26.47 -31.86
N GLY B 133 40.21 27.16 -30.75
CA GLY B 133 39.31 28.30 -30.72
C GLY B 133 37.83 27.99 -30.72
N ILE B 134 37.44 26.72 -30.69
CA ILE B 134 36.02 26.37 -30.73
C ILE B 134 35.43 26.49 -29.33
N GLN B 135 34.35 27.24 -29.19
CA GLN B 135 33.68 27.42 -27.90
C GLN B 135 33.09 26.10 -27.42
N LEU B 136 33.48 25.67 -26.23
CA LEU B 136 32.99 24.42 -25.65
C LEU B 136 31.93 24.67 -24.59
N ILE B 137 30.80 24.00 -24.72
CA ILE B 137 29.72 24.04 -23.75
C ILE B 137 29.60 22.67 -23.10
N LEU B 138 29.87 22.58 -21.80
CA LEU B 138 29.80 21.32 -21.08
C LEU B 138 28.57 21.32 -20.19
N ILE B 139 27.83 20.22 -20.20
CA ILE B 139 26.59 20.06 -19.44
C ILE B 139 26.58 18.70 -18.76
N GLY B 140 26.44 18.69 -17.44
CA GLY B 140 26.42 17.42 -16.73
C GLY B 140 26.17 17.63 -15.25
N ASP B 141 26.03 16.52 -14.53
CA ASP B 141 25.78 16.53 -13.10
C ASP B 141 27.05 16.09 -12.36
N LEU B 142 27.60 16.99 -11.56
CA LEU B 142 28.84 16.68 -10.86
C LEU B 142 28.63 15.71 -9.72
N TYR B 143 27.39 15.57 -9.26
CA TYR B 143 27.05 14.72 -8.13
C TYR B 143 27.02 13.24 -8.47
N GLN B 144 27.49 12.87 -9.65
CA GLN B 144 27.57 11.49 -10.07
C GLN B 144 28.98 10.93 -9.87
N LEU B 145 29.09 9.62 -9.99
CA LEU B 145 30.33 8.92 -9.67
C LEU B 145 31.40 9.19 -10.74
N PRO B 146 32.67 9.16 -10.35
CA PRO B 146 33.75 9.42 -11.31
C PRO B 146 33.86 8.31 -12.33
N PRO B 147 34.43 8.60 -13.50
CA PRO B 147 34.62 7.54 -14.51
C PRO B 147 35.63 6.51 -14.04
N VAL B 148 35.22 5.24 -14.09
CA VAL B 148 36.01 4.16 -13.51
C VAL B 148 37.39 4.10 -14.15
N VAL B 149 38.35 3.56 -13.39
CA VAL B 149 39.75 3.43 -13.81
C VAL B 149 40.22 2.02 -13.46
N THR B 150 40.43 1.18 -14.47
CA THR B 150 40.81 -0.21 -14.24
C THR B 150 42.05 -0.29 -13.36
N SER B 151 42.17 -1.40 -12.62
CA SER B 151 43.30 -1.57 -11.71
C SER B 151 44.64 -1.56 -12.44
N SER B 152 44.68 -2.06 -13.67
CA SER B 152 45.93 -2.08 -14.43
C SER B 152 46.38 -0.66 -14.77
N GLU B 153 45.50 0.10 -15.42
CA GLU B 153 45.80 1.49 -15.77
C GLU B 153 45.97 2.39 -14.55
N LYS B 154 45.59 1.92 -13.36
CA LYS B 154 45.48 2.80 -12.20
C LYS B 154 46.83 3.40 -11.82
N LYS B 155 47.88 2.58 -11.79
CA LYS B 155 49.17 3.02 -11.27
C LYS B 155 49.66 4.28 -11.97
N PHE B 156 49.72 4.28 -13.30
CA PHE B 156 50.25 5.42 -14.01
C PHE B 156 49.23 6.49 -14.30
N PHE B 157 47.94 6.16 -14.30
CA PHE B 157 46.93 7.21 -14.37
C PHE B 157 46.97 8.09 -13.12
N SER B 158 47.19 7.47 -11.96
CA SER B 158 47.20 8.22 -10.71
C SER B 158 48.27 9.29 -10.70
N GLN B 159 49.34 9.08 -11.45
CA GLN B 159 50.44 10.03 -11.43
C GLN B 159 50.29 11.14 -12.45
N ILE B 160 49.49 10.95 -13.50
CA ILE B 160 49.28 12.01 -14.48
C ILE B 160 48.07 12.87 -14.11
N TYR B 161 46.96 12.25 -13.72
CA TYR B 161 45.73 12.95 -13.38
C TYR B 161 45.43 12.73 -11.90
N LYS B 162 45.14 13.81 -11.18
CA LYS B 162 44.88 13.67 -9.76
C LYS B 162 43.59 12.90 -9.48
N SER B 163 42.61 13.00 -10.37
CA SER B 163 41.39 12.23 -10.28
C SER B 163 40.85 12.01 -11.69
N PRO B 164 40.10 10.94 -11.92
CA PRO B 164 39.54 10.71 -13.25
C PRO B 164 38.43 11.67 -13.63
N PHE B 165 38.05 12.59 -12.74
CA PHE B 165 37.05 13.58 -13.11
C PHE B 165 37.58 14.47 -14.22
N PHE B 166 36.67 14.95 -15.07
CA PHE B 166 37.09 15.78 -16.20
C PHE B 166 37.75 17.08 -15.77
N PHE B 167 37.32 17.67 -14.64
CA PHE B 167 37.87 18.96 -14.24
C PHE B 167 39.29 18.87 -13.68
N ASP B 168 39.82 17.67 -13.46
CA ASP B 168 41.22 17.50 -13.09
C ASP B 168 42.10 17.23 -14.29
N SER B 169 41.54 17.32 -15.49
CA SER B 169 42.29 17.27 -16.74
C SER B 169 43.22 18.48 -16.84
N ILE B 170 44.08 18.44 -17.85
CA ILE B 170 45.03 19.53 -18.06
C ILE B 170 44.34 20.71 -18.74
N SER B 171 43.78 20.47 -19.93
CA SER B 171 43.18 21.52 -20.75
C SER B 171 42.33 22.48 -19.94
N PHE B 172 41.37 21.93 -19.20
CA PHE B 172 40.48 22.73 -18.37
C PHE B 172 41.20 23.86 -17.65
N ASN B 173 42.28 23.53 -16.92
CA ASN B 173 43.03 24.56 -16.20
C ASN B 173 43.33 25.77 -17.09
N GLU B 174 44.03 25.58 -18.22
CA GLU B 174 44.20 26.65 -19.19
C GLU B 174 43.01 26.75 -20.12
N ALA B 175 41.81 26.89 -19.55
CA ALA B 175 40.62 27.08 -20.36
C ALA B 175 39.69 28.01 -19.60
N GLU B 176 39.31 29.12 -20.21
CA GLU B 176 38.37 30.02 -19.58
C GLU B 176 36.98 29.40 -19.67
N PHE B 177 36.45 28.98 -18.51
CA PHE B 177 35.17 28.27 -18.43
C PHE B 177 34.29 28.99 -17.42
N GLU B 178 33.30 29.72 -17.93
CA GLU B 178 32.33 30.30 -17.02
C GLU B 178 31.51 29.18 -16.39
N PHE B 179 31.07 29.42 -15.15
CA PHE B 179 30.39 28.40 -14.37
C PHE B 179 28.96 28.83 -14.11
N VAL B 180 28.01 27.93 -14.40
CA VAL B 180 26.61 28.16 -14.08
C VAL B 180 26.04 26.86 -13.53
N GLU B 181 25.44 26.94 -12.34
CA GLU B 181 24.88 25.78 -11.66
C GLU B 181 23.38 25.96 -11.55
N LEU B 182 22.62 25.08 -12.18
CA LEU B 182 21.18 25.07 -11.98
C LEU B 182 20.89 24.47 -10.61
N GLU B 183 20.43 25.30 -9.70
CA GLU B 183 20.17 24.88 -8.33
C GLU B 183 18.69 24.80 -7.99
N LYS B 184 17.82 25.42 -8.80
CA LYS B 184 16.40 25.47 -8.48
C LYS B 184 15.72 24.19 -8.94
N VAL B 185 14.91 23.61 -8.06
CA VAL B 185 14.40 22.26 -8.25
C VAL B 185 13.05 22.33 -8.96
N TYR B 186 13.04 21.86 -10.20
CA TYR B 186 11.85 21.75 -11.01
C TYR B 186 10.92 20.64 -10.51
N ARG B 187 9.68 21.01 -10.26
CA ARG B 187 8.70 20.37 -9.39
C ARG B 187 8.30 19.00 -9.94
N GLN B 188 7.48 18.28 -9.18
CA GLN B 188 7.58 16.99 -8.46
C GLN B 188 8.37 17.16 -7.16
N LYS B 189 8.84 18.36 -6.87
CA LYS B 189 8.63 19.22 -5.70
C LYS B 189 9.33 18.85 -4.40
N ASP B 190 10.05 17.73 -4.30
CA ASP B 190 11.37 17.66 -3.67
C ASP B 190 11.51 18.44 -2.38
N GLU B 191 10.54 18.41 -1.46
CA GLU B 191 10.54 19.48 -0.46
C GLU B 191 11.53 19.21 0.67
N LYS B 192 11.36 18.10 1.38
CA LYS B 192 12.25 17.77 2.48
C LYS B 192 13.53 17.11 2.01
N PHE B 193 13.44 16.34 0.92
CA PHE B 193 14.58 15.51 0.54
C PHE B 193 15.72 16.35 -0.03
N ILE B 194 15.41 17.32 -0.89
CA ILE B 194 16.48 18.12 -1.47
C ILE B 194 17.15 18.97 -0.41
N LYS B 195 16.39 19.42 0.59
CA LYS B 195 17.02 20.18 1.66
C LYS B 195 17.95 19.30 2.47
N LEU B 196 17.54 18.05 2.70
CA LEU B 196 18.42 17.12 3.42
C LEU B 196 19.63 16.76 2.58
N LEU B 197 19.43 16.56 1.27
CA LEU B 197 20.52 16.19 0.39
C LEU B 197 21.55 17.30 0.30
N ASN B 198 21.08 18.55 0.14
CA ASN B 198 22.00 19.68 0.13
C ASN B 198 22.71 19.82 1.47
N ALA B 199 22.07 19.40 2.56
CA ALA B 199 22.75 19.43 3.85
C ALA B 199 23.87 18.40 3.90
N ILE B 200 23.66 17.23 3.30
CA ILE B 200 24.76 16.28 3.17
C ILE B 200 25.82 16.81 2.23
N ARG B 201 25.40 17.61 1.24
CA ARG B 201 26.35 18.17 0.28
C ARG B 201 27.36 19.05 0.97
N ASN B 202 26.89 19.99 1.79
CA ASN B 202 27.74 20.94 2.49
C ASN B 202 28.20 20.41 3.84
N LYS B 203 28.02 19.12 4.09
CA LYS B 203 28.36 18.49 5.35
C LYS B 203 27.67 19.15 6.54
N THR B 204 26.57 19.85 6.28
CA THR B 204 25.86 20.61 7.30
C THR B 204 24.62 19.88 7.79
N ILE B 205 24.66 18.54 7.77
CA ILE B 205 23.52 17.76 8.20
C ILE B 205 23.33 17.92 9.71
N GLU B 206 22.11 17.68 10.15
CA GLU B 206 21.77 17.76 11.57
C GLU B 206 21.39 16.37 12.05
N GLU B 207 21.89 16.02 13.24
CA GLU B 207 21.57 14.72 13.79
C GLU B 207 20.08 14.54 14.03
N LYS B 208 19.32 15.64 14.03
CA LYS B 208 17.88 15.53 13.90
C LYS B 208 17.51 14.93 12.54
N ASP B 209 18.20 15.35 11.46
CA ASP B 209 17.98 14.74 10.17
C ASP B 209 18.68 13.39 10.02
N LEU B 210 19.73 13.15 10.80
CA LEU B 210 20.31 11.80 10.81
C LEU B 210 19.38 10.82 11.50
N GLU B 211 18.74 11.24 12.59
CA GLU B 211 17.75 10.39 13.27
C GLU B 211 16.49 10.27 12.44
N GLU B 212 16.10 11.35 11.76
CA GLU B 212 14.97 11.29 10.85
C GLU B 212 15.32 10.53 9.58
N LEU B 213 16.60 10.38 9.29
CA LEU B 213 17.00 9.39 8.30
C LEU B 213 17.00 8.00 8.93
N ASN B 214 17.45 7.88 10.18
CA ASN B 214 17.49 6.57 10.80
C ASN B 214 16.12 5.95 10.99
N LYS B 215 15.05 6.67 10.68
CA LYS B 215 13.70 6.13 10.85
C LYS B 215 13.30 5.18 9.74
N ARG B 216 13.82 5.39 8.53
CA ARG B 216 13.55 4.47 7.44
C ARG B 216 14.65 3.44 7.32
N TYR B 217 15.51 3.37 8.34
CA TYR B 217 16.62 2.41 8.42
C TYR B 217 16.11 1.17 9.13
N ILE B 218 15.43 0.32 8.37
CA ILE B 218 14.75 -0.81 8.98
C ILE B 218 15.17 -2.10 8.32
N PRO B 219 15.27 -3.18 9.08
CA PRO B 219 15.46 -4.50 8.49
C PRO B 219 14.18 -5.01 7.88
N ASP B 220 14.26 -6.23 7.38
CA ASP B 220 13.25 -6.94 6.61
C ASP B 220 13.07 -6.38 5.21
N PHE B 221 11.91 -6.66 4.64
CA PHE B 221 11.78 -6.64 3.18
C PHE B 221 10.29 -6.65 2.79
N GLU B 222 10.12 -6.81 1.50
CA GLU B 222 9.15 -7.01 0.44
C GLU B 222 8.40 -5.85 -0.16
N PRO B 223 8.26 -5.94 -1.50
CA PRO B 223 7.44 -5.06 -2.34
C PRO B 223 5.97 -5.28 -2.67
N ASP B 224 5.07 -5.46 -1.69
CA ASP B 224 3.74 -4.83 -1.82
C ASP B 224 3.17 -4.90 -3.26
N GLU B 225 3.01 -6.10 -3.85
CA GLU B 225 3.57 -6.47 -5.15
C GLU B 225 3.46 -5.33 -6.15
N LYS B 226 2.23 -4.87 -6.38
CA LYS B 226 2.01 -3.69 -7.21
C LYS B 226 3.03 -2.60 -6.91
N GLU B 227 3.15 -2.16 -5.64
CA GLU B 227 4.02 -1.04 -5.35
C GLU B 227 5.38 -1.27 -5.99
N PHE B 228 5.75 -0.36 -6.88
CA PHE B 228 6.96 -0.46 -7.68
C PHE B 228 8.15 -0.06 -6.83
N TYR B 229 9.14 -0.94 -6.73
CA TYR B 229 10.36 -0.68 -6.00
C TYR B 229 11.51 -1.13 -6.87
N ILE B 230 12.69 -0.62 -6.56
CA ILE B 230 13.87 -0.98 -7.32
C ILE B 230 15.05 -1.09 -6.37
N TYR B 231 15.96 -2.00 -6.69
CA TYR B 231 17.16 -2.22 -5.90
C TYR B 231 18.35 -1.61 -6.64
N LEU B 232 18.88 -0.51 -6.13
CA LEU B 232 20.06 0.14 -6.69
C LEU B 232 21.33 -0.58 -6.21
N THR B 233 22.01 -1.25 -7.13
CA THR B 233 23.22 -2.01 -6.86
C THR B 233 24.46 -1.31 -7.43
N THR B 234 25.62 -1.74 -6.93
CA THR B 234 26.90 -1.23 -7.40
C THR B 234 27.36 -1.88 -8.70
N THR B 235 26.85 -3.06 -9.04
CA THR B 235 27.38 -3.82 -10.16
C THR B 235 26.23 -4.35 -11.00
N ASN B 236 26.51 -4.56 -12.28
CA ASN B 236 25.56 -5.26 -13.14
C ASN B 236 25.23 -6.63 -12.58
N GLU B 237 26.25 -7.38 -12.17
CA GLU B 237 26.06 -8.76 -11.74
C GLU B 237 25.01 -8.87 -10.66
N LEU B 238 25.10 -8.04 -9.62
CA LEU B 238 24.13 -8.13 -8.52
C LEU B 238 22.73 -7.70 -8.96
N ALA B 239 22.63 -6.53 -9.60
CA ALA B 239 21.31 -6.03 -10.00
C ALA B 239 20.64 -6.97 -10.97
N ASP B 240 21.39 -7.44 -11.98
CA ASP B 240 20.76 -8.24 -13.01
C ASP B 240 20.36 -9.61 -12.50
N LYS B 241 21.08 -10.14 -11.51
CA LYS B 241 20.67 -11.39 -10.91
C LYS B 241 19.36 -11.23 -10.14
N ILE B 242 19.16 -10.07 -9.51
CA ILE B 242 17.89 -9.80 -8.84
C ILE B 242 16.75 -9.73 -9.84
N ASN B 243 17.01 -9.14 -11.00
CA ASN B 243 15.99 -9.14 -12.05
C ASN B 243 15.67 -10.56 -12.50
N GLN B 244 16.68 -11.43 -12.51
CA GLN B 244 16.45 -12.81 -12.89
C GLN B 244 15.72 -13.55 -11.79
N GLN B 245 16.07 -13.27 -10.53
CA GLN B 245 15.46 -13.98 -9.42
C GLN B 245 13.97 -13.68 -9.32
N LYS B 246 13.59 -12.41 -9.48
CA LYS B 246 12.17 -12.05 -9.54
C LYS B 246 11.49 -12.55 -10.80
N LEU B 247 12.25 -12.78 -11.87
CA LEU B 247 11.66 -13.23 -13.14
C LEU B 247 11.45 -14.73 -13.21
N GLU B 248 12.35 -15.51 -12.62
CA GLU B 248 12.18 -16.96 -12.60
C GLU B 248 11.01 -17.36 -11.71
N LYS B 249 11.09 -16.97 -10.42
CA LYS B 249 10.06 -17.25 -9.44
C LYS B 249 8.65 -17.03 -9.96
N LEU B 250 8.37 -15.82 -10.44
CA LEU B 250 7.01 -15.49 -10.87
C LEU B 250 6.58 -16.40 -12.01
N LYS B 251 5.28 -16.69 -12.04
CA LYS B 251 4.69 -17.72 -12.89
C LYS B 251 4.37 -17.18 -14.29
N GLY B 252 3.67 -17.98 -15.08
CA GLY B 252 3.21 -17.59 -16.39
C GLY B 252 4.20 -17.92 -17.49
N LYS B 253 4.00 -17.27 -18.65
CA LYS B 253 4.72 -17.59 -19.87
C LYS B 253 5.74 -16.52 -20.21
N LYS B 254 6.82 -16.94 -20.85
CA LYS B 254 7.86 -16.04 -21.33
C LYS B 254 7.62 -15.62 -22.76
N TYR B 255 7.94 -14.35 -23.05
CA TYR B 255 7.88 -13.78 -24.40
C TYR B 255 9.23 -13.15 -24.69
N VAL B 256 9.83 -13.52 -25.82
CA VAL B 256 11.18 -13.04 -26.15
C VAL B 256 11.11 -12.22 -27.42
N TYR B 257 11.65 -11.00 -27.34
CA TYR B 257 11.66 -10.05 -28.45
C TYR B 257 13.09 -9.64 -28.76
N GLN B 258 13.47 -9.73 -30.02
CA GLN B 258 14.82 -9.42 -30.45
C GLN B 258 14.86 -8.05 -31.13
N GLY B 259 15.79 -7.21 -30.67
CA GLY B 259 15.98 -5.92 -31.32
C GLY B 259 16.59 -6.07 -32.70
N TYR B 260 16.20 -5.17 -33.59
CA TYR B 260 16.66 -5.20 -34.98
C TYR B 260 17.54 -3.99 -35.27
N ILE B 261 18.76 -4.26 -35.72
CA ILE B 261 19.73 -3.22 -36.03
C ILE B 261 19.79 -3.05 -37.54
N GLU B 262 19.54 -1.83 -38.01
CA GLU B 262 19.64 -1.50 -39.42
C GLU B 262 20.77 -0.50 -39.63
N GLY B 263 21.51 -0.67 -40.72
CA GLY B 263 22.67 0.17 -40.95
C GLY B 263 23.85 -0.26 -40.08
N ASP B 264 24.21 0.57 -39.10
CA ASP B 264 25.31 0.24 -38.20
C ASP B 264 25.03 0.81 -36.82
N PHE B 265 25.28 -0.02 -35.81
CA PHE B 265 24.94 0.27 -34.42
C PHE B 265 25.96 -0.43 -33.54
N SER B 266 25.66 -0.51 -32.24
CA SER B 266 26.56 -1.11 -31.27
C SER B 266 25.76 -2.02 -30.36
N GLU B 267 26.45 -3.05 -29.86
CA GLU B 267 25.85 -4.05 -28.99
C GLU B 267 26.06 -3.74 -27.51
N LYS B 268 27.00 -2.86 -27.20
CA LYS B 268 27.30 -2.51 -25.82
C LYS B 268 26.33 -1.45 -25.31
N ASP B 269 26.17 -0.37 -26.05
CA ASP B 269 25.28 0.73 -25.67
C ASP B 269 23.98 0.58 -26.47
N LEU B 270 22.97 -0.04 -25.85
CA LEU B 270 21.64 -0.14 -26.40
C LEU B 270 20.62 0.45 -25.43
N PRO B 271 19.68 1.26 -25.91
CA PRO B 271 18.68 1.83 -24.98
C PRO B 271 17.82 0.77 -24.32
N ALA B 272 17.24 -0.09 -25.09
CA ALA B 272 16.54 -1.30 -24.68
C ALA B 272 17.45 -2.50 -24.83
N PRO B 273 17.33 -3.48 -23.93
CA PRO B 273 18.14 -4.70 -24.07
C PRO B 273 17.86 -5.39 -25.39
N LEU B 274 18.87 -6.10 -25.90
CA LEU B 274 18.74 -6.74 -27.20
C LEU B 274 17.75 -7.90 -27.17
N GLU B 275 17.75 -8.68 -26.10
CA GLU B 275 16.80 -9.77 -25.92
C GLU B 275 15.88 -9.42 -24.76
N LEU B 276 14.64 -9.03 -25.08
CA LEU B 276 13.64 -8.71 -24.07
C LEU B 276 12.90 -9.99 -23.71
N VAL B 277 13.11 -10.48 -22.49
CA VAL B 277 12.46 -11.68 -21.97
C VAL B 277 11.43 -11.21 -20.94
N ILE B 278 10.16 -11.24 -21.32
CA ILE B 278 9.10 -10.62 -20.53
C ILE B 278 8.05 -11.65 -20.17
N LYS B 279 7.78 -11.77 -18.88
CA LYS B 279 6.62 -12.50 -18.39
C LYS B 279 5.49 -11.53 -18.06
N LYS B 280 4.29 -12.07 -18.02
CA LYS B 280 3.12 -11.30 -17.60
C LYS B 280 3.24 -11.00 -16.11
N GLY B 281 3.08 -9.73 -15.73
CA GLY B 281 3.25 -9.35 -14.34
C GLY B 281 4.63 -8.93 -13.96
N THR B 282 5.42 -8.45 -14.90
CA THR B 282 6.82 -8.18 -14.70
C THR B 282 7.08 -6.67 -14.68
N GLN B 283 7.88 -6.24 -13.71
CA GLN B 283 8.24 -4.84 -13.52
C GLN B 283 9.19 -4.37 -14.62
N VAL B 284 8.83 -3.27 -15.29
CA VAL B 284 9.58 -2.76 -16.44
C VAL B 284 9.87 -1.28 -16.23
N MET B 285 10.71 -0.71 -17.11
CA MET B 285 11.26 0.61 -16.86
C MET B 285 11.00 1.68 -17.93
N LEU B 286 10.38 1.37 -19.07
CA LEU B 286 9.83 2.41 -19.95
C LEU B 286 10.86 3.49 -20.30
N LEU B 287 11.94 3.08 -20.98
CA LEU B 287 13.23 3.77 -20.92
C LEU B 287 13.36 4.87 -21.95
N ASN B 288 12.25 5.40 -22.47
CA ASN B 288 12.34 6.55 -23.36
C ASN B 288 11.12 7.44 -23.18
N ASN B 289 11.24 8.68 -23.66
CA ASN B 289 10.20 9.69 -23.50
C ASN B 289 9.18 9.55 -24.62
N ASP B 290 7.91 9.33 -24.27
CA ASP B 290 6.87 9.18 -25.26
C ASP B 290 6.50 10.53 -25.86
N TYR B 291 6.51 10.59 -27.20
CA TYR B 291 6.12 11.83 -27.89
C TYR B 291 4.67 12.19 -27.59
N GLN B 292 3.80 11.19 -27.54
CA GLN B 292 2.38 11.40 -27.28
C GLN B 292 2.09 11.83 -25.84
N GLY B 293 3.09 11.78 -24.96
CA GLY B 293 2.91 12.28 -23.61
C GLY B 293 2.13 11.34 -22.72
N ARG B 294 2.60 10.11 -22.62
CA ARG B 294 1.99 9.12 -21.75
C ARG B 294 2.92 8.64 -20.65
N TRP B 295 4.20 8.46 -20.96
CA TRP B 295 5.19 8.05 -19.97
C TRP B 295 6.51 8.73 -20.29
N ILE B 296 7.38 8.77 -19.28
CA ILE B 296 8.66 9.43 -19.39
C ILE B 296 9.77 8.38 -19.32
N ASN B 297 10.99 8.80 -19.64
CA ASN B 297 12.16 7.94 -19.52
C ASN B 297 12.41 7.69 -18.04
N GLY B 298 12.27 6.43 -17.62
CA GLY B 298 12.45 6.06 -16.23
C GLY B 298 11.16 5.83 -15.48
N SER B 299 10.01 6.11 -16.09
CA SER B 299 8.74 5.87 -15.43
C SER B 299 8.50 4.36 -15.36
N MET B 300 8.59 3.80 -14.16
CA MET B 300 8.48 2.35 -14.01
C MET B 300 7.03 1.90 -14.06
N GLY B 301 6.85 0.64 -14.43
CA GLY B 301 5.54 0.03 -14.48
C GLY B 301 5.64 -1.47 -14.28
N ARG B 302 4.48 -2.13 -14.42
CA ARG B 302 4.38 -3.57 -14.24
C ARG B 302 3.57 -4.14 -15.40
N VAL B 303 4.21 -5.03 -16.17
CA VAL B 303 3.56 -5.62 -17.33
C VAL B 303 2.26 -6.29 -16.93
N VAL B 304 1.19 -5.94 -17.64
CA VAL B 304 -0.12 -6.57 -17.47
C VAL B 304 -0.42 -7.20 -18.82
N ASP B 305 -1.55 -7.89 -18.93
CA ASP B 305 -1.79 -8.84 -20.00
C ASP B 305 -1.36 -8.30 -21.36
N ILE B 306 -0.46 -9.02 -22.01
CA ILE B 306 0.03 -8.64 -23.33
C ILE B 306 -1.02 -8.99 -24.37
N GLU B 307 -1.56 -7.97 -25.02
CA GLU B 307 -2.58 -8.18 -26.05
C GLU B 307 -1.85 -8.35 -27.37
N LYS B 308 -1.65 -9.60 -27.78
CA LYS B 308 -0.94 -9.87 -29.01
C LYS B 308 -1.86 -9.77 -30.22
N VAL B 309 -2.54 -8.65 -30.39
CA VAL B 309 -3.31 -8.37 -31.60
C VAL B 309 -2.35 -7.82 -32.66
N LYS B 310 -2.30 -8.48 -33.81
CA LYS B 310 -1.32 -8.15 -34.84
C LYS B 310 -1.94 -8.14 -36.23
N GLY B 311 -1.50 -7.21 -37.06
CA GLY B 311 -1.20 -7.62 -38.41
C GLY B 311 0.13 -7.01 -38.79
N ASN B 312 0.68 -6.21 -37.88
CA ASN B 312 2.08 -5.82 -37.91
C ASN B 312 2.88 -6.34 -36.72
N GLU B 313 2.38 -6.10 -35.51
CA GLU B 313 3.18 -6.25 -34.30
C GLU B 313 2.24 -6.31 -33.10
N ASP B 314 2.71 -6.94 -32.03
CA ASP B 314 1.92 -7.05 -30.79
C ASP B 314 2.33 -5.97 -29.79
N ILE B 315 1.46 -5.76 -28.81
CA ILE B 315 1.59 -4.66 -27.86
C ILE B 315 1.68 -5.20 -26.44
N ILE B 316 2.53 -4.59 -25.63
CA ILE B 316 2.73 -4.96 -24.24
C ILE B 316 2.00 -3.93 -23.37
N TRP B 317 0.93 -4.38 -22.72
CA TRP B 317 0.20 -3.50 -21.81
C TRP B 317 0.91 -3.39 -20.48
N VAL B 318 1.06 -2.16 -19.98
CA VAL B 318 1.81 -1.87 -18.77
C VAL B 318 0.99 -1.00 -17.83
N GLU B 319 1.06 -1.31 -16.53
CA GLU B 319 0.36 -0.58 -15.49
C GLU B 319 1.32 0.37 -14.79
N LEU B 320 1.15 1.67 -15.02
CA LEU B 320 2.10 2.66 -14.55
C LEU B 320 2.02 2.81 -13.03
N GLU B 321 2.91 3.66 -12.50
CA GLU B 321 2.91 3.93 -11.06
C GLU B 321 1.60 4.55 -10.61
N ASP B 322 0.96 5.33 -11.47
CA ASP B 322 -0.37 5.87 -11.22
C ASP B 322 -1.28 5.34 -12.31
N GLY B 323 -2.31 4.60 -11.90
CA GLY B 323 -3.10 3.89 -12.88
C GLY B 323 -2.58 2.48 -13.01
N GLU B 324 -2.47 1.96 -14.24
CA GLU B 324 -2.77 2.54 -15.55
C GLU B 324 -2.77 1.40 -16.56
N GLU B 325 -2.92 1.71 -17.84
CA GLU B 325 -2.76 0.71 -18.89
C GLU B 325 -2.32 1.45 -20.15
N VAL B 326 -1.05 1.35 -20.47
CA VAL B 326 -0.49 1.95 -21.69
C VAL B 326 -0.08 0.82 -22.64
N PRO B 327 -0.48 0.88 -23.91
CA PRO B 327 0.06 -0.05 -24.91
C PRO B 327 1.44 0.39 -25.37
N VAL B 328 2.46 -0.38 -25.00
CA VAL B 328 3.83 -0.10 -25.41
C VAL B 328 4.17 -0.92 -26.64
N GLN B 329 4.62 -0.24 -27.69
CA GLN B 329 5.02 -0.85 -28.95
C GLN B 329 6.47 -0.49 -29.23
N PRO B 330 7.14 -1.20 -30.14
CA PRO B 330 8.56 -0.94 -30.40
C PRO B 330 8.81 0.49 -30.84
N TYR B 331 9.93 1.05 -30.38
CA TYR B 331 10.35 2.40 -30.67
C TYR B 331 11.61 2.40 -31.52
N GLU B 332 11.74 3.39 -32.40
CA GLU B 332 12.87 3.49 -33.31
C GLU B 332 13.90 4.48 -32.78
N TRP B 333 15.12 4.00 -32.56
CA TRP B 333 16.25 4.84 -32.23
C TRP B 333 17.16 4.99 -33.44
N ASP B 334 17.74 6.18 -33.60
CA ASP B 334 18.59 6.49 -34.74
C ASP B 334 19.95 7.00 -34.27
N MET B 335 20.98 6.68 -35.04
CA MET B 335 22.35 7.09 -34.73
C MET B 335 22.79 8.13 -35.76
N PHE B 336 22.92 9.38 -35.32
CA PHE B 336 23.23 10.49 -36.21
C PHE B 336 24.73 10.62 -36.43
N GLU B 337 25.08 11.53 -37.36
CA GLU B 337 26.46 11.93 -37.58
C GLU B 337 26.44 13.29 -38.27
N PHE B 338 27.14 14.26 -37.71
CA PHE B 338 27.11 15.61 -38.24
C PHE B 338 28.10 15.79 -39.38
N TYR B 339 27.75 16.68 -40.31
CA TYR B 339 28.62 17.01 -41.44
C TYR B 339 28.26 18.41 -41.93
N TYR B 340 29.23 19.09 -42.52
CA TYR B 340 29.05 20.46 -42.99
C TYR B 340 28.62 20.46 -44.45
N ASP B 341 27.58 21.21 -44.75
CA ASP B 341 27.08 21.35 -46.11
C ASP B 341 27.22 22.81 -46.52
N LYS B 342 28.10 23.07 -47.49
CA LYS B 342 28.28 24.42 -48.02
C LYS B 342 27.03 24.94 -48.68
N ALA B 343 26.19 24.05 -49.23
CA ALA B 343 24.96 24.50 -49.88
C ALA B 343 24.06 25.24 -48.92
N GLN B 344 23.80 24.66 -47.75
CA GLN B 344 23.06 25.35 -46.69
C GLN B 344 23.98 26.14 -45.75
N LYS B 345 25.30 26.03 -45.94
CA LYS B 345 26.29 26.73 -45.13
C LYS B 345 26.10 26.42 -43.65
N LYS B 346 25.77 25.18 -43.33
CA LYS B 346 25.47 24.81 -41.95
C LYS B 346 25.78 23.35 -41.71
N ILE B 347 25.57 22.92 -40.47
CA ILE B 347 25.92 21.57 -40.01
C ILE B 347 24.66 20.72 -39.99
N LYS B 348 24.56 19.80 -40.93
CA LYS B 348 23.45 18.87 -40.99
C LYS B 348 23.83 17.56 -40.30
N SER B 349 22.82 16.76 -39.97
CA SER B 349 23.03 15.50 -39.26
C SER B 349 22.30 14.40 -40.01
N ARG B 350 23.06 13.57 -40.72
CA ARG B 350 22.46 12.40 -41.36
C ARG B 350 22.51 11.22 -40.39
N THR B 351 21.62 10.26 -40.61
CA THR B 351 21.44 9.11 -39.74
C THR B 351 22.06 7.88 -40.38
N VAL B 352 23.09 7.32 -39.74
CA VAL B 352 23.80 6.18 -40.30
C VAL B 352 23.32 4.85 -39.75
N GLY B 353 22.47 4.86 -38.72
CA GLY B 353 22.03 3.61 -38.10
C GLY B 353 20.67 3.74 -37.45
N SER B 354 20.01 2.60 -37.31
CA SER B 354 18.68 2.53 -36.71
C SER B 354 18.58 1.30 -35.82
N TYR B 355 17.80 1.43 -34.75
CA TYR B 355 17.57 0.36 -33.80
C TYR B 355 16.10 0.35 -33.39
N TYR B 356 15.47 -0.82 -33.48
CA TYR B 356 14.05 -0.99 -33.18
C TYR B 356 13.90 -2.05 -32.10
N GLN B 357 13.26 -1.67 -30.99
CA GLN B 357 12.97 -2.58 -29.89
C GLN B 357 11.96 -1.91 -28.97
N TYR B 358 11.16 -2.72 -28.31
CA TYR B 358 10.26 -2.23 -27.27
C TYR B 358 11.06 -1.46 -26.22
N PRO B 359 10.72 -0.21 -25.94
CA PRO B 359 11.48 0.54 -24.93
C PRO B 359 11.21 0.08 -23.51
N LEU B 360 11.73 -1.09 -23.13
CA LEU B 360 11.41 -1.66 -21.83
C LEU B 360 12.58 -2.51 -21.38
N LYS B 361 12.68 -2.67 -20.06
CA LYS B 361 13.63 -3.60 -19.46
C LYS B 361 13.16 -3.94 -18.05
N PRO B 362 13.41 -5.16 -17.59
CA PRO B 362 13.02 -5.54 -16.22
C PRO B 362 13.63 -4.60 -15.18
N ALA B 363 12.78 -4.10 -14.28
CA ALA B 363 13.14 -3.02 -13.37
C ALA B 363 12.87 -3.42 -11.93
N TRP B 364 13.27 -4.64 -11.57
CA TRP B 364 13.31 -5.00 -10.17
C TRP B 364 14.60 -4.53 -9.52
N ALA B 365 15.67 -4.43 -10.32
CA ALA B 365 16.94 -3.91 -9.82
C ALA B 365 17.73 -3.40 -11.01
N ILE B 366 18.42 -2.28 -10.80
CA ILE B 366 19.29 -1.68 -11.81
C ILE B 366 20.44 -1.01 -11.09
N THR B 367 21.50 -0.77 -11.83
CA THR B 367 22.70 -0.24 -11.20
C THR B 367 22.68 1.28 -11.24
N ILE B 368 23.30 1.87 -10.22
CA ILE B 368 23.39 3.33 -10.11
C ILE B 368 23.86 3.95 -11.41
N HIS B 369 24.88 3.36 -12.02
CA HIS B 369 25.46 3.92 -13.24
C HIS B 369 24.45 3.93 -14.36
N LYS B 370 23.61 2.88 -14.44
CA LYS B 370 22.57 2.84 -15.45
C LYS B 370 21.49 3.88 -15.20
N SER B 371 21.28 4.23 -13.94
CA SER B 371 20.21 5.13 -13.52
C SER B 371 20.68 6.58 -13.36
N GLN B 372 21.70 6.99 -14.10
CA GLN B 372 22.23 8.34 -14.00
C GLN B 372 21.21 9.35 -14.52
N GLY B 373 20.88 10.32 -13.67
CA GLY B 373 19.91 11.34 -14.01
C GLY B 373 18.47 10.89 -13.89
N LEU B 374 18.14 10.18 -12.81
CA LEU B 374 16.79 9.69 -12.62
C LEU B 374 16.44 9.71 -11.13
N THR B 375 15.16 9.92 -10.84
CA THR B 375 14.64 9.90 -9.48
C THR B 375 13.43 8.97 -9.42
N PHE B 376 13.45 8.05 -8.46
CA PHE B 376 12.41 7.04 -8.30
C PHE B 376 11.76 7.22 -6.94
N ASP B 377 10.43 7.03 -6.90
CA ASP B 377 9.70 7.27 -5.66
C ASP B 377 10.05 6.24 -4.60
N LYS B 378 10.20 4.98 -4.99
CA LYS B 378 10.48 3.89 -4.06
C LYS B 378 11.78 3.21 -4.47
N VAL B 379 12.81 3.37 -3.65
CA VAL B 379 14.14 2.84 -3.90
C VAL B 379 14.57 1.98 -2.72
N ILE B 380 15.27 0.89 -3.02
CA ILE B 380 15.80 -0.01 -2.01
C ILE B 380 17.32 0.07 -2.09
N ILE B 381 17.94 0.72 -1.11
CA ILE B 381 19.38 0.83 -1.10
C ILE B 381 19.92 -0.29 -0.23
N ASP B 382 20.70 -1.17 -0.86
CA ASP B 382 21.36 -2.31 -0.26
C ASP B 382 22.66 -1.82 0.36
N ILE B 383 23.52 -2.75 0.78
CA ILE B 383 24.76 -2.34 1.41
C ILE B 383 25.89 -2.28 0.40
N GLY B 384 25.66 -2.73 -0.85
CA GLY B 384 26.62 -2.53 -1.92
C GLY B 384 27.12 -3.81 -2.57
N ARG B 385 26.38 -4.92 -2.48
CA ARG B 385 26.39 -5.56 -1.18
C ARG B 385 27.82 -5.55 -0.69
N GLY B 386 28.00 -4.91 0.47
CA GLY B 386 29.33 -4.66 0.97
C GLY B 386 29.73 -3.21 0.68
N THR B 387 29.75 -2.26 1.61
CA THR B 387 30.83 -1.26 1.67
C THR B 387 31.10 -0.51 0.35
N PHE B 388 30.12 0.25 -0.19
CA PHE B 388 29.98 0.34 -1.66
C PHE B 388 31.23 0.92 -2.32
N SER B 389 31.58 2.16 -2.00
CA SER B 389 32.74 2.87 -2.51
C SER B 389 33.09 3.97 -1.51
N HIS B 390 34.24 4.61 -1.73
CA HIS B 390 34.34 5.91 -1.08
C HIS B 390 33.48 6.86 -1.91
N GLY B 391 32.23 7.03 -1.49
CA GLY B 391 31.35 8.07 -1.95
C GLY B 391 30.25 7.59 -2.87
N GLN B 392 29.92 6.31 -2.84
CA GLN B 392 28.81 5.79 -3.62
C GLN B 392 27.47 6.05 -2.94
N LEU B 393 27.49 6.36 -1.65
CA LEU B 393 26.25 6.50 -0.90
C LEU B 393 25.55 7.79 -1.29
N TYR B 394 26.30 8.87 -1.50
CA TYR B 394 25.68 10.14 -1.87
C TYR B 394 24.99 10.04 -3.22
N VAL B 395 25.60 9.35 -4.17
CA VAL B 395 24.97 9.18 -5.48
C VAL B 395 23.72 8.33 -5.35
N ALA B 396 23.80 7.23 -4.59
CA ALA B 396 22.63 6.38 -4.42
C ALA B 396 21.48 7.14 -3.77
N LEU B 397 21.80 7.99 -2.80
CA LEU B 397 20.76 8.80 -2.18
C LEU B 397 20.23 9.83 -3.15
N SER B 398 21.10 10.37 -4.01
CA SER B 398 20.63 11.36 -4.98
C SER B 398 19.77 10.74 -6.06
N ARG B 399 19.65 9.40 -6.09
CA ARG B 399 18.75 8.74 -7.01
C ARG B 399 17.30 8.76 -6.53
N CYS B 400 17.06 9.12 -5.27
CA CYS B 400 15.74 9.02 -4.68
C CYS B 400 14.95 10.31 -4.89
N ARG B 401 13.65 10.23 -4.66
CA ARG B 401 12.78 11.41 -4.73
C ARG B 401 12.44 11.96 -3.35
N SER B 402 11.93 11.13 -2.44
CA SER B 402 11.54 11.58 -1.11
C SER B 402 12.03 10.60 -0.07
N LEU B 403 12.06 11.05 1.19
CA LEU B 403 12.47 10.19 2.29
C LEU B 403 11.39 9.19 2.65
N GLU B 404 10.11 9.56 2.51
CA GLU B 404 9.05 8.62 2.78
C GLU B 404 8.91 7.56 1.70
N GLY B 405 9.77 7.58 0.67
CA GLY B 405 9.83 6.49 -0.28
C GLY B 405 11.16 5.74 -0.34
N LEU B 406 12.21 6.27 0.30
CA LEU B 406 13.52 5.62 0.33
C LEU B 406 13.57 4.52 1.38
N VAL B 407 13.92 3.30 0.99
CA VAL B 407 14.05 2.21 1.95
C VAL B 407 15.49 1.73 1.91
N LEU B 408 16.18 1.82 3.04
CA LEU B 408 17.59 1.45 3.10
C LEU B 408 17.70 0.06 3.72
N LYS B 409 18.24 -0.88 2.93
CA LYS B 409 18.34 -2.28 3.33
C LYS B 409 18.82 -2.47 4.76
N LYS B 410 19.82 -1.70 5.20
CA LYS B 410 20.37 -1.96 6.51
C LYS B 410 20.78 -0.67 7.21
N PRO B 411 20.53 -0.60 8.50
CA PRO B 411 20.91 0.58 9.29
C PRO B 411 22.40 0.75 9.59
N ILE B 412 23.36 0.78 8.66
CA ILE B 412 24.68 0.86 9.25
C ILE B 412 25.24 2.28 9.14
N SER B 413 25.40 2.82 7.94
CA SER B 413 25.03 4.19 7.59
C SER B 413 25.81 5.27 8.33
N GLU B 414 26.82 4.91 9.14
CA GLU B 414 27.01 5.66 10.39
C GLU B 414 27.30 7.14 10.14
N LYS B 415 28.41 7.45 9.46
CA LYS B 415 28.46 8.58 8.55
C LYS B 415 29.43 8.21 7.42
N TYR B 416 28.93 7.74 6.29
CA TYR B 416 29.78 7.74 5.10
C TYR B 416 29.03 8.21 3.86
N ILE B 417 27.87 8.85 4.04
CA ILE B 417 27.13 9.46 2.93
C ILE B 417 27.96 10.52 2.21
N TRP B 418 28.91 11.14 2.91
CA TRP B 418 29.54 12.38 2.50
C TRP B 418 29.89 12.41 1.02
N LEU B 419 29.57 13.54 0.39
CA LEU B 419 29.94 13.82 -0.99
C LEU B 419 31.43 13.64 -1.21
N ASP B 420 31.78 13.23 -2.42
CA ASP B 420 33.15 12.83 -2.78
C ASP B 420 33.99 14.09 -2.94
N LYS B 421 34.61 14.52 -1.84
CA LYS B 421 35.27 15.82 -1.86
C LYS B 421 36.62 15.71 -2.57
N ARG B 422 36.52 15.32 -3.84
CA ARG B 422 37.17 16.06 -4.91
C ARG B 422 36.20 17.04 -5.57
N VAL B 423 34.97 16.57 -5.81
CA VAL B 423 33.90 17.43 -6.32
C VAL B 423 33.68 18.64 -5.44
N VAL B 424 33.68 18.43 -4.11
CA VAL B 424 33.38 19.51 -3.18
C VAL B 424 34.41 20.63 -3.32
N SER B 425 35.67 20.25 -3.47
CA SER B 425 36.72 21.24 -3.66
C SER B 425 36.47 22.04 -4.92
N PHE B 426 36.24 21.35 -6.04
CA PHE B 426 35.98 22.03 -7.31
C PHE B 426 34.77 22.94 -7.22
N LEU B 427 33.72 22.49 -6.54
CA LEU B 427 32.50 23.28 -6.47
C LEU B 427 32.69 24.51 -5.60
N THR B 428 33.41 24.36 -4.49
CA THR B 428 33.65 25.52 -3.64
C THR B 428 34.65 26.50 -4.26
N LYS B 429 35.44 26.03 -5.23
CA LYS B 429 36.32 26.94 -5.96
C LYS B 429 35.54 27.78 -6.96
N TYR B 430 34.67 27.14 -7.74
CA TYR B 430 33.97 27.86 -8.80
C TYR B 430 32.78 28.65 -8.31
N GLN B 431 32.12 28.19 -7.24
CA GLN B 431 30.99 28.95 -6.70
C GLN B 431 31.45 30.24 -6.06
N TYR B 432 32.69 30.27 -5.57
CA TYR B 432 33.27 31.45 -4.94
C TYR B 432 34.34 32.10 -5.81
N LYS B 433 34.17 32.01 -7.13
CA LYS B 433 35.05 32.71 -8.07
C LYS B 433 34.29 33.73 -8.89
N MET C 1 -49.18 -14.54 15.90
CA MET C 1 -47.91 -15.22 15.70
C MET C 1 -47.58 -15.24 14.22
N ILE C 2 -46.43 -15.75 13.80
CA ILE C 2 -46.10 -15.73 12.39
C ILE C 2 -45.59 -17.10 11.96
N GLN C 3 -45.58 -17.32 10.62
CA GLN C 3 -44.96 -18.47 9.96
C GLN C 3 -44.16 -18.07 8.70
N THR C 4 -43.36 -17.02 8.66
CA THR C 4 -43.09 -16.58 7.29
C THR C 4 -41.71 -17.01 6.87
N VAL C 5 -41.37 -18.19 7.37
CA VAL C 5 -40.05 -18.77 7.38
C VAL C 5 -40.06 -20.05 6.56
N GLU C 6 -38.93 -20.31 5.91
CA GLU C 6 -38.68 -21.54 5.18
C GLU C 6 -38.02 -22.54 6.13
N PHE C 7 -38.73 -23.61 6.45
CA PHE C 7 -38.26 -24.58 7.43
C PHE C 7 -37.26 -25.52 6.74
N ASN C 8 -35.98 -25.14 6.81
CA ASN C 8 -34.97 -25.95 6.17
C ASN C 8 -34.72 -27.21 6.98
N GLU C 9 -33.98 -28.16 6.38
CA GLU C 9 -33.60 -29.36 7.10
C GLU C 9 -32.88 -29.02 8.40
N GLN C 10 -31.91 -28.10 8.33
CA GLN C 10 -31.21 -27.66 9.53
C GLN C 10 -32.14 -26.90 10.44
N PHE C 11 -32.95 -26.01 9.86
CA PHE C 11 -33.91 -25.26 10.64
C PHE C 11 -34.89 -26.18 11.34
N SER C 12 -35.44 -27.14 10.60
CA SER C 12 -36.42 -28.04 11.20
C SER C 12 -35.78 -28.96 12.22
N LYS C 13 -34.55 -29.39 11.97
CA LYS C 13 -33.87 -30.23 12.94
C LYS C 13 -33.58 -29.45 14.21
N ALA C 14 -33.22 -28.18 14.09
CA ALA C 14 -32.90 -27.40 15.28
C ALA C 14 -34.14 -27.16 16.13
N LEU C 15 -35.27 -26.81 15.51
CA LEU C 15 -36.49 -26.63 16.27
C LEU C 15 -36.96 -27.94 16.90
N ASP C 16 -36.72 -29.06 16.22
CA ASP C 16 -37.07 -30.36 16.80
C ASP C 16 -36.28 -30.60 18.07
N LEU C 17 -34.96 -30.40 18.01
CA LEU C 17 -34.15 -30.58 19.21
C LEU C 17 -34.54 -29.59 20.30
N MET C 18 -35.05 -28.42 19.91
CA MET C 18 -35.38 -27.40 20.90
C MET C 18 -36.66 -27.74 21.65
N GLU C 19 -37.75 -27.97 20.94
CA GLU C 19 -39.06 -27.95 21.58
C GLU C 19 -39.45 -29.31 22.16
N ASN C 20 -39.48 -30.35 21.32
CA ASN C 20 -40.00 -31.63 21.80
C ASN C 20 -39.01 -32.35 22.71
N THR C 21 -37.71 -32.18 22.51
CA THR C 21 -36.71 -32.82 23.35
C THR C 21 -36.27 -31.88 24.45
N ASN C 22 -35.64 -32.48 25.48
CA ASN C 22 -35.06 -31.73 26.59
C ASN C 22 -33.55 -31.88 26.64
N LYS C 23 -32.90 -31.99 25.48
CA LYS C 23 -31.46 -32.13 25.42
C LYS C 23 -30.79 -30.76 25.29
N ASN C 24 -29.61 -30.65 25.88
CA ASN C 24 -28.78 -29.47 25.65
C ASN C 24 -28.27 -29.48 24.21
N VAL C 25 -28.34 -28.32 23.56
CA VAL C 25 -28.10 -28.26 22.12
C VAL C 25 -27.19 -27.08 21.82
N LEU C 26 -26.45 -27.19 20.72
CA LEU C 26 -25.49 -26.19 20.29
C LEU C 26 -25.73 -25.90 18.81
N ILE C 27 -26.34 -24.77 18.52
CA ILE C 27 -26.58 -24.32 17.16
C ILE C 27 -25.52 -23.29 16.82
N VAL C 28 -24.81 -23.49 15.73
CA VAL C 28 -23.80 -22.52 15.37
C VAL C 28 -24.11 -22.06 13.95
N GLY C 29 -23.90 -20.79 13.66
CA GLY C 29 -23.91 -20.56 12.24
C GLY C 29 -22.91 -19.67 11.55
N ARG C 30 -23.46 -18.82 10.68
CA ARG C 30 -22.63 -17.98 9.83
C ARG C 30 -23.04 -16.49 9.61
N ALA C 31 -23.70 -15.76 10.52
CA ALA C 31 -23.91 -14.34 10.15
C ALA C 31 -24.68 -14.06 8.83
N GLY C 32 -25.97 -14.46 8.69
CA GLY C 32 -26.59 -14.92 7.45
C GLY C 32 -27.11 -16.33 7.31
N THR C 33 -27.52 -16.85 8.46
CA THR C 33 -28.06 -18.19 8.66
C THR C 33 -29.53 -18.19 9.02
N GLY C 34 -29.95 -17.45 10.04
CA GLY C 34 -31.22 -17.80 10.65
C GLY C 34 -31.26 -17.81 12.15
N LYS C 35 -30.16 -17.42 12.79
CA LYS C 35 -30.13 -17.53 14.24
C LYS C 35 -31.20 -16.68 14.90
N SER C 36 -31.16 -15.36 14.70
CA SER C 36 -32.20 -14.53 15.28
C SER C 36 -33.58 -14.93 14.76
N THR C 37 -33.66 -15.34 13.51
CA THR C 37 -34.94 -15.78 12.98
C THR C 37 -35.41 -17.05 13.70
N LEU C 38 -34.54 -18.05 13.80
CA LEU C 38 -34.89 -19.26 14.55
C LEU C 38 -35.11 -18.95 16.02
N LEU C 39 -34.23 -18.15 16.62
CA LEU C 39 -34.35 -17.84 18.04
C LEU C 39 -35.66 -17.15 18.34
N ASN C 40 -36.04 -16.20 17.49
CA ASN C 40 -37.26 -15.44 17.77
C ASN C 40 -38.49 -16.26 17.43
N TYR C 41 -38.43 -17.11 16.41
CA TYR C 41 -39.59 -17.94 16.10
C TYR C 41 -39.86 -18.94 17.22
N PHE C 42 -38.81 -19.58 17.72
CA PHE C 42 -38.97 -20.44 18.90
C PHE C 42 -39.45 -19.63 20.09
N ARG C 43 -38.83 -18.48 20.33
CA ARG C 43 -39.13 -17.66 21.50
C ARG C 43 -40.61 -17.31 21.55
N ASN C 44 -41.20 -16.88 20.42
CA ASN C 44 -42.58 -16.41 20.43
C ASN C 44 -43.58 -17.56 20.50
N ASN C 45 -43.28 -18.67 19.82
CA ASN C 45 -44.24 -19.72 19.57
C ASN C 45 -44.01 -20.95 20.45
N THR C 46 -43.54 -20.75 21.68
CA THR C 46 -43.33 -21.83 22.63
C THR C 46 -44.04 -21.52 23.94
N LYS C 47 -44.26 -22.57 24.72
CA LYS C 47 -44.91 -22.47 26.03
C LYS C 47 -44.06 -23.17 27.08
N LYS C 48 -42.75 -22.98 27.02
CA LYS C 48 -41.81 -23.83 27.74
C LYS C 48 -41.05 -23.09 28.84
N LYS C 49 -41.53 -21.92 29.27
CA LYS C 49 -40.99 -21.20 30.43
C LYS C 49 -39.47 -21.08 30.35
N ILE C 50 -39.00 -20.41 29.30
CA ILE C 50 -37.59 -20.32 29.00
C ILE C 50 -37.06 -18.94 29.36
N ALA C 51 -35.74 -18.81 29.43
CA ALA C 51 -35.06 -17.54 29.74
C ALA C 51 -33.96 -17.31 28.72
N VAL C 52 -34.02 -16.19 28.02
CA VAL C 52 -33.08 -15.86 26.94
C VAL C 52 -32.03 -14.89 27.48
N LEU C 53 -30.75 -15.30 27.42
CA LEU C 53 -29.62 -14.49 27.88
C LEU C 53 -28.67 -14.14 26.73
N ALA C 54 -27.82 -13.13 26.98
CA ALA C 54 -26.80 -12.71 26.03
C ALA C 54 -25.59 -12.21 26.82
N PRO C 55 -24.38 -12.38 26.28
CA PRO C 55 -23.18 -12.00 27.05
C PRO C 55 -23.11 -10.52 27.43
N THR C 56 -23.23 -9.62 26.47
CA THR C 56 -23.09 -8.19 26.72
C THR C 56 -24.45 -7.53 26.87
N GLY C 57 -24.43 -6.34 27.47
CA GLY C 57 -25.67 -5.57 27.58
C GLY C 57 -26.20 -5.12 26.24
N VAL C 58 -25.32 -4.88 25.27
CA VAL C 58 -25.79 -4.49 23.95
C VAL C 58 -26.47 -5.66 23.26
N ALA C 59 -25.85 -6.85 23.31
CA ALA C 59 -26.46 -8.04 22.71
C ALA C 59 -27.74 -8.42 23.43
N ALA C 60 -27.84 -8.13 24.72
CA ALA C 60 -29.05 -8.45 25.46
C ALA C 60 -30.21 -7.56 25.04
N VAL C 61 -29.96 -6.26 24.88
CA VAL C 61 -31.02 -5.33 24.51
C VAL C 61 -31.51 -5.61 23.10
N ASN C 62 -30.61 -6.03 22.20
CA ASN C 62 -31.03 -6.32 20.83
C ASN C 62 -32.02 -7.48 20.79
N ILE C 63 -31.72 -8.56 21.50
CA ILE C 63 -32.61 -9.72 21.53
C ILE C 63 -33.79 -9.54 22.47
N LYS C 64 -33.90 -8.38 23.13
CA LYS C 64 -34.93 -8.15 24.14
C LYS C 64 -34.81 -9.15 25.29
N GLY C 65 -33.58 -9.50 25.65
CA GLY C 65 -33.34 -10.40 26.76
C GLY C 65 -32.57 -9.76 27.89
N GLN C 66 -31.89 -10.56 28.71
CA GLN C 66 -31.17 -10.07 29.87
C GLN C 66 -29.72 -10.53 29.82
N THR C 67 -28.83 -9.73 30.40
CA THR C 67 -27.42 -10.08 30.42
C THR C 67 -27.15 -11.19 31.44
N ILE C 68 -26.15 -12.02 31.14
CA ILE C 68 -25.79 -13.13 32.01
C ILE C 68 -25.43 -12.63 33.40
N HIS C 69 -24.60 -11.60 33.48
CA HIS C 69 -24.18 -11.07 34.77
C HIS C 69 -25.37 -10.56 35.57
N SER C 70 -26.39 -10.02 34.90
CA SER C 70 -27.57 -9.50 35.58
C SER C 70 -28.47 -10.64 36.03
N PHE C 71 -28.59 -11.67 35.20
CA PHE C 71 -29.51 -12.76 35.47
C PHE C 71 -29.05 -13.59 36.66
N PHE C 72 -27.74 -13.77 36.80
CA PHE C 72 -27.16 -14.52 37.91
C PHE C 72 -26.63 -13.63 39.03
N ASN C 73 -26.76 -12.31 38.90
CA ASN C 73 -26.21 -11.36 39.86
C ASN C 73 -24.69 -11.51 39.96
N PHE C 74 -24.05 -11.72 38.81
CA PHE C 74 -22.60 -11.92 38.75
C PHE C 74 -21.85 -10.59 38.74
N LYS C 75 -20.92 -10.43 39.68
CA LYS C 75 -20.02 -9.28 39.66
C LYS C 75 -19.01 -9.42 38.52
N PRO C 76 -18.49 -8.30 38.00
CA PRO C 76 -17.56 -8.38 36.86
C PRO C 76 -16.33 -9.23 37.12
N ASP C 77 -15.97 -9.48 38.37
CA ASP C 77 -14.74 -10.17 38.71
C ASP C 77 -15.00 -11.59 39.22
N ILE C 78 -16.20 -12.13 39.00
CA ILE C 78 -16.59 -13.38 39.65
C ILE C 78 -15.59 -14.49 39.36
N THR C 79 -15.43 -15.37 40.34
CA THR C 79 -14.65 -16.60 40.24
C THR C 79 -15.54 -17.79 40.59
N LEU C 80 -14.98 -19.00 40.44
CA LEU C 80 -15.68 -20.21 40.82
C LEU C 80 -15.82 -20.36 42.33
N SER C 81 -14.96 -19.72 43.11
CA SER C 81 -15.04 -19.74 44.56
C SER C 81 -16.15 -18.82 45.07
N SER C 82 -16.23 -17.59 44.53
CA SER C 82 -17.16 -16.59 45.02
C SER C 82 -18.60 -16.85 44.56
N VAL C 83 -18.76 -17.60 43.47
CA VAL C 83 -20.09 -17.92 42.95
C VAL C 83 -20.89 -18.70 43.99
N LYS C 84 -20.21 -19.48 44.82
CA LYS C 84 -20.89 -20.32 45.80
C LYS C 84 -21.58 -19.49 46.87
N ASP C 85 -21.08 -18.27 47.14
CA ASP C 85 -21.68 -17.38 48.11
C ASP C 85 -22.77 -16.47 47.54
N ILE C 86 -23.02 -16.53 46.24
CA ILE C 86 -23.97 -15.61 45.62
C ILE C 86 -25.39 -15.99 45.99
N LYS C 87 -26.12 -15.03 46.59
CA LYS C 87 -27.53 -15.22 46.93
C LYS C 87 -28.42 -14.79 45.78
N PRO C 88 -29.25 -15.68 45.24
CA PRO C 88 -30.11 -15.35 44.10
C PRO C 88 -31.10 -14.25 44.41
N LYS C 89 -31.20 -13.27 43.51
CA LYS C 89 -32.17 -12.20 43.67
C LYS C 89 -33.59 -12.75 43.73
N ASN C 90 -33.91 -13.75 42.91
CA ASN C 90 -35.24 -14.34 42.89
C ASN C 90 -35.06 -15.84 43.12
N LYS C 91 -35.08 -16.19 44.41
CA LYS C 91 -34.95 -17.57 44.86
C LYS C 91 -35.92 -18.49 44.13
N GLU C 92 -37.15 -18.02 43.92
CA GLU C 92 -38.23 -18.84 43.37
C GLU C 92 -37.88 -19.31 41.96
N ILE C 93 -37.11 -18.52 41.23
CA ILE C 93 -36.75 -18.91 39.87
C ILE C 93 -35.51 -19.82 39.94
N TYR C 94 -35.28 -20.53 38.84
CA TYR C 94 -34.32 -21.60 38.59
C TYR C 94 -34.75 -22.91 39.23
N LYS C 95 -35.85 -22.94 39.96
CA LYS C 95 -36.55 -24.19 40.17
C LYS C 95 -37.59 -24.45 39.10
N LYS C 96 -38.19 -23.39 38.54
CA LYS C 96 -39.28 -23.51 37.60
C LYS C 96 -38.82 -23.52 36.15
N LEU C 97 -37.62 -23.04 35.87
CA LEU C 97 -37.19 -22.83 34.50
C LEU C 97 -37.00 -24.16 33.78
N ASP C 98 -37.64 -24.31 32.64
CA ASP C 98 -37.45 -25.51 31.84
C ASP C 98 -36.23 -25.42 30.92
N ALA C 99 -35.99 -24.25 30.34
CA ALA C 99 -34.90 -24.09 29.40
C ALA C 99 -34.25 -22.72 29.56
N ILE C 100 -33.01 -22.61 29.08
CA ILE C 100 -32.26 -21.36 29.08
C ILE C 100 -31.50 -21.23 27.76
N VAL C 101 -31.72 -20.12 27.05
CA VAL C 101 -31.04 -19.86 25.78
C VAL C 101 -29.91 -18.89 26.00
N ILE C 102 -28.83 -19.05 25.23
CA ILE C 102 -27.68 -18.15 25.29
C ILE C 102 -27.26 -17.79 23.87
N ASP C 103 -27.53 -16.56 23.46
CA ASP C 103 -27.14 -16.08 22.15
C ASP C 103 -25.72 -15.52 22.17
N GLU C 104 -25.10 -15.45 20.99
CA GLU C 104 -23.72 -14.99 20.83
C GLU C 104 -22.79 -15.73 21.79
N VAL C 105 -22.98 -17.04 21.88
CA VAL C 105 -22.13 -17.89 22.69
C VAL C 105 -20.67 -17.88 22.24
N SER C 106 -20.38 -17.35 21.05
CA SER C 106 -19.00 -17.27 20.59
C SER C 106 -18.14 -16.47 21.56
N MET C 107 -18.71 -15.41 22.13
CA MET C 107 -17.98 -14.49 23.01
C MET C 107 -18.25 -14.76 24.49
N VAL C 108 -18.47 -16.02 24.85
CA VAL C 108 -18.63 -16.44 26.23
C VAL C 108 -17.39 -17.23 26.63
N ARG C 109 -16.61 -16.70 27.58
CA ARG C 109 -15.35 -17.36 27.90
C ARG C 109 -15.59 -18.57 28.80
N ALA C 110 -14.58 -19.46 28.83
CA ALA C 110 -14.73 -20.75 29.51
C ALA C 110 -15.01 -20.57 31.00
N ASP C 111 -14.30 -19.66 31.67
CA ASP C 111 -14.47 -19.47 33.10
C ASP C 111 -15.90 -19.06 33.44
N LEU C 112 -16.49 -18.17 32.64
CA LEU C 112 -17.85 -17.74 32.87
C LEU C 112 -18.83 -18.89 32.65
N PHE C 113 -18.55 -19.74 31.66
CA PHE C 113 -19.38 -20.90 31.39
C PHE C 113 -19.38 -21.85 32.58
N ASP C 114 -18.22 -22.06 33.19
CA ASP C 114 -18.14 -22.91 34.37
C ASP C 114 -18.84 -22.27 35.56
N CYS C 115 -18.78 -20.94 35.69
CA CYS C 115 -19.49 -20.26 36.76
C CYS C 115 -20.99 -20.40 36.59
N ILE C 116 -21.46 -20.34 35.35
CA ILE C 116 -22.88 -20.57 35.08
C ILE C 116 -23.30 -21.97 35.50
N ASN C 117 -22.49 -22.97 35.14
CA ASN C 117 -22.81 -24.35 35.47
C ASN C 117 -22.85 -24.56 36.98
N GLU C 118 -21.87 -24.00 37.70
CA GLU C 118 -21.86 -24.14 39.14
C GLU C 118 -23.08 -23.49 39.78
N PHE C 119 -23.46 -22.31 39.30
CA PHE C 119 -24.62 -21.62 39.87
C PHE C 119 -25.90 -22.44 39.66
N LEU C 120 -26.13 -22.90 38.43
CA LEU C 120 -27.33 -23.69 38.15
C LEU C 120 -27.26 -25.05 38.82
N LYS C 121 -26.06 -25.56 39.09
CA LYS C 121 -25.94 -26.79 39.86
C LYS C 121 -26.31 -26.58 41.32
N ILE C 122 -26.19 -25.37 41.83
CA ILE C 122 -26.49 -25.13 43.23
C ILE C 122 -27.94 -24.69 43.44
N HIS C 123 -28.53 -24.02 42.46
CA HIS C 123 -29.88 -23.51 42.60
C HIS C 123 -30.88 -24.17 41.65
N GLY C 124 -30.46 -25.18 40.90
CA GLY C 124 -31.33 -25.79 39.92
C GLY C 124 -32.24 -26.83 40.54
N LYS C 125 -33.05 -27.45 39.66
CA LYS C 125 -33.94 -28.50 40.11
C LYS C 125 -33.14 -29.64 40.74
N GLN C 126 -32.26 -30.26 39.94
CA GLN C 126 -31.43 -31.37 40.38
C GLN C 126 -30.07 -30.81 40.77
N PRO C 127 -29.80 -30.56 42.06
CA PRO C 127 -28.54 -29.89 42.43
C PRO C 127 -27.30 -30.73 42.17
N GLY C 128 -27.44 -31.94 41.63
CA GLY C 128 -26.30 -32.77 41.30
C GLY C 128 -26.11 -32.87 39.80
N GLU C 129 -27.21 -32.78 39.06
CA GLU C 129 -27.17 -32.90 37.62
C GLU C 129 -26.61 -31.62 36.99
N PRO C 130 -26.00 -31.74 35.81
CA PRO C 130 -25.45 -30.54 35.15
C PRO C 130 -26.51 -29.49 34.93
N PHE C 131 -26.20 -28.27 35.39
CA PHE C 131 -27.09 -27.13 35.26
C PHE C 131 -28.43 -27.34 35.95
N GLY C 132 -28.44 -28.18 36.98
CA GLY C 132 -29.70 -28.51 37.64
C GLY C 132 -30.71 -29.18 36.74
N GLY C 133 -30.25 -29.85 35.68
CA GLY C 133 -31.14 -30.57 34.78
C GLY C 133 -31.91 -29.74 33.78
N ILE C 134 -31.74 -28.42 33.76
CA ILE C 134 -32.50 -27.58 32.85
C ILE C 134 -31.83 -27.56 31.47
N GLN C 135 -32.63 -27.83 30.44
CA GLN C 135 -32.15 -27.88 29.07
C GLN C 135 -31.67 -26.51 28.63
N LEU C 136 -30.39 -26.40 28.27
CA LEU C 136 -29.85 -25.12 27.80
C LEU C 136 -29.54 -25.17 26.30
N ILE C 137 -29.94 -24.11 25.61
CA ILE C 137 -29.78 -23.98 24.16
C ILE C 137 -28.74 -22.89 23.89
N LEU C 138 -27.65 -23.25 23.23
CA LEU C 138 -26.59 -22.30 22.88
C LEU C 138 -26.64 -21.95 21.40
N ILE C 139 -26.39 -20.68 21.10
CA ILE C 139 -26.47 -20.14 19.74
C ILE C 139 -25.33 -19.16 19.54
N GLY C 140 -24.60 -19.30 18.45
CA GLY C 140 -23.51 -18.39 18.16
C GLY C 140 -22.96 -18.61 16.77
N ASP C 141 -21.84 -17.95 16.48
CA ASP C 141 -21.21 -18.05 15.17
C ASP C 141 -19.98 -18.96 15.16
N LEU C 142 -19.22 -18.96 16.25
CA LEU C 142 -17.97 -19.73 16.35
C LEU C 142 -17.06 -19.47 15.16
N TYR C 143 -17.07 -18.23 14.67
CA TYR C 143 -16.07 -17.77 13.72
C TYR C 143 -15.62 -16.36 14.07
N GLN C 144 -15.70 -15.97 15.33
CA GLN C 144 -15.62 -14.57 15.68
C GLN C 144 -14.66 -14.32 16.83
N LEU C 145 -13.49 -14.98 16.82
CA LEU C 145 -12.40 -14.69 17.75
C LEU C 145 -12.74 -15.12 19.18
N PRO C 146 -11.73 -15.45 19.97
CA PRO C 146 -11.99 -15.87 21.34
C PRO C 146 -11.97 -14.69 22.28
N PRO C 147 -12.69 -14.77 23.39
CA PRO C 147 -12.75 -13.65 24.34
C PRO C 147 -11.37 -13.27 24.85
N VAL C 148 -11.11 -11.96 24.88
CA VAL C 148 -9.78 -11.45 25.20
C VAL C 148 -9.37 -11.94 26.60
N VAL C 149 -8.05 -12.00 26.81
CA VAL C 149 -7.50 -12.94 27.78
C VAL C 149 -6.55 -12.26 28.77
N THR C 150 -6.60 -10.93 28.84
CA THR C 150 -6.21 -10.21 30.06
C THR C 150 -4.79 -10.59 30.53
N SER C 151 -3.81 -10.30 29.67
CA SER C 151 -2.54 -11.04 29.64
C SER C 151 -1.94 -11.24 31.02
N SER C 152 -2.17 -10.32 31.96
CA SER C 152 -1.81 -10.63 33.34
C SER C 152 -2.50 -11.90 33.82
N GLU C 153 -3.82 -11.99 33.69
CA GLU C 153 -4.55 -13.23 33.97
C GLU C 153 -4.11 -14.39 33.05
N LYS C 154 -3.53 -14.08 31.89
CA LYS C 154 -3.33 -15.08 30.83
C LYS C 154 -2.52 -16.26 31.33
N LYS C 155 -1.44 -16.00 32.07
CA LYS C 155 -0.48 -17.06 32.41
C LYS C 155 -1.16 -18.24 33.08
N PHE C 156 -1.93 -18.00 34.13
CA PHE C 156 -2.58 -19.12 34.81
C PHE C 156 -3.92 -19.50 34.20
N PHE C 157 -4.57 -18.61 33.46
CA PHE C 157 -5.72 -19.04 32.68
C PHE C 157 -5.30 -20.11 31.66
N SER C 158 -4.13 -19.94 31.05
CA SER C 158 -3.63 -20.93 30.10
C SER C 158 -3.43 -22.28 30.77
N GLN C 159 -3.19 -22.28 32.07
CA GLN C 159 -2.98 -23.52 32.80
C GLN C 159 -4.27 -24.15 33.30
N ILE C 160 -5.34 -23.37 33.42
CA ILE C 160 -6.63 -23.92 33.80
C ILE C 160 -7.44 -24.34 32.58
N TYR C 161 -7.51 -23.47 31.58
CA TYR C 161 -8.28 -23.71 30.37
C TYR C 161 -7.37 -23.75 29.16
N LYS C 162 -7.60 -24.72 28.27
CA LYS C 162 -6.78 -24.82 27.07
C LYS C 162 -6.98 -23.64 26.13
N SER C 163 -8.19 -23.09 26.07
CA SER C 163 -8.45 -21.92 25.25
C SER C 163 -9.57 -21.12 25.88
N PRO C 164 -9.63 -19.81 25.66
CA PRO C 164 -10.74 -19.01 26.19
C PRO C 164 -12.07 -19.30 25.53
N PHE C 165 -12.14 -20.22 24.57
CA PHE C 165 -13.40 -20.61 23.98
C PHE C 165 -14.29 -21.28 25.02
N PHE C 166 -15.60 -21.11 24.85
CA PHE C 166 -16.55 -21.75 25.75
C PHE C 166 -16.47 -23.27 25.66
N PHE C 167 -16.17 -23.81 24.47
CA PHE C 167 -16.15 -25.26 24.29
C PHE C 167 -14.94 -25.92 24.93
N ASP C 168 -13.99 -25.13 25.42
CA ASP C 168 -12.85 -25.65 26.17
C ASP C 168 -13.06 -25.52 27.68
N SER C 169 -14.30 -25.37 28.12
CA SER C 169 -14.67 -25.37 29.52
C SER C 169 -15.03 -26.77 30.00
N ILE C 170 -14.70 -27.07 31.26
CA ILE C 170 -14.92 -28.41 31.78
C ILE C 170 -16.40 -28.76 31.83
N SER C 171 -17.27 -27.76 31.95
CA SER C 171 -18.69 -28.04 32.03
C SER C 171 -19.26 -28.42 30.66
N PHE C 172 -18.64 -27.94 29.59
CA PHE C 172 -19.17 -28.22 28.26
C PHE C 172 -18.89 -29.66 27.84
N ASN C 173 -17.75 -30.20 28.24
CA ASN C 173 -17.39 -31.54 27.80
C ASN C 173 -18.16 -32.61 28.56
N GLU C 174 -18.35 -32.40 29.87
CA GLU C 174 -19.06 -33.36 30.70
C GLU C 174 -20.53 -33.44 30.37
N ALA C 175 -21.04 -32.55 29.53
CA ALA C 175 -22.42 -32.55 29.08
C ALA C 175 -22.44 -32.76 27.58
N GLU C 176 -23.40 -33.54 27.10
CA GLU C 176 -23.47 -33.89 25.69
C GLU C 176 -24.44 -32.97 24.97
N PHE C 177 -23.97 -32.35 23.90
CA PHE C 177 -24.72 -31.35 23.14
C PHE C 177 -24.96 -31.87 21.73
N GLU C 178 -26.21 -31.86 21.30
CA GLU C 178 -26.50 -32.11 19.91
C GLU C 178 -26.05 -30.91 19.08
N PHE C 179 -25.39 -31.19 17.97
CA PHE C 179 -24.75 -30.15 17.18
C PHE C 179 -25.59 -29.85 15.94
N VAL C 180 -25.84 -28.57 15.69
CA VAL C 180 -26.57 -28.13 14.50
C VAL C 180 -25.87 -26.91 13.93
N GLU C 181 -25.50 -26.98 12.66
CA GLU C 181 -24.85 -25.88 11.96
C GLU C 181 -25.71 -25.44 10.80
N LEU C 182 -26.19 -24.19 10.84
CA LEU C 182 -26.94 -23.65 9.73
C LEU C 182 -25.98 -23.27 8.61
N GLU C 183 -26.22 -23.81 7.41
CA GLU C 183 -25.34 -23.58 6.27
C GLU C 183 -25.92 -22.65 5.21
N LYS C 184 -27.22 -22.43 5.21
CA LYS C 184 -27.90 -21.68 4.15
C LYS C 184 -27.82 -20.19 4.42
N VAL C 185 -27.45 -19.42 3.40
CA VAL C 185 -27.41 -17.96 3.48
C VAL C 185 -28.72 -17.44 2.89
N TYR C 186 -29.65 -17.07 3.77
CA TYR C 186 -30.94 -16.57 3.30
C TYR C 186 -30.87 -15.12 2.85
N ARG C 187 -29.96 -14.33 3.43
CA ARG C 187 -29.96 -12.90 3.19
C ARG C 187 -29.79 -12.57 1.71
N GLN C 188 -28.71 -13.05 1.10
CA GLN C 188 -28.32 -12.53 -0.20
C GLN C 188 -27.92 -13.66 -1.15
N LYS C 189 -27.82 -13.27 -2.41
CA LYS C 189 -27.28 -14.06 -3.50
C LYS C 189 -25.78 -13.78 -3.62
N ASP C 190 -25.15 -14.27 -4.68
CA ASP C 190 -23.71 -14.09 -4.89
C ASP C 190 -22.91 -14.77 -3.78
N GLU C 191 -23.22 -16.04 -3.55
CA GLU C 191 -22.63 -16.85 -2.50
C GLU C 191 -21.31 -17.48 -2.92
N LYS C 192 -20.70 -16.98 -3.99
CA LYS C 192 -19.37 -17.43 -4.37
C LYS C 192 -18.37 -17.05 -3.31
N PHE C 193 -18.62 -15.94 -2.61
CA PHE C 193 -17.73 -15.49 -1.55
C PHE C 193 -17.82 -16.41 -0.34
N ILE C 194 -19.04 -16.83 0.01
CA ILE C 194 -19.20 -17.73 1.15
C ILE C 194 -18.57 -19.09 0.84
N LYS C 195 -18.64 -19.53 -0.42
CA LYS C 195 -17.95 -20.75 -0.81
C LYS C 195 -16.44 -20.56 -0.74
N LEU C 196 -15.97 -19.36 -1.08
CA LEU C 196 -14.55 -19.06 -0.91
C LEU C 196 -14.17 -19.09 0.56
N LEU C 197 -15.03 -18.55 1.42
CA LEU C 197 -14.75 -18.54 2.85
C LEU C 197 -14.67 -19.96 3.39
N ASN C 198 -15.60 -20.83 2.96
CA ASN C 198 -15.55 -22.22 3.37
C ASN C 198 -14.31 -22.91 2.84
N ALA C 199 -13.82 -22.50 1.67
CA ALA C 199 -12.58 -23.06 1.15
C ALA C 199 -11.39 -22.62 1.98
N ILE C 200 -11.41 -21.37 2.46
CA ILE C 200 -10.36 -20.88 3.35
C ILE C 200 -10.42 -21.62 4.68
N ARG C 201 -11.62 -21.98 5.11
CA ARG C 201 -11.79 -22.70 6.37
C ARG C 201 -11.06 -24.04 6.31
N ASN C 202 -11.23 -24.78 5.22
CA ASN C 202 -10.57 -26.06 5.03
C ASN C 202 -9.21 -25.83 4.37
N LYS C 203 -8.57 -26.92 3.96
CA LYS C 203 -7.26 -26.89 3.33
C LYS C 203 -7.37 -26.87 1.81
N THR C 204 -8.50 -26.38 1.30
CA THR C 204 -8.93 -26.46 -0.10
C THR C 204 -8.76 -25.11 -0.81
N ILE C 205 -7.71 -24.38 -0.46
CA ILE C 205 -7.60 -22.96 -0.81
C ILE C 205 -7.55 -22.75 -2.32
N GLU C 206 -7.00 -23.71 -3.08
CA GLU C 206 -7.07 -23.65 -4.54
C GLU C 206 -6.46 -22.34 -5.06
N GLU C 207 -5.16 -22.17 -4.78
CA GLU C 207 -4.49 -20.88 -4.76
C GLU C 207 -4.66 -20.10 -6.06
N LYS C 208 -5.08 -20.77 -7.14
CA LYS C 208 -5.59 -20.03 -8.29
C LYS C 208 -6.69 -19.06 -7.84
N ASP C 209 -7.53 -19.49 -6.90
CA ASP C 209 -8.51 -18.60 -6.30
C ASP C 209 -7.89 -17.69 -5.24
N LEU C 210 -6.76 -18.09 -4.66
CA LEU C 210 -6.00 -17.18 -3.80
C LEU C 210 -5.41 -16.03 -4.62
N GLU C 211 -4.91 -16.33 -5.83
CA GLU C 211 -4.46 -15.26 -6.71
C GLU C 211 -5.64 -14.49 -7.31
N GLU C 212 -6.80 -15.15 -7.49
CA GLU C 212 -8.02 -14.42 -7.78
C GLU C 212 -8.41 -13.50 -6.62
N LEU C 213 -7.87 -13.75 -5.43
CA LEU C 213 -7.97 -12.80 -4.32
C LEU C 213 -6.98 -11.66 -4.49
N ASN C 214 -5.77 -11.99 -4.96
CA ASN C 214 -4.68 -11.04 -5.03
C ASN C 214 -4.98 -9.90 -6.00
N LYS C 215 -6.11 -9.99 -6.70
CA LYS C 215 -6.52 -8.95 -7.64
C LYS C 215 -7.10 -7.73 -6.95
N ARG C 216 -7.57 -7.87 -5.70
CA ARG C 216 -8.27 -6.80 -5.00
C ARG C 216 -7.42 -6.16 -3.90
N TYR C 217 -6.11 -6.12 -4.09
CA TYR C 217 -5.23 -5.31 -3.28
C TYR C 217 -4.78 -4.08 -4.04
N ILE C 218 -5.68 -3.56 -4.87
CA ILE C 218 -5.40 -2.45 -5.78
C ILE C 218 -4.95 -1.23 -4.96
N PRO C 219 -5.78 -0.67 -4.08
CA PRO C 219 -5.62 0.74 -3.71
C PRO C 219 -4.84 1.59 -4.70
N ASP C 220 -3.76 2.25 -4.28
CA ASP C 220 -3.69 3.70 -4.30
C ASP C 220 -4.71 4.27 -3.32
N PHE C 221 -4.75 3.69 -2.12
CA PHE C 221 -5.58 4.21 -1.03
C PHE C 221 -7.04 4.37 -1.40
N GLU C 222 -7.34 5.20 -2.40
CA GLU C 222 -8.42 6.18 -2.37
C GLU C 222 -9.80 5.53 -2.38
N PRO C 223 -10.83 6.21 -1.87
CA PRO C 223 -12.17 5.70 -2.15
C PRO C 223 -13.11 6.55 -2.98
N ASP C 224 -13.99 7.30 -2.34
CA ASP C 224 -14.91 8.27 -2.93
C ASP C 224 -15.64 8.97 -1.80
N GLU C 225 -16.23 10.13 -2.07
CA GLU C 225 -17.20 10.68 -1.11
C GLU C 225 -18.55 9.99 -1.18
N LYS C 226 -18.65 8.90 -1.93
CA LYS C 226 -19.92 8.30 -2.31
C LYS C 226 -20.02 6.80 -2.08
N GLU C 227 -18.89 6.09 -1.98
CA GLU C 227 -18.86 4.63 -2.03
C GLU C 227 -18.94 3.96 -0.66
N PHE C 228 -19.17 4.72 0.41
CA PHE C 228 -19.59 4.19 1.72
C PHE C 228 -18.67 3.09 2.27
N TYR C 229 -17.40 3.08 1.88
CA TYR C 229 -16.45 2.12 2.45
C TYR C 229 -16.31 2.29 3.96
N ILE C 230 -16.33 1.18 4.69
CA ILE C 230 -16.05 1.17 6.12
C ILE C 230 -14.71 0.48 6.39
N TYR C 231 -13.88 1.14 7.18
CA TYR C 231 -12.63 0.56 7.70
C TYR C 231 -12.89 -0.39 8.87
N LEU C 232 -12.39 -1.61 8.74
CA LEU C 232 -12.47 -2.60 9.82
C LEU C 232 -11.12 -2.65 10.53
N THR C 233 -11.08 -2.17 11.78
CA THR C 233 -9.85 -2.09 12.53
C THR C 233 -9.78 -3.15 13.62
N THR C 234 -8.57 -3.42 14.09
CA THR C 234 -8.33 -4.37 15.17
C THR C 234 -8.58 -3.78 16.57
N THR C 235 -8.55 -2.46 16.71
CA THR C 235 -8.61 -1.80 18.01
C THR C 235 -9.59 -0.65 17.93
N ASN C 236 -10.21 -0.32 19.06
CA ASN C 236 -11.05 0.86 19.08
C ASN C 236 -10.25 2.09 18.67
N GLU C 237 -9.04 2.22 19.23
CA GLU C 237 -8.25 3.43 19.01
C GLU C 237 -8.10 3.80 17.54
N LEU C 238 -7.99 2.80 16.65
CA LEU C 238 -7.86 3.18 15.25
C LEU C 238 -9.18 3.65 14.67
N ALA C 239 -10.24 2.85 14.84
CA ALA C 239 -11.55 3.23 14.32
C ALA C 239 -12.02 4.55 14.92
N ASP C 240 -11.69 4.79 16.19
CA ASP C 240 -12.08 6.05 16.78
C ASP C 240 -11.27 7.20 16.21
N LYS C 241 -10.02 6.97 15.83
CA LYS C 241 -9.23 8.07 15.30
C LYS C 241 -9.56 8.38 13.85
N ILE C 242 -9.80 7.36 13.01
CA ILE C 242 -10.19 7.63 11.63
C ILE C 242 -11.57 8.27 11.59
N ASN C 243 -12.50 7.81 12.44
CA ASN C 243 -13.77 8.50 12.57
C ASN C 243 -13.57 9.92 13.04
N GLN C 244 -12.63 10.11 13.97
CA GLN C 244 -12.27 11.45 14.40
C GLN C 244 -11.43 12.18 13.36
N GLN C 245 -10.56 11.46 12.64
CA GLN C 245 -9.78 12.10 11.58
C GLN C 245 -10.69 12.64 10.50
N LYS C 246 -11.68 11.85 10.07
CA LYS C 246 -12.73 12.41 9.26
C LYS C 246 -13.65 13.23 10.16
N LEU C 247 -14.64 13.88 9.54
CA LEU C 247 -15.67 14.69 10.20
C LEU C 247 -15.09 16.01 10.65
N GLU C 248 -13.79 16.22 10.48
CA GLU C 248 -13.16 17.52 10.62
C GLU C 248 -12.94 18.16 9.27
N LYS C 249 -12.76 17.33 8.24
CA LYS C 249 -12.66 17.79 6.88
C LYS C 249 -14.04 18.18 6.39
N LEU C 250 -14.16 19.41 5.86
CA LEU C 250 -15.43 19.91 5.33
C LEU C 250 -16.51 19.87 6.42
N LYS C 251 -16.24 20.61 7.50
CA LYS C 251 -17.01 20.44 8.73
C LYS C 251 -18.49 20.73 8.50
N GLY C 252 -18.83 21.96 8.10
CA GLY C 252 -20.24 22.30 8.05
C GLY C 252 -20.71 22.73 9.44
N LYS C 253 -21.96 22.42 9.73
CA LYS C 253 -22.52 22.68 11.05
C LYS C 253 -22.56 21.40 11.88
N LYS C 254 -22.24 21.53 13.16
CA LYS C 254 -22.19 20.41 14.09
C LYS C 254 -23.50 20.29 14.86
N TYR C 255 -23.94 19.06 15.08
CA TYR C 255 -25.12 18.77 15.89
C TYR C 255 -24.80 17.68 16.91
N VAL C 256 -25.06 17.95 18.18
CA VAL C 256 -24.77 17.03 19.26
C VAL C 256 -26.08 16.67 19.96
N TYR C 257 -26.34 15.37 20.10
CA TYR C 257 -27.53 14.85 20.75
C TYR C 257 -27.15 13.90 21.87
N GLN C 258 -27.69 14.11 23.05
CA GLN C 258 -27.36 13.32 24.23
C GLN C 258 -28.43 12.28 24.51
N GLY C 259 -28.01 11.03 24.68
CA GLY C 259 -28.94 9.98 25.06
C GLY C 259 -29.43 10.15 26.48
N TYR C 260 -30.66 9.70 26.70
CA TYR C 260 -31.30 9.81 28.01
C TYR C 260 -31.50 8.43 28.62
N ILE C 261 -30.99 8.24 29.83
CA ILE C 261 -31.14 6.99 30.56
C ILE C 261 -32.21 7.18 31.63
N GLU C 262 -33.24 6.34 31.57
CA GLU C 262 -34.30 6.32 32.57
C GLU C 262 -34.26 4.99 33.30
N GLY C 263 -34.50 5.03 34.62
CA GLY C 263 -34.43 3.81 35.38
C GLY C 263 -33.01 3.36 35.64
N ASP C 264 -32.62 2.25 35.02
CA ASP C 264 -31.37 1.56 35.33
C ASP C 264 -30.74 1.06 34.04
N PHE C 265 -29.57 1.61 33.70
CA PHE C 265 -28.86 1.31 32.47
C PHE C 265 -27.39 1.63 32.68
N SER C 266 -26.54 0.96 31.92
CA SER C 266 -25.11 1.24 31.91
C SER C 266 -24.76 2.12 30.70
N GLU C 267 -23.77 2.98 30.87
CA GLU C 267 -23.30 3.79 29.75
C GLU C 267 -22.00 3.26 29.17
N LYS C 268 -21.60 2.04 29.55
CA LYS C 268 -20.58 1.27 28.86
C LYS C 268 -21.17 0.46 27.72
N ASP C 269 -22.30 -0.18 27.96
CA ASP C 269 -23.02 -0.96 26.95
C ASP C 269 -24.17 -0.13 26.43
N LEU C 270 -23.93 0.61 25.35
CA LEU C 270 -25.00 1.36 24.71
C LEU C 270 -25.10 0.97 23.24
N PRO C 271 -26.32 0.75 22.74
CA PRO C 271 -26.44 0.44 21.30
C PRO C 271 -25.96 1.57 20.42
N ALA C 272 -26.44 2.76 20.65
CA ALA C 272 -26.01 4.02 20.07
C ALA C 272 -25.08 4.74 21.03
N PRO C 273 -24.09 5.46 20.51
CA PRO C 273 -23.20 6.22 21.39
C PRO C 273 -23.99 7.24 22.21
N LEU C 274 -23.47 7.55 23.39
CA LEU C 274 -24.18 8.47 24.28
C LEU C 274 -24.23 9.87 23.71
N GLU C 275 -23.14 10.31 23.07
CA GLU C 275 -23.04 11.62 22.45
C GLU C 275 -22.93 11.45 20.95
N LEU C 276 -24.03 11.75 20.24
CA LEU C 276 -24.07 11.64 18.79
C LEU C 276 -23.62 12.98 18.19
N VAL C 277 -22.46 12.97 17.56
CA VAL C 277 -21.85 14.15 16.97
C VAL C 277 -21.93 13.99 15.45
N ILE C 278 -22.85 14.73 14.82
CA ILE C 278 -23.15 14.56 13.41
C ILE C 278 -23.00 15.89 12.69
N LYS C 279 -22.15 15.91 11.68
CA LYS C 279 -22.09 16.97 10.70
C LYS C 279 -22.80 16.53 9.43
N LYS C 280 -23.14 17.49 8.59
CA LYS C 280 -23.75 17.14 7.31
C LYS C 280 -22.73 16.40 6.46
N GLY C 281 -23.13 15.25 5.94
CA GLY C 281 -22.21 14.43 5.18
C GLY C 281 -21.46 13.41 6.01
N THR C 282 -22.03 12.96 7.11
CA THR C 282 -21.36 12.06 8.02
C THR C 282 -21.90 10.64 7.83
N GLN C 283 -21.00 9.69 7.65
CA GLN C 283 -21.39 8.30 7.45
C GLN C 283 -21.89 7.70 8.76
N VAL C 284 -23.09 7.13 8.74
CA VAL C 284 -23.80 6.69 9.92
C VAL C 284 -24.17 5.22 9.79
N MET C 285 -24.58 4.62 10.92
CA MET C 285 -24.63 3.18 11.06
C MET C 285 -26.03 2.58 11.15
N LEU C 286 -27.04 3.35 11.58
CA LEU C 286 -28.42 2.86 11.53
C LEU C 286 -28.59 1.54 12.30
N LEU C 287 -28.32 1.60 13.62
CA LEU C 287 -27.92 0.45 14.41
C LEU C 287 -29.11 -0.31 15.00
N ASN C 288 -30.30 -0.15 14.43
CA ASN C 288 -31.40 -1.04 14.79
C ASN C 288 -32.32 -1.21 13.60
N ASN C 289 -33.16 -2.25 13.67
CA ASN C 289 -34.11 -2.59 12.62
C ASN C 289 -35.40 -1.82 12.82
N ASP C 290 -35.89 -1.16 11.77
CA ASP C 290 -37.08 -0.33 11.90
C ASP C 290 -38.32 -1.12 11.54
N TYR C 291 -39.36 -0.96 12.36
CA TYR C 291 -40.66 -1.59 12.15
C TYR C 291 -41.11 -1.47 10.70
N GLN C 292 -41.15 -0.23 10.19
CA GLN C 292 -41.73 0.05 8.88
C GLN C 292 -40.93 -0.55 7.72
N GLY C 293 -39.81 -1.22 7.98
CA GLY C 293 -39.06 -1.84 6.91
C GLY C 293 -38.35 -0.82 6.02
N ARG C 294 -37.48 -0.02 6.61
CA ARG C 294 -36.72 0.97 5.85
C ARG C 294 -35.22 0.75 5.92
N TRP C 295 -34.71 0.38 7.10
CA TRP C 295 -33.28 0.10 7.25
C TRP C 295 -33.10 -0.93 8.35
N ILE C 296 -31.96 -1.61 8.29
CA ILE C 296 -31.64 -2.68 9.22
C ILE C 296 -30.47 -2.25 10.08
N ASN C 297 -30.16 -3.07 11.08
CA ASN C 297 -28.99 -2.88 11.92
C ASN C 297 -27.75 -3.10 11.06
N GLY C 298 -26.97 -2.03 10.82
CA GLY C 298 -25.83 -2.10 9.95
C GLY C 298 -26.02 -1.46 8.59
N SER C 299 -27.23 -0.99 8.30
CA SER C 299 -27.52 -0.34 7.03
C SER C 299 -26.79 1.00 6.98
N MET C 300 -25.82 1.12 6.08
CA MET C 300 -24.99 2.32 6.05
C MET C 300 -25.75 3.48 5.45
N GLY C 301 -25.39 4.69 5.88
CA GLY C 301 -25.99 5.89 5.34
C GLY C 301 -25.10 7.10 5.53
N ARG C 302 -25.61 8.25 5.07
CA ARG C 302 -24.96 9.54 5.25
C ARG C 302 -26.01 10.59 5.56
N VAL C 303 -25.79 11.39 6.61
CA VAL C 303 -26.78 12.40 6.96
C VAL C 303 -26.84 13.45 5.85
N VAL C 304 -28.01 14.10 5.71
CA VAL C 304 -28.10 15.23 4.80
C VAL C 304 -28.54 16.53 5.49
N ASP C 305 -29.73 16.52 6.11
CA ASP C 305 -30.33 17.79 6.56
C ASP C 305 -31.25 17.54 7.75
N ILE C 306 -30.80 17.88 8.97
CA ILE C 306 -31.69 17.89 10.11
C ILE C 306 -32.96 18.67 9.77
N GLU C 307 -34.12 18.15 10.21
CA GLU C 307 -35.37 18.80 9.85
C GLU C 307 -35.89 19.81 10.87
N LYS C 308 -35.55 19.65 12.15
CA LYS C 308 -36.00 20.55 13.22
C LYS C 308 -37.52 20.77 13.19
N VAL C 309 -38.29 19.70 13.36
CA VAL C 309 -39.73 19.83 13.64
C VAL C 309 -39.92 19.98 15.15
N LYS C 310 -41.10 20.48 15.56
CA LYS C 310 -41.20 21.14 16.85
C LYS C 310 -42.15 20.52 17.86
N GLY C 311 -42.97 19.53 17.47
CA GLY C 311 -43.92 19.06 18.46
C GLY C 311 -43.35 18.08 19.45
N ASN C 312 -42.41 17.24 19.04
CA ASN C 312 -41.63 16.52 20.05
C ASN C 312 -40.12 16.68 19.91
N GLU C 313 -39.60 16.75 18.70
CA GLU C 313 -38.22 16.33 18.46
C GLU C 313 -37.82 16.72 17.05
N ASP C 314 -36.52 16.80 16.80
CA ASP C 314 -36.02 17.06 15.45
C ASP C 314 -35.62 15.76 14.76
N ILE C 315 -35.45 15.84 13.44
CA ILE C 315 -35.32 14.67 12.57
C ILE C 315 -33.97 14.68 11.87
N ILE C 316 -33.36 13.51 11.78
CA ILE C 316 -32.10 13.31 11.08
C ILE C 316 -32.39 12.56 9.78
N TRP C 317 -32.29 13.25 8.65
CA TRP C 317 -32.45 12.62 7.36
C TRP C 317 -31.17 11.91 6.91
N VAL C 318 -31.33 10.72 6.34
CA VAL C 318 -30.26 9.78 6.07
C VAL C 318 -30.31 9.34 4.61
N GLU C 319 -29.14 9.20 3.99
CA GLU C 319 -28.95 9.00 2.55
C GLU C 319 -28.59 7.56 2.20
N LEU C 320 -29.15 6.59 2.92
CA LEU C 320 -28.62 5.24 3.04
C LEU C 320 -28.55 4.54 1.68
N GLU C 321 -27.83 3.42 1.69
CA GLU C 321 -26.88 3.07 0.63
C GLU C 321 -27.45 3.12 -0.78
N ASP C 322 -28.76 3.04 -0.95
CA ASP C 322 -29.34 3.11 -2.28
C ASP C 322 -30.32 4.28 -2.41
N GLY C 323 -29.97 5.45 -1.89
CA GLY C 323 -30.88 6.56 -2.01
C GLY C 323 -31.77 6.69 -0.79
N GLU C 324 -33.06 6.99 -1.04
CA GLU C 324 -34.12 6.77 -0.05
C GLU C 324 -33.86 7.50 1.26
N GLU C 325 -33.78 8.83 1.18
CA GLU C 325 -33.56 9.61 2.38
C GLU C 325 -34.66 9.37 3.41
N VAL C 326 -34.28 8.79 4.54
CA VAL C 326 -35.23 8.36 5.57
C VAL C 326 -35.12 9.26 6.80
N PRO C 327 -36.23 9.64 7.40
CA PRO C 327 -36.20 10.38 8.68
C PRO C 327 -35.95 9.45 9.86
N VAL C 328 -34.78 9.58 10.46
CA VAL C 328 -34.40 8.84 11.66
C VAL C 328 -34.69 9.69 12.90
N GLN C 329 -35.46 9.13 13.82
CA GLN C 329 -35.83 9.77 15.06
C GLN C 329 -35.36 8.91 16.22
N PRO C 330 -35.24 9.47 17.43
CA PRO C 330 -34.72 8.68 18.55
C PRO C 330 -35.54 7.42 18.79
N TYR C 331 -34.83 6.34 19.11
CA TYR C 331 -35.42 5.04 19.35
C TYR C 331 -35.25 4.67 20.82
N GLU C 332 -36.22 3.94 21.35
CA GLU C 332 -36.21 3.55 22.76
C GLU C 332 -35.71 2.12 22.89
N TRP C 333 -34.62 1.96 23.64
CA TRP C 333 -34.11 0.64 23.99
C TRP C 333 -34.49 0.32 25.43
N ASP C 334 -34.81 -0.95 25.68
CA ASP C 334 -35.25 -1.38 27.00
C ASP C 334 -34.38 -2.53 27.50
N MET C 335 -34.16 -2.55 28.81
CA MET C 335 -33.36 -3.60 29.45
C MET C 335 -34.31 -4.43 30.30
N PHE C 336 -34.53 -5.67 29.86
CA PHE C 336 -35.47 -6.57 30.50
C PHE C 336 -34.85 -7.30 31.68
N GLU C 337 -35.70 -8.03 32.40
CA GLU C 337 -35.27 -8.99 33.41
C GLU C 337 -36.42 -9.96 33.61
N PHE C 338 -36.12 -11.24 33.48
CA PHE C 338 -37.15 -12.25 33.58
C PHE C 338 -37.44 -12.57 35.03
N TYR C 339 -38.69 -12.94 35.28
CA TYR C 339 -39.12 -13.32 36.62
C TYR C 339 -40.29 -14.29 36.51
N TYR C 340 -40.48 -15.08 37.55
CA TYR C 340 -41.57 -16.03 37.58
C TYR C 340 -42.79 -15.35 38.16
N ASP C 341 -43.93 -15.54 37.53
CA ASP C 341 -45.18 -14.99 38.00
C ASP C 341 -45.82 -16.04 38.88
N LYS C 342 -45.85 -15.80 40.19
CA LYS C 342 -46.37 -16.81 41.11
C LYS C 342 -47.83 -17.12 40.81
N ALA C 343 -48.55 -16.16 40.23
CA ALA C 343 -49.97 -16.35 39.95
C ALA C 343 -50.20 -17.54 39.03
N GLN C 344 -49.57 -17.55 37.85
CA GLN C 344 -49.75 -18.62 36.89
C GLN C 344 -48.41 -19.32 36.62
N LYS C 345 -48.45 -20.27 35.68
CA LYS C 345 -47.25 -21.02 35.29
C LYS C 345 -46.52 -20.33 34.13
N LYS C 346 -46.00 -19.14 34.41
CA LYS C 346 -45.41 -18.38 33.31
C LYS C 346 -44.23 -17.55 33.79
N ILE C 347 -43.33 -17.26 32.84
CA ILE C 347 -42.13 -16.46 33.04
C ILE C 347 -42.36 -15.11 32.34
N LYS C 348 -42.62 -14.06 33.11
CA LYS C 348 -42.78 -12.74 32.54
C LYS C 348 -41.47 -11.97 32.62
N SER C 349 -41.39 -10.89 31.84
CA SER C 349 -40.16 -10.10 31.71
C SER C 349 -40.47 -8.64 31.97
N ARG C 350 -40.09 -8.16 33.15
CA ARG C 350 -40.28 -6.75 33.47
C ARG C 350 -39.08 -5.92 33.02
N THR C 351 -39.33 -4.63 32.79
CA THR C 351 -38.36 -3.69 32.24
C THR C 351 -37.88 -2.76 33.36
N VAL C 352 -36.57 -2.82 33.67
CA VAL C 352 -36.00 -2.04 34.76
C VAL C 352 -35.34 -0.77 34.27
N GLY C 353 -35.22 -0.58 32.96
CA GLY C 353 -34.48 0.53 32.41
C GLY C 353 -34.99 0.94 31.04
N SER C 354 -34.70 2.19 30.68
CA SER C 354 -34.97 2.70 29.34
C SER C 354 -33.84 3.61 28.88
N TYR C 355 -33.57 3.58 27.58
CA TYR C 355 -32.53 4.40 26.95
C TYR C 355 -33.05 4.95 25.63
N TYR C 356 -32.91 6.26 25.45
CA TYR C 356 -33.43 6.98 24.30
C TYR C 356 -32.30 7.71 23.59
N GLN C 357 -32.09 7.38 22.32
CA GLN C 357 -31.08 8.04 21.49
C GLN C 357 -31.32 7.66 20.03
N TYR C 358 -30.94 8.57 19.14
CA TYR C 358 -31.00 8.29 17.71
C TYR C 358 -30.18 7.04 17.39
N PRO C 359 -30.75 6.04 16.76
CA PRO C 359 -29.98 4.82 16.45
C PRO C 359 -28.96 5.02 15.35
N LEU C 360 -27.87 5.73 15.64
CA LEU C 360 -26.87 6.03 14.64
C LEU C 360 -25.52 6.17 15.31
N LYS C 361 -24.46 5.92 14.54
CA LYS C 361 -23.10 6.16 14.98
C LYS C 361 -22.24 6.34 13.76
N PRO C 362 -21.17 7.14 13.84
CA PRO C 362 -20.32 7.34 12.65
C PRO C 362 -19.82 6.01 12.09
N ALA C 363 -19.90 5.88 10.77
CA ALA C 363 -19.67 4.61 10.10
C ALA C 363 -18.60 4.74 9.05
N TRP C 364 -17.51 5.45 9.35
CA TRP C 364 -16.34 5.39 8.49
C TRP C 364 -15.46 4.20 8.84
N ALA C 365 -15.56 3.70 10.06
CA ALA C 365 -14.74 2.60 10.52
C ALA C 365 -15.46 1.91 11.67
N ILE C 366 -15.10 0.64 11.89
CA ILE C 366 -15.67 -0.12 13.00
C ILE C 366 -14.56 -0.87 13.72
N THR C 367 -14.83 -1.15 14.99
CA THR C 367 -13.96 -1.88 15.90
C THR C 367 -14.42 -3.33 15.85
N ILE C 368 -13.84 -4.08 14.92
CA ILE C 368 -14.54 -5.19 14.26
C ILE C 368 -15.27 -6.08 15.27
N HIS C 369 -14.70 -6.27 16.46
CA HIS C 369 -15.44 -6.93 17.54
C HIS C 369 -16.83 -6.34 17.73
N LYS C 370 -16.99 -5.02 17.53
CA LYS C 370 -18.31 -4.40 17.60
C LYS C 370 -19.18 -4.84 16.45
N SER C 371 -18.57 -5.22 15.31
CA SER C 371 -19.32 -5.55 14.10
C SER C 371 -19.51 -7.05 13.97
N GLN C 372 -19.57 -7.74 15.11
CA GLN C 372 -19.79 -9.18 15.13
C GLN C 372 -21.18 -9.50 14.62
N GLY C 373 -21.26 -10.33 13.58
CA GLY C 373 -22.54 -10.68 12.98
C GLY C 373 -23.10 -9.63 12.05
N LEU C 374 -22.27 -9.04 11.20
CA LEU C 374 -22.71 -8.10 10.20
C LEU C 374 -21.85 -8.29 8.96
N THR C 375 -22.46 -8.06 7.81
CA THR C 375 -21.76 -8.14 6.54
C THR C 375 -22.01 -6.87 5.74
N PHE C 376 -20.93 -6.26 5.27
CA PHE C 376 -20.97 -4.98 4.58
C PHE C 376 -20.49 -5.16 3.15
N ASP C 377 -21.21 -4.57 2.20
CA ASP C 377 -20.91 -4.83 0.80
C ASP C 377 -19.59 -4.18 0.38
N LYS C 378 -19.28 -3.01 0.92
CA LYS C 378 -18.06 -2.31 0.61
C LYS C 378 -17.26 -2.11 1.89
N VAL C 379 -16.15 -2.83 2.01
CA VAL C 379 -15.29 -2.80 3.19
C VAL C 379 -13.86 -2.57 2.74
N ILE C 380 -13.02 -2.17 3.69
CA ILE C 380 -11.59 -2.00 3.45
C ILE C 380 -10.84 -2.63 4.59
N ILE C 381 -10.13 -3.71 4.29
CA ILE C 381 -9.32 -4.42 5.28
C ILE C 381 -7.97 -3.73 5.36
N ASP C 382 -7.61 -3.26 6.55
CA ASP C 382 -6.38 -2.53 6.78
C ASP C 382 -5.22 -3.49 7.02
N ILE C 383 -4.04 -2.93 7.23
CA ILE C 383 -2.87 -3.72 7.59
C ILE C 383 -3.01 -4.19 9.03
N GLY C 384 -3.53 -3.31 9.89
CA GLY C 384 -3.78 -3.61 11.28
C GLY C 384 -3.22 -2.60 12.27
N ARG C 385 -2.06 -2.00 12.01
CA ARG C 385 -1.01 -2.37 11.07
C ARG C 385 -0.09 -3.25 11.89
N GLY C 386 0.67 -4.15 11.28
CA GLY C 386 1.40 -5.02 12.19
C GLY C 386 0.45 -6.06 12.76
N THR C 387 -0.14 -6.91 11.90
CA THR C 387 -1.48 -7.47 12.09
C THR C 387 -1.79 -7.87 13.53
N PHE C 388 -0.91 -8.69 14.14
CA PHE C 388 -1.01 -9.04 15.55
C PHE C 388 -2.33 -9.74 15.92
N SER C 389 -2.58 -10.88 15.27
CA SER C 389 -3.31 -11.94 15.94
C SER C 389 -3.16 -13.26 15.18
N HIS C 390 -3.62 -14.33 15.82
CA HIS C 390 -3.53 -15.67 15.25
C HIS C 390 -4.34 -15.79 13.97
N GLY C 391 -5.61 -15.38 14.02
CA GLY C 391 -6.53 -15.66 12.94
C GLY C 391 -7.47 -14.52 12.60
N GLN C 392 -7.09 -13.28 12.88
CA GLN C 392 -8.00 -12.17 12.61
C GLN C 392 -8.19 -11.94 11.12
N LEU C 393 -7.37 -12.57 10.28
CA LEU C 393 -7.55 -12.37 8.85
C LEU C 393 -8.82 -13.05 8.36
N TYR C 394 -9.12 -14.25 8.88
CA TYR C 394 -10.35 -14.94 8.48
C TYR C 394 -11.59 -14.17 8.93
N VAL C 395 -11.54 -13.56 10.12
CA VAL C 395 -12.68 -12.79 10.61
C VAL C 395 -12.94 -11.58 9.70
N ALA C 396 -11.88 -10.85 9.37
CA ALA C 396 -12.05 -9.67 8.54
C ALA C 396 -12.64 -10.03 7.18
N LEU C 397 -12.19 -11.15 6.61
CA LEU C 397 -12.80 -11.58 5.36
C LEU C 397 -14.25 -11.98 5.57
N SER C 398 -14.56 -12.58 6.72
CA SER C 398 -15.94 -12.95 6.99
C SER C 398 -16.84 -11.75 7.26
N ARG C 399 -16.27 -10.56 7.41
CA ARG C 399 -17.08 -9.37 7.53
C ARG C 399 -17.56 -8.84 6.18
N CYS C 400 -17.00 -9.32 5.09
CA CYS C 400 -17.33 -8.79 3.78
C CYS C 400 -18.52 -9.53 3.19
N ARG C 401 -19.13 -8.91 2.18
CA ARG C 401 -20.24 -9.51 1.43
C ARG C 401 -19.80 -10.05 0.08
N SER C 402 -19.11 -9.23 -0.73
CA SER C 402 -18.68 -9.64 -2.05
C SER C 402 -17.20 -9.32 -2.24
N LEU C 403 -16.60 -9.98 -3.23
CA LEU C 403 -15.20 -9.77 -3.53
C LEU C 403 -14.95 -8.48 -4.29
N GLU C 404 -15.88 -8.09 -5.16
CA GLU C 404 -15.74 -6.83 -5.90
C GLU C 404 -15.99 -5.62 -5.02
N GLY C 405 -16.34 -5.81 -3.76
CA GLY C 405 -16.46 -4.72 -2.81
C GLY C 405 -15.35 -4.74 -1.78
N LEU C 406 -14.62 -5.85 -1.70
CA LEU C 406 -13.48 -5.96 -0.79
C LEU C 406 -12.26 -5.25 -1.36
N VAL C 407 -11.76 -4.28 -0.62
CA VAL C 407 -10.55 -3.54 -0.96
C VAL C 407 -9.58 -3.69 0.21
N LEU C 408 -8.40 -4.22 -0.05
CA LEU C 408 -7.43 -4.49 1.02
C LEU C 408 -6.33 -3.45 0.96
N LYS C 409 -6.14 -2.73 2.07
CA LYS C 409 -5.25 -1.58 2.18
C LYS C 409 -3.90 -1.78 1.50
N LYS C 410 -3.28 -2.94 1.70
CA LYS C 410 -1.99 -3.17 1.09
C LYS C 410 -1.88 -4.65 0.76
N PRO C 411 -1.26 -5.00 -0.37
CA PRO C 411 -1.08 -6.42 -0.70
C PRO C 411 -0.18 -7.09 0.31
N ILE C 412 -0.60 -8.27 0.76
CA ILE C 412 0.13 -9.06 1.73
C ILE C 412 0.33 -10.47 1.17
N SER C 413 1.46 -11.10 1.52
CA SER C 413 1.77 -12.46 1.09
C SER C 413 1.04 -13.47 1.97
N GLU C 414 -0.29 -13.33 1.97
CA GLU C 414 -1.19 -13.93 2.94
C GLU C 414 -1.35 -15.43 2.71
N LYS C 415 -0.56 -16.22 3.42
CA LYS C 415 -0.85 -17.63 3.59
C LYS C 415 -0.88 -17.94 5.08
N TYR C 416 -1.54 -17.06 5.84
CA TYR C 416 -1.88 -17.26 7.24
C TYR C 416 -3.30 -16.77 7.51
N ILE C 417 -4.11 -16.63 6.46
CA ILE C 417 -5.54 -16.37 6.58
C ILE C 417 -6.23 -17.41 7.44
N TRP C 418 -5.66 -18.60 7.53
CA TRP C 418 -6.30 -19.80 8.02
C TRP C 418 -7.14 -19.57 9.28
N LEU C 419 -8.34 -20.15 9.27
CA LEU C 419 -9.23 -20.17 10.42
C LEU C 419 -8.51 -20.67 11.65
N ASP C 420 -8.92 -20.13 12.80
CA ASP C 420 -8.18 -20.28 14.05
C ASP C 420 -8.36 -21.71 14.52
N LYS C 421 -7.30 -22.50 14.32
CA LYS C 421 -7.28 -23.96 14.35
C LYS C 421 -8.09 -24.56 15.50
N ARG C 422 -7.94 -24.01 16.70
CA ARG C 422 -8.71 -24.50 17.84
C ARG C 422 -10.18 -24.65 17.48
N VAL C 423 -10.78 -23.62 16.87
CA VAL C 423 -12.13 -23.74 16.33
C VAL C 423 -12.23 -24.88 15.32
N VAL C 424 -11.23 -24.99 14.43
CA VAL C 424 -11.27 -26.02 13.38
C VAL C 424 -11.32 -27.42 13.99
N SER C 425 -10.57 -27.64 15.06
CA SER C 425 -10.58 -28.95 15.73
C SER C 425 -11.97 -29.29 16.24
N PHE C 426 -12.56 -28.35 16.98
CA PHE C 426 -13.90 -28.57 17.53
C PHE C 426 -14.92 -28.87 16.43
N LEU C 427 -14.82 -28.17 15.30
CA LEU C 427 -15.80 -28.36 14.24
C LEU C 427 -15.63 -29.70 13.55
N THR C 428 -14.39 -30.14 13.34
CA THR C 428 -14.19 -31.44 12.71
C THR C 428 -14.52 -32.60 13.64
N LYS C 429 -14.56 -32.35 14.95
CA LYS C 429 -15.03 -33.36 15.89
C LYS C 429 -16.54 -33.50 15.85
N TYR C 430 -17.27 -32.39 15.92
CA TYR C 430 -18.71 -32.43 16.06
C TYR C 430 -19.46 -32.68 14.76
N GLN C 431 -18.92 -32.22 13.62
CA GLN C 431 -19.63 -32.40 12.35
C GLN C 431 -19.72 -33.86 11.97
N TYR C 432 -18.75 -34.67 12.38
CA TYR C 432 -18.70 -36.09 12.06
C TYR C 432 -18.83 -36.95 13.32
N LYS C 433 -19.70 -36.50 14.23
CA LYS C 433 -20.02 -37.26 15.44
C LYS C 433 -21.46 -37.76 15.41
N MET D 1 -27.76 58.62 17.75
CA MET D 1 -27.44 59.87 18.42
C MET D 1 -28.50 60.18 19.48
N ILE D 2 -28.11 60.24 20.76
CA ILE D 2 -29.09 60.39 21.82
C ILE D 2 -28.54 60.99 23.11
N GLN D 3 -29.28 61.94 23.66
CA GLN D 3 -29.32 62.35 25.06
C GLN D 3 -30.05 61.30 25.89
N THR D 4 -30.23 61.58 27.19
CA THR D 4 -30.07 60.66 28.31
C THR D 4 -28.64 60.17 28.41
N VAL D 5 -27.71 61.13 28.41
CA VAL D 5 -26.34 60.83 28.77
C VAL D 5 -25.84 61.73 29.91
N GLU D 6 -26.74 62.50 30.53
CA GLU D 6 -26.55 63.00 31.90
C GLU D 6 -25.19 63.68 32.11
N PHE D 7 -24.94 64.76 31.35
CA PHE D 7 -23.58 65.30 31.23
C PHE D 7 -23.25 66.06 32.51
N ASN D 8 -22.81 65.30 33.52
CA ASN D 8 -22.39 65.85 34.78
C ASN D 8 -20.97 66.41 34.68
N GLU D 9 -20.52 67.03 35.77
CA GLU D 9 -19.19 67.65 35.78
C GLU D 9 -18.11 66.67 35.31
N GLN D 10 -18.09 65.47 35.87
CA GLN D 10 -17.06 64.51 35.50
C GLN D 10 -17.20 64.06 34.06
N PHE D 11 -18.43 63.80 33.64
CA PHE D 11 -18.67 63.40 32.25
C PHE D 11 -18.25 64.51 31.30
N SER D 12 -18.62 65.76 31.60
CA SER D 12 -18.30 66.86 30.72
C SER D 12 -16.80 67.14 30.71
N LYS D 13 -16.15 66.97 31.85
CA LYS D 13 -14.70 67.17 31.88
C LYS D 13 -13.98 66.11 31.05
N ALA D 14 -14.45 64.88 31.12
CA ALA D 14 -13.79 63.82 30.37
C ALA D 14 -13.99 64.01 28.87
N LEU D 15 -15.22 64.35 28.47
CA LEU D 15 -15.49 64.54 27.05
C LEU D 15 -14.71 65.72 26.49
N ASP D 16 -14.53 66.76 27.29
CA ASP D 16 -13.73 67.90 26.85
C ASP D 16 -12.30 67.46 26.59
N LEU D 17 -11.72 66.74 27.55
CA LEU D 17 -10.35 66.29 27.40
C LEU D 17 -10.21 65.31 26.24
N MET D 18 -11.26 64.56 25.94
CA MET D 18 -11.19 63.58 24.86
C MET D 18 -11.25 64.25 23.50
N GLU D 19 -12.28 65.06 23.26
CA GLU D 19 -12.60 65.54 21.93
C GLU D 19 -11.84 66.81 21.58
N ASN D 20 -11.99 67.85 22.40
CA ASN D 20 -11.45 69.15 22.04
C ASN D 20 -9.93 69.19 22.15
N THR D 21 -9.36 68.45 23.10
CA THR D 21 -7.92 68.45 23.30
C THR D 21 -7.28 67.27 22.60
N ASN D 22 -5.95 67.34 22.46
CA ASN D 22 -5.14 66.25 21.93
C ASN D 22 -4.22 65.68 23.01
N LYS D 23 -4.66 65.72 24.26
CA LYS D 23 -3.89 65.19 25.38
C LYS D 23 -4.26 63.73 25.62
N ASN D 24 -3.29 62.96 26.06
CA ASN D 24 -3.58 61.60 26.51
C ASN D 24 -4.34 61.64 27.83
N VAL D 25 -5.39 60.83 27.92
CA VAL D 25 -6.30 60.88 29.05
C VAL D 25 -6.59 59.46 29.51
N LEU D 26 -6.83 59.31 30.81
CA LEU D 26 -7.09 58.03 31.45
C LEU D 26 -8.31 58.13 32.35
N ILE D 27 -9.43 57.55 31.94
CA ILE D 27 -10.70 57.70 32.64
C ILE D 27 -10.98 56.47 33.50
N VAL D 28 -11.20 56.67 34.80
CA VAL D 28 -11.55 55.60 35.72
C VAL D 28 -12.91 55.86 36.38
N GLY D 29 -13.73 54.81 36.47
CA GLY D 29 -14.81 54.75 37.45
C GLY D 29 -14.65 53.42 38.17
N ARG D 30 -15.56 52.95 39.05
CA ARG D 30 -15.22 51.61 39.50
C ARG D 30 -16.20 50.50 39.12
N ALA D 31 -17.51 50.60 39.39
CA ALA D 31 -18.42 49.70 38.70
C ALA D 31 -19.42 50.36 37.76
N GLY D 32 -20.15 51.36 38.26
CA GLY D 32 -21.32 51.90 37.57
C GLY D 32 -21.21 53.29 37.03
N THR D 33 -20.00 53.73 36.70
CA THR D 33 -19.76 55.16 36.52
C THR D 33 -20.14 55.66 35.14
N GLY D 34 -20.15 54.79 34.13
CA GLY D 34 -20.40 55.23 32.79
C GLY D 34 -19.20 55.09 31.89
N LYS D 35 -18.34 54.11 32.21
CA LYS D 35 -17.16 53.87 31.39
C LYS D 35 -17.55 53.48 29.98
N SER D 36 -18.34 52.41 29.85
CA SER D 36 -18.85 52.04 28.54
C SER D 36 -19.79 53.11 27.99
N THR D 37 -20.50 53.82 28.87
CA THR D 37 -21.42 54.86 28.42
C THR D 37 -20.66 56.03 27.80
N LEU D 38 -19.63 56.51 28.48
CA LEU D 38 -18.80 57.59 27.94
C LEU D 38 -18.12 57.14 26.67
N LEU D 39 -17.56 55.93 26.67
CA LEU D 39 -16.81 55.43 25.54
C LEU D 39 -17.69 55.37 24.29
N ASN D 40 -18.92 54.89 24.46
CA ASN D 40 -19.78 54.70 23.30
C ASN D 40 -20.38 56.01 22.82
N TYR D 41 -20.66 56.94 23.73
CA TYR D 41 -21.16 58.25 23.31
C TYR D 41 -20.08 59.01 22.54
N PHE D 42 -18.85 59.00 23.04
CA PHE D 42 -17.75 59.59 22.28
C PHE D 42 -17.56 58.87 20.96
N ARG D 43 -17.56 57.54 21.00
CA ARG D 43 -17.33 56.74 19.79
C ARG D 43 -18.34 57.09 18.71
N ASN D 44 -19.62 57.21 19.07
CA ASN D 44 -20.66 57.43 18.07
C ASN D 44 -20.68 58.87 17.57
N ASN D 45 -20.43 59.85 18.45
CA ASN D 45 -20.67 61.26 18.14
C ASN D 45 -19.38 62.03 17.87
N THR D 46 -18.38 61.40 17.25
CA THR D 46 -17.10 62.04 16.96
C THR D 46 -16.75 61.92 15.49
N LYS D 47 -15.84 62.79 15.06
CA LYS D 47 -15.33 62.85 13.69
C LYS D 47 -13.81 62.89 13.70
N LYS D 48 -13.19 62.06 14.54
CA LYS D 48 -11.78 62.21 14.85
C LYS D 48 -10.94 61.00 14.41
N LYS D 49 -11.49 60.13 13.56
CA LYS D 49 -10.75 59.04 12.92
C LYS D 49 -9.90 58.27 13.92
N ILE D 50 -10.60 57.68 14.89
CA ILE D 50 -9.97 57.02 16.03
C ILE D 50 -10.06 55.50 15.86
N ALA D 51 -9.30 54.78 16.69
CA ALA D 51 -9.24 53.31 16.67
C ALA D 51 -9.42 52.78 18.08
N VAL D 52 -10.42 51.93 18.28
CA VAL D 52 -10.79 51.41 19.59
C VAL D 52 -10.23 49.99 19.75
N LEU D 53 -9.40 49.80 20.76
CA LEU D 53 -8.79 48.50 21.06
C LEU D 53 -9.20 47.99 22.44
N ALA D 54 -9.00 46.69 22.66
CA ALA D 54 -9.24 46.06 23.95
C ALA D 54 -8.25 44.92 24.14
N PRO D 55 -7.88 44.61 25.39
CA PRO D 55 -6.86 43.57 25.61
C PRO D 55 -7.22 42.20 25.08
N THR D 56 -8.37 41.66 25.47
CA THR D 56 -8.76 40.30 25.14
C THR D 56 -9.74 40.27 23.98
N GLY D 57 -9.88 39.09 23.39
CA GLY D 57 -10.88 38.92 22.36
C GLY D 57 -12.28 39.07 22.89
N VAL D 58 -12.50 38.70 24.15
CA VAL D 58 -13.83 38.85 24.75
C VAL D 58 -14.16 40.33 24.94
N ALA D 59 -13.23 41.09 25.50
CA ALA D 59 -13.47 42.52 25.66
C ALA D 59 -13.59 43.22 24.31
N ALA D 60 -12.93 42.71 23.28
CA ALA D 60 -12.97 43.37 21.99
C ALA D 60 -14.33 43.17 21.31
N VAL D 61 -14.87 41.96 21.36
CA VAL D 61 -16.15 41.68 20.72
C VAL D 61 -17.28 42.43 21.41
N ASN D 62 -17.19 42.60 22.73
CA ASN D 62 -18.22 43.33 23.47
C ASN D 62 -18.27 44.79 23.05
N ILE D 63 -17.11 45.44 22.97
CA ILE D 63 -17.03 46.84 22.57
C ILE D 63 -17.09 47.04 21.06
N LYS D 64 -17.22 45.96 20.28
CA LYS D 64 -17.23 46.01 18.81
C LYS D 64 -15.94 46.61 18.26
N GLY D 65 -14.81 46.29 18.90
CA GLY D 65 -13.51 46.79 18.47
C GLY D 65 -12.54 45.71 18.03
N GLN D 66 -11.24 45.98 18.09
CA GLN D 66 -10.21 45.03 17.68
C GLN D 66 -9.22 44.83 18.83
N THR D 67 -8.77 43.60 19.01
CA THR D 67 -7.83 43.32 20.09
C THR D 67 -6.48 43.94 19.80
N ILE D 68 -5.74 44.25 20.86
CA ILE D 68 -4.43 44.86 20.72
C ILE D 68 -3.50 43.98 19.88
N HIS D 69 -3.46 42.68 20.20
CA HIS D 69 -2.59 41.77 19.46
C HIS D 69 -2.94 41.71 17.98
N SER D 70 -4.23 41.85 17.64
CA SER D 70 -4.67 41.78 16.25
C SER D 70 -4.35 43.08 15.53
N PHE D 71 -4.51 44.22 16.21
CA PHE D 71 -4.33 45.51 15.57
C PHE D 71 -2.86 45.76 15.25
N PHE D 72 -1.96 45.32 16.13
CA PHE D 72 -0.54 45.52 15.97
C PHE D 72 0.19 44.31 15.39
N ASN D 73 -0.53 43.23 15.08
CA ASN D 73 0.08 41.99 14.59
C ASN D 73 1.09 41.44 15.61
N PHE D 74 0.72 41.51 16.88
CA PHE D 74 1.56 41.05 17.98
C PHE D 74 1.42 39.55 18.18
N LYS D 75 2.53 38.82 18.10
CA LYS D 75 2.52 37.41 18.44
C LYS D 75 2.34 37.23 19.95
N PRO D 76 1.76 36.12 20.39
CA PRO D 76 1.46 35.95 21.82
C PRO D 76 2.66 36.09 22.74
N ASP D 77 3.88 35.96 22.21
CA ASP D 77 5.10 36.01 23.00
C ASP D 77 5.86 37.30 22.79
N ILE D 78 5.20 38.31 22.20
CA ILE D 78 5.92 39.47 21.69
C ILE D 78 6.80 40.07 22.76
N THR D 79 7.96 40.57 22.35
CA THR D 79 8.87 41.30 23.21
C THR D 79 9.16 42.69 22.64
N LEU D 80 9.87 43.50 23.42
CA LEU D 80 10.29 44.82 22.94
C LEU D 80 11.27 44.71 21.78
N SER D 81 12.21 43.77 21.84
CA SER D 81 13.16 43.60 20.74
C SER D 81 12.45 43.15 19.47
N SER D 82 11.53 42.18 19.57
CA SER D 82 10.90 41.62 18.38
C SER D 82 9.87 42.57 17.79
N VAL D 83 9.32 43.49 18.59
CA VAL D 83 8.35 44.45 18.08
C VAL D 83 8.97 45.30 16.98
N LYS D 84 10.28 45.54 17.05
CA LYS D 84 10.95 46.35 16.05
C LYS D 84 10.95 45.69 14.69
N ASP D 85 10.90 44.36 14.65
CA ASP D 85 10.86 43.62 13.39
C ASP D 85 9.45 43.38 12.85
N ILE D 86 8.40 43.79 13.58
CA ILE D 86 7.04 43.53 13.12
C ILE D 86 6.70 44.43 11.94
N LYS D 87 6.32 43.81 10.82
CA LYS D 87 5.84 44.56 9.67
C LYS D 87 4.33 44.78 9.77
N PRO D 88 3.86 46.02 9.78
CA PRO D 88 2.41 46.26 9.83
C PRO D 88 1.68 45.68 8.62
N LYS D 89 0.56 45.02 8.91
CA LYS D 89 -0.35 44.56 7.86
C LYS D 89 -0.81 45.72 6.99
N ASN D 90 -1.06 46.87 7.60
CA ASN D 90 -1.82 48.00 7.10
C ASN D 90 -0.99 49.27 7.22
N LYS D 91 0.28 49.15 6.80
CA LYS D 91 1.32 50.13 7.04
C LYS D 91 0.80 51.56 6.87
N GLU D 92 0.05 51.80 5.79
CA GLU D 92 -0.50 53.12 5.52
C GLU D 92 -1.22 53.71 6.73
N ILE D 93 -1.98 52.90 7.46
CA ILE D 93 -2.61 53.37 8.70
C ILE D 93 -1.55 53.53 9.76
N TYR D 94 -1.90 54.23 10.83
CA TYR D 94 -1.09 54.77 11.92
C TYR D 94 -0.32 56.00 11.46
N LYS D 95 -0.40 56.37 10.19
CA LYS D 95 -0.03 57.71 9.78
C LYS D 95 -1.23 58.65 9.85
N LYS D 96 -2.43 58.12 9.63
CA LYS D 96 -3.64 58.92 9.58
C LYS D 96 -4.36 59.00 10.92
N LEU D 97 -4.09 58.10 11.84
CA LEU D 97 -4.89 57.98 13.05
C LEU D 97 -4.68 59.19 13.96
N ASP D 98 -5.77 59.83 14.34
CA ASP D 98 -5.67 60.94 15.29
C ASP D 98 -5.66 60.50 16.75
N ALA D 99 -6.46 59.50 17.11
CA ALA D 99 -6.55 59.03 18.48
C ALA D 99 -6.71 57.52 18.51
N ILE D 100 -6.34 56.91 19.64
CA ILE D 100 -6.50 55.48 19.86
C ILE D 100 -6.97 55.23 21.28
N VAL D 101 -8.08 54.52 21.43
CA VAL D 101 -8.66 54.22 22.74
C VAL D 101 -8.35 52.77 23.12
N ILE D 102 -8.21 52.53 24.42
CA ILE D 102 -7.95 51.20 24.96
C ILE D 102 -8.84 51.00 26.19
N ASP D 103 -9.84 50.15 26.08
CA ASP D 103 -10.76 49.86 27.17
C ASP D 103 -10.21 48.73 28.03
N GLU D 104 -10.72 48.66 29.27
CA GLU D 104 -10.30 47.67 30.26
C GLU D 104 -8.77 47.67 30.40
N VAL D 105 -8.21 48.87 30.44
CA VAL D 105 -6.77 49.07 30.58
C VAL D 105 -6.25 48.50 31.89
N SER D 106 -7.14 48.18 32.83
CA SER D 106 -6.71 47.63 34.12
C SER D 106 -5.93 46.34 33.92
N MET D 107 -6.33 45.52 32.95
CA MET D 107 -5.72 44.23 32.72
C MET D 107 -4.72 44.25 31.57
N VAL D 108 -4.05 45.38 31.37
CA VAL D 108 -2.99 45.53 30.37
C VAL D 108 -1.67 45.63 31.12
N ARG D 109 -0.80 44.64 30.90
CA ARG D 109 0.44 44.58 31.67
C ARG D 109 1.48 45.54 31.12
N ALA D 110 2.46 45.85 31.95
CA ALA D 110 3.44 46.89 31.62
C ALA D 110 4.22 46.55 30.36
N ASP D 111 4.64 45.29 30.21
CA ASP D 111 5.47 44.90 29.07
C ASP D 111 4.74 45.12 27.76
N LEU D 112 3.44 44.81 27.73
CA LEU D 112 2.65 45.03 26.52
C LEU D 112 2.52 46.52 26.24
N PHE D 113 2.37 47.32 27.30
CA PHE D 113 2.25 48.77 27.15
C PHE D 113 3.51 49.38 26.52
N ASP D 114 4.69 48.90 26.93
CA ASP D 114 5.93 49.40 26.34
C ASP D 114 6.06 48.95 24.89
N CYS D 115 5.61 47.74 24.57
CA CYS D 115 5.66 47.30 23.19
C CYS D 115 4.76 48.16 22.32
N ILE D 116 3.59 48.52 22.83
CA ILE D 116 2.69 49.41 22.10
C ILE D 116 3.36 50.75 21.84
N ASN D 117 3.96 51.33 22.87
CA ASN D 117 4.60 52.62 22.73
C ASN D 117 5.75 52.55 21.73
N GLU D 118 6.54 51.48 21.78
CA GLU D 118 7.61 51.32 20.81
C GLU D 118 7.07 51.21 19.40
N PHE D 119 6.00 50.44 19.22
CA PHE D 119 5.47 50.25 17.87
C PHE D 119 4.99 51.56 17.29
N LEU D 120 4.19 52.31 18.05
CA LEU D 120 3.71 53.60 17.58
C LEU D 120 4.83 54.62 17.50
N LYS D 121 5.89 54.45 18.28
CA LYS D 121 7.05 55.32 18.18
C LYS D 121 7.78 55.11 16.87
N ILE D 122 7.66 53.93 16.26
CA ILE D 122 8.34 53.67 15.00
C ILE D 122 7.44 53.97 13.81
N HIS D 123 6.13 53.78 13.96
CA HIS D 123 5.21 53.92 12.84
C HIS D 123 4.18 55.04 13.01
N GLY D 124 4.28 55.85 14.07
CA GLY D 124 3.27 56.86 14.34
C GLY D 124 3.44 58.08 13.47
N LYS D 125 2.53 59.04 13.66
CA LYS D 125 2.59 60.27 12.90
C LYS D 125 3.93 60.96 13.10
N GLN D 126 4.25 61.30 14.35
CA GLN D 126 5.55 61.89 14.68
C GLN D 126 6.39 60.84 15.39
N PRO D 127 7.18 60.06 14.67
CA PRO D 127 7.95 59.00 15.32
C PRO D 127 8.99 59.57 16.25
N GLY D 128 9.43 58.76 17.19
CA GLY D 128 10.38 59.22 18.19
C GLY D 128 9.64 59.77 19.39
N GLU D 129 8.57 60.50 19.14
CA GLU D 129 7.73 61.01 20.20
C GLU D 129 6.84 59.90 20.73
N PRO D 130 6.43 59.99 22.01
CA PRO D 130 5.65 58.91 22.60
C PRO D 130 4.43 58.57 21.78
N PHE D 131 4.31 57.30 21.42
CA PHE D 131 3.19 56.80 20.62
C PHE D 131 3.10 57.49 19.26
N GLY D 132 4.23 57.99 18.76
CA GLY D 132 4.19 58.72 17.51
C GLY D 132 3.29 59.92 17.55
N GLY D 133 3.06 60.50 18.73
CA GLY D 133 2.27 61.70 18.86
C GLY D 133 0.76 61.53 18.76
N ILE D 134 0.26 60.32 18.59
CA ILE D 134 -1.18 60.12 18.46
C ILE D 134 -1.80 60.06 19.86
N GLN D 135 -2.86 60.83 20.05
CA GLN D 135 -3.50 60.97 21.35
C GLN D 135 -4.05 59.64 21.86
N LEU D 136 -3.63 59.24 23.06
CA LEU D 136 -3.98 57.97 23.66
C LEU D 136 -5.05 58.14 24.74
N ILE D 137 -6.12 57.35 24.64
CA ILE D 137 -7.22 57.36 25.61
C ILE D 137 -7.29 55.99 26.29
N LEU D 138 -7.11 55.95 27.60
CA LEU D 138 -7.21 54.73 28.38
C LEU D 138 -8.48 54.72 29.24
N ILE D 139 -9.16 53.59 29.28
CA ILE D 139 -10.42 53.46 30.03
C ILE D 139 -10.42 52.16 30.82
N GLY D 140 -10.51 52.25 32.15
CA GLY D 140 -10.55 51.07 33.00
C GLY D 140 -10.62 51.49 34.46
N ASP D 141 -10.82 50.50 35.33
CA ASP D 141 -10.82 50.73 36.77
C ASP D 141 -9.65 50.00 37.42
N LEU D 142 -8.88 50.73 38.23
CA LEU D 142 -7.71 50.17 38.89
C LEU D 142 -8.07 49.09 39.90
N TYR D 143 -9.31 49.00 40.32
CA TYR D 143 -9.70 48.15 41.43
C TYR D 143 -9.70 46.68 41.11
N GLN D 144 -9.28 46.21 39.95
CA GLN D 144 -9.46 44.82 39.57
C GLN D 144 -8.11 44.13 39.34
N LEU D 145 -7.62 43.39 40.33
CA LEU D 145 -6.90 42.15 40.06
C LEU D 145 -5.78 42.29 39.03
N PRO D 146 -4.69 42.98 39.37
CA PRO D 146 -3.65 43.28 38.37
C PRO D 146 -3.23 42.06 37.57
N PRO D 147 -2.72 42.25 36.36
CA PRO D 147 -2.51 41.13 35.44
C PRO D 147 -1.47 40.15 35.96
N VAL D 148 -1.86 38.87 36.01
CA VAL D 148 -1.00 37.85 36.57
C VAL D 148 0.30 37.74 35.78
N VAL D 149 1.35 37.28 36.46
CA VAL D 149 2.70 37.15 35.91
C VAL D 149 3.24 35.79 36.33
N THR D 150 3.35 34.86 35.38
CA THR D 150 3.73 33.48 35.67
C THR D 150 5.04 33.41 36.44
N SER D 151 5.21 32.32 37.19
CA SER D 151 6.36 32.19 38.08
C SER D 151 7.68 32.23 37.30
N SER D 152 7.69 31.71 36.07
CA SER D 152 8.89 31.77 35.26
C SER D 152 9.26 33.21 34.92
N GLU D 153 8.30 33.96 34.37
CA GLU D 153 8.55 35.36 34.05
C GLU D 153 8.90 36.18 35.29
N LYS D 154 8.42 35.75 36.46
CA LYS D 154 8.37 36.62 37.64
C LYS D 154 9.74 37.18 38.00
N LYS D 155 10.76 36.33 38.00
CA LYS D 155 12.07 36.74 38.51
C LYS D 155 12.58 37.99 37.79
N PHE D 156 12.65 37.96 36.46
CA PHE D 156 13.21 39.11 35.76
C PHE D 156 12.19 40.18 35.45
N PHE D 157 10.91 39.85 35.44
CA PHE D 157 9.89 40.88 35.33
C PHE D 157 9.95 41.81 36.54
N SER D 158 10.19 41.24 37.73
CA SER D 158 10.20 42.03 38.95
C SER D 158 11.27 43.10 38.93
N GLN D 159 12.35 42.88 38.17
CA GLN D 159 13.45 43.83 38.16
C GLN D 159 13.32 44.92 37.13
N ILE D 160 12.48 44.74 36.12
CA ILE D 160 12.36 45.76 35.09
C ILE D 160 11.21 46.73 35.40
N TYR D 161 10.06 46.25 35.84
CA TYR D 161 8.91 47.12 36.11
C TYR D 161 8.56 47.24 37.58
N LYS D 162 8.69 46.15 38.34
CA LYS D 162 8.39 46.03 39.77
C LYS D 162 6.89 45.97 40.06
N SER D 163 6.03 46.11 39.05
CA SER D 163 4.62 45.77 39.20
C SER D 163 4.06 45.43 37.83
N PRO D 164 3.09 44.51 37.74
CA PRO D 164 2.44 44.23 36.45
C PRO D 164 1.45 45.30 36.04
N PHE D 165 1.25 46.34 36.84
CA PHE D 165 0.32 47.38 36.47
C PHE D 165 0.82 48.14 35.26
N PHE D 166 -0.11 48.60 34.44
CA PHE D 166 0.27 49.42 33.29
C PHE D 166 0.93 50.74 33.72
N PHE D 167 0.51 51.31 34.85
CA PHE D 167 1.08 52.60 35.26
C PHE D 167 2.49 52.47 35.81
N ASP D 168 3.00 51.25 35.99
CA ASP D 168 4.39 51.02 36.36
C ASP D 168 5.26 50.68 35.15
N SER D 169 4.80 50.99 33.94
CA SER D 169 5.57 50.81 32.73
C SER D 169 6.37 52.05 32.42
N ILE D 170 7.56 51.84 31.84
CA ILE D 170 8.48 52.95 31.61
C ILE D 170 7.90 53.95 30.61
N SER D 171 6.99 53.51 29.73
CA SER D 171 6.44 54.45 28.77
C SER D 171 5.47 55.41 29.44
N PHE D 172 4.81 54.99 30.51
CA PHE D 172 3.87 55.87 31.17
C PHE D 172 4.57 56.81 32.14
N ASN D 173 5.56 57.57 31.68
CA ASN D 173 5.80 58.91 32.19
C ASN D 173 5.99 59.94 31.10
N GLU D 174 6.34 59.54 29.87
CA GLU D 174 6.69 60.45 28.80
C GLU D 174 5.51 61.21 28.24
N ALA D 175 4.29 60.82 28.62
CA ALA D 175 3.07 61.46 28.16
C ALA D 175 2.29 61.99 29.36
N GLU D 176 1.65 63.14 29.18
CA GLU D 176 0.90 63.76 30.25
C GLU D 176 -0.56 63.31 30.14
N PHE D 177 -1.08 62.80 31.25
CA PHE D 177 -2.39 62.16 31.29
C PHE D 177 -3.31 62.91 32.25
N GLU D 178 -4.43 63.39 31.72
CA GLU D 178 -5.49 63.92 32.58
C GLU D 178 -6.17 62.74 33.26
N PHE D 179 -6.60 62.95 34.50
CA PHE D 179 -6.36 61.93 35.51
C PHE D 179 -7.16 60.66 35.21
N VAL D 180 -8.49 60.73 35.13
CA VAL D 180 -9.57 61.60 35.56
C VAL D 180 -10.63 60.58 36.00
N GLU D 181 -11.32 60.84 37.11
CA GLU D 181 -12.11 59.80 37.75
C GLU D 181 -13.60 60.10 37.66
N LEU D 182 -14.34 59.20 37.04
CA LEU D 182 -15.79 59.14 37.16
C LEU D 182 -16.15 58.53 38.50
N GLU D 183 -16.78 59.31 39.38
CA GLU D 183 -17.08 58.78 40.71
C GLU D 183 -18.55 58.50 40.97
N LYS D 184 -19.47 59.04 40.17
CA LYS D 184 -20.90 58.83 40.43
C LYS D 184 -21.36 57.52 39.81
N VAL D 185 -22.02 56.69 40.61
CA VAL D 185 -22.56 55.40 40.18
C VAL D 185 -24.02 55.61 39.85
N TYR D 186 -24.36 55.55 38.57
CA TYR D 186 -25.73 55.85 38.18
C TYR D 186 -26.66 54.67 38.47
N ARG D 187 -27.96 54.98 38.49
CA ARG D 187 -29.07 54.04 38.65
C ARG D 187 -28.78 52.97 39.71
N GLN D 188 -28.47 53.43 40.91
CA GLN D 188 -28.13 52.54 42.02
C GLN D 188 -28.96 52.87 43.26
N LYS D 189 -29.51 51.83 43.87
CA LYS D 189 -30.09 51.92 45.20
C LYS D 189 -29.12 51.47 46.27
N ASP D 190 -27.87 51.24 45.89
CA ASP D 190 -26.81 50.82 46.81
C ASP D 190 -26.17 52.02 47.51
N GLU D 191 -27.01 52.82 48.16
CA GLU D 191 -26.56 54.07 48.76
C GLU D 191 -25.89 53.87 50.11
N LYS D 192 -25.55 52.65 50.48
CA LYS D 192 -24.71 52.36 51.62
C LYS D 192 -23.54 51.44 51.31
N PHE D 193 -23.65 50.61 50.27
CA PHE D 193 -22.59 49.68 49.93
C PHE D 193 -21.43 50.40 49.26
N ILE D 194 -21.73 51.35 48.38
CA ILE D 194 -20.66 52.09 47.69
C ILE D 194 -19.90 52.95 48.69
N LYS D 195 -20.60 53.50 49.69
CA LYS D 195 -19.93 54.26 50.73
C LYS D 195 -19.03 53.35 51.56
N LEU D 196 -19.50 52.13 51.82
CA LEU D 196 -18.69 51.20 52.61
C LEU D 196 -17.45 50.75 51.84
N LEU D 197 -17.59 50.50 50.54
CA LEU D 197 -16.44 50.13 49.73
C LEU D 197 -15.44 51.27 49.64
N ASN D 198 -15.93 52.50 49.48
CA ASN D 198 -15.03 53.64 49.48
C ASN D 198 -14.34 53.78 50.83
N ALA D 199 -15.01 53.38 51.92
CA ALA D 199 -14.36 53.40 53.22
C ALA D 199 -13.25 52.35 53.31
N ILE D 200 -13.46 51.19 52.69
CA ILE D 200 -12.38 50.20 52.61
C ILE D 200 -11.27 50.72 51.71
N ARG D 201 -11.62 51.55 50.72
CA ARG D 201 -10.63 52.09 49.80
C ARG D 201 -9.61 52.94 50.53
N ASN D 202 -10.08 53.88 51.34
CA ASN D 202 -9.22 54.83 52.04
C ASN D 202 -8.76 54.32 53.40
N LYS D 203 -9.01 53.05 53.71
CA LYS D 203 -8.66 52.44 54.99
C LYS D 203 -9.38 53.11 56.15
N THR D 204 -10.52 53.75 55.87
CA THR D 204 -11.24 54.54 56.85
C THR D 204 -12.44 53.81 57.44
N ILE D 205 -12.34 52.48 57.57
CA ILE D 205 -13.44 51.69 58.10
C ILE D 205 -13.59 51.90 59.60
N GLU D 206 -14.80 51.63 60.09
CA GLU D 206 -15.13 51.75 61.51
C GLU D 206 -15.54 50.38 62.03
N GLU D 207 -14.92 49.97 63.14
CA GLU D 207 -15.13 48.62 63.65
C GLU D 207 -16.58 48.37 64.08
N LYS D 208 -17.36 49.42 64.27
CA LYS D 208 -18.81 49.24 64.43
C LYS D 208 -19.44 48.70 63.16
N ASP D 209 -19.03 49.22 62.01
CA ASP D 209 -19.55 48.68 60.75
C ASP D 209 -18.81 47.44 60.29
N LEU D 210 -17.59 47.22 60.80
CA LEU D 210 -16.93 45.95 60.52
C LEU D 210 -17.71 44.77 61.11
N GLU D 211 -18.24 44.93 62.33
CA GLU D 211 -19.11 43.89 62.89
C GLU D 211 -20.48 43.86 62.22
N GLU D 212 -20.96 45.02 61.73
CA GLU D 212 -22.19 45.02 60.93
C GLU D 212 -22.02 44.24 59.63
N LEU D 213 -20.77 43.97 59.23
CA LEU D 213 -20.48 43.08 58.11
C LEU D 213 -20.69 41.63 58.50
N ASN D 214 -20.19 41.25 59.67
CA ASN D 214 -20.04 39.86 60.11
C ASN D 214 -21.38 39.17 60.27
N LYS D 215 -22.48 39.91 60.05
CA LYS D 215 -23.82 39.35 60.22
C LYS D 215 -24.09 38.28 59.17
N ARG D 216 -23.48 38.43 57.99
CA ARG D 216 -23.67 37.51 56.88
C ARG D 216 -22.36 36.80 56.53
N TYR D 217 -21.29 37.15 57.23
CA TYR D 217 -20.02 36.42 57.28
C TYR D 217 -20.08 35.28 58.30
N ILE D 218 -21.14 35.26 59.11
CA ILE D 218 -21.53 34.25 60.10
C ILE D 218 -21.78 32.88 59.49
N PRO D 219 -22.15 32.79 58.21
CA PRO D 219 -23.42 32.15 57.81
C PRO D 219 -23.67 30.71 58.26
N ASP D 220 -22.71 29.98 58.84
CA ASP D 220 -22.94 28.58 59.18
C ASP D 220 -22.99 27.66 57.95
N PHE D 221 -22.28 28.01 56.88
CA PHE D 221 -21.91 27.03 55.85
C PHE D 221 -23.07 26.28 55.20
N GLU D 222 -23.97 27.03 54.51
CA GLU D 222 -25.04 26.29 53.83
C GLU D 222 -26.18 26.99 53.11
N PRO D 223 -26.75 28.15 53.53
CA PRO D 223 -28.07 28.50 52.95
C PRO D 223 -28.02 28.30 51.45
N ASP D 224 -28.88 27.43 50.90
CA ASP D 224 -28.78 27.23 49.47
C ASP D 224 -29.74 28.13 48.72
N GLU D 225 -31.02 27.99 49.04
CA GLU D 225 -32.21 28.84 48.99
C GLU D 225 -32.67 28.95 47.56
N LYS D 226 -31.91 28.38 46.63
CA LYS D 226 -32.23 28.14 45.23
C LYS D 226 -32.80 29.39 44.57
N GLU D 227 -32.45 30.62 44.98
CA GLU D 227 -33.12 31.61 44.16
C GLU D 227 -32.38 32.29 43.02
N PHE D 228 -31.21 32.98 43.22
CA PHE D 228 -30.08 33.14 42.30
C PHE D 228 -28.63 33.03 42.86
N TYR D 229 -28.20 32.13 43.73
CA TYR D 229 -26.91 32.51 44.34
C TYR D 229 -25.73 32.05 43.48
N ILE D 230 -24.76 32.95 43.28
CA ILE D 230 -23.53 32.70 42.52
C ILE D 230 -22.32 32.65 43.46
N TYR D 231 -21.51 31.60 43.31
CA TYR D 231 -20.18 31.47 43.91
C TYR D 231 -19.09 32.27 43.18
N LEU D 232 -18.36 33.12 43.91
CA LEU D 232 -17.19 33.80 43.35
C LEU D 232 -15.90 33.10 43.81
N THR D 233 -15.22 32.45 42.88
CA THR D 233 -14.01 31.68 43.11
C THR D 233 -12.75 32.37 42.58
N THR D 234 -11.60 31.93 43.10
CA THR D 234 -10.30 32.43 42.65
C THR D 234 -9.82 31.79 41.36
N THR D 235 -10.33 30.62 41.01
CA THR D 235 -9.76 29.82 39.94
C THR D 235 -10.86 29.29 39.04
N ASN D 236 -10.50 29.08 37.77
CA ASN D 236 -11.42 28.38 36.88
C ASN D 236 -11.76 27.02 37.45
N GLU D 237 -10.76 26.30 37.95
CA GLU D 237 -10.96 24.92 38.37
C GLU D 237 -12.01 24.83 39.46
N LEU D 238 -12.04 25.78 40.40
CA LEU D 238 -13.05 25.67 41.43
C LEU D 238 -14.42 26.12 40.94
N ALA D 239 -14.51 27.28 40.29
CA ALA D 239 -15.82 27.71 39.79
C ALA D 239 -16.38 26.75 38.76
N ASP D 240 -15.52 26.21 37.88
CA ASP D 240 -16.03 25.32 36.86
C ASP D 240 -16.54 24.01 37.46
N LYS D 241 -15.99 23.60 38.61
CA LYS D 241 -16.53 22.43 39.27
C LYS D 241 -17.85 22.72 39.96
N ILE D 242 -17.99 23.88 40.58
CA ILE D 242 -19.22 24.19 41.30
C ILE D 242 -20.38 24.29 40.33
N ASN D 243 -20.13 24.80 39.13
CA ASN D 243 -21.16 24.81 38.10
C ASN D 243 -21.55 23.40 37.69
N GLN D 244 -20.56 22.50 37.61
CA GLN D 244 -20.83 21.14 37.21
C GLN D 244 -21.50 20.36 38.32
N GLN D 245 -21.06 20.55 39.57
CA GLN D 245 -21.61 19.79 40.68
C GLN D 245 -23.10 20.03 40.80
N LYS D 246 -23.53 21.28 40.63
CA LYS D 246 -24.95 21.59 40.52
C LYS D 246 -25.54 20.96 39.27
N LEU D 247 -25.01 21.31 38.10
CA LEU D 247 -25.43 20.80 36.79
C LEU D 247 -25.63 19.29 36.79
N GLU D 248 -24.77 18.57 37.51
CA GLU D 248 -24.94 17.13 37.65
C GLU D 248 -26.14 16.81 38.52
N LYS D 249 -26.12 17.31 39.77
CA LYS D 249 -27.12 16.99 40.79
C LYS D 249 -28.55 16.94 40.27
N LEU D 250 -28.99 18.01 39.59
CA LEU D 250 -30.38 18.10 39.18
C LEU D 250 -30.64 17.21 37.98
N LYS D 251 -31.72 16.45 38.05
CA LYS D 251 -32.06 15.45 37.05
C LYS D 251 -32.83 16.12 35.90
N GLY D 252 -33.36 15.30 35.02
CA GLY D 252 -34.02 15.75 33.81
C GLY D 252 -33.18 15.53 32.57
N LYS D 253 -33.51 16.28 31.53
CA LYS D 253 -32.94 16.07 30.21
C LYS D 253 -31.83 17.07 29.91
N LYS D 254 -30.80 16.61 29.22
CA LYS D 254 -29.68 17.45 28.80
C LYS D 254 -29.91 17.95 27.38
N TYR D 255 -29.50 19.19 27.13
CA TYR D 255 -29.51 19.80 25.80
C TYR D 255 -28.12 20.35 25.50
N VAL D 256 -27.54 19.97 24.37
CA VAL D 256 -26.20 20.41 23.98
C VAL D 256 -26.30 21.22 22.71
N TYR D 257 -25.73 22.42 22.74
CA TYR D 257 -25.70 23.32 21.60
C TYR D 257 -24.26 23.68 21.27
N GLN D 258 -23.88 23.53 20.01
CA GLN D 258 -22.52 23.79 19.56
C GLN D 258 -22.44 25.15 18.88
N GLY D 259 -21.47 25.96 19.31
CA GLY D 259 -21.24 27.23 18.64
C GLY D 259 -20.65 27.03 17.26
N TYR D 260 -21.01 27.94 16.35
CA TYR D 260 -20.55 27.90 14.98
C TYR D 260 -19.63 29.08 14.70
N ILE D 261 -18.42 28.79 14.21
CA ILE D 261 -17.43 29.81 13.90
C ILE D 261 -17.38 30.00 12.39
N GLU D 262 -17.61 31.23 11.94
CA GLU D 262 -17.53 31.58 10.53
C GLU D 262 -16.38 32.56 10.31
N GLY D 263 -15.67 32.38 9.21
CA GLY D 263 -14.53 33.23 8.90
C GLY D 263 -13.33 32.88 9.76
N ASP D 264 -12.96 33.77 10.68
CA ASP D 264 -11.83 33.55 11.56
C ASP D 264 -12.15 34.11 12.93
N PHE D 265 -12.04 33.28 13.95
CA PHE D 265 -12.44 33.66 15.30
C PHE D 265 -11.59 32.88 16.28
N SER D 266 -11.04 33.57 17.27
CA SER D 266 -10.29 32.90 18.34
C SER D 266 -11.15 31.83 18.98
N GLU D 267 -10.71 30.57 18.91
CA GLU D 267 -11.38 29.53 19.67
C GLU D 267 -10.92 29.52 21.12
N LYS D 268 -10.16 30.54 21.53
CA LYS D 268 -9.66 30.72 22.88
C LYS D 268 -10.57 31.64 23.69
N ASP D 269 -10.83 32.84 23.17
CA ASP D 269 -11.65 33.85 23.84
C ASP D 269 -13.00 33.92 23.15
N LEU D 270 -14.02 33.32 23.78
CA LEU D 270 -15.36 33.33 23.22
C LEU D 270 -16.35 33.81 24.27
N PRO D 271 -17.33 34.65 23.88
CA PRO D 271 -18.25 35.21 24.87
C PRO D 271 -19.13 34.18 25.55
N ALA D 272 -19.75 33.34 24.76
CA ALA D 272 -20.50 32.18 25.20
C ALA D 272 -19.67 30.92 25.08
N PRO D 273 -19.81 29.96 26.00
CA PRO D 273 -19.05 28.72 25.89
C PRO D 273 -19.38 28.01 24.57
N LEU D 274 -18.39 27.24 24.08
CA LEU D 274 -18.57 26.58 22.79
C LEU D 274 -19.61 25.46 22.87
N GLU D 275 -19.61 24.72 23.98
CA GLU D 275 -20.55 23.62 24.19
C GLU D 275 -21.50 23.97 25.32
N LEU D 276 -22.74 24.32 24.99
CA LEU D 276 -23.75 24.69 25.98
C LEU D 276 -24.48 23.43 26.43
N VAL D 277 -24.26 23.03 27.68
CA VAL D 277 -24.87 21.85 28.27
C VAL D 277 -25.88 22.33 29.30
N ILE D 278 -27.17 22.29 28.95
CA ILE D 278 -28.22 22.85 29.80
C ILE D 278 -29.27 21.78 30.09
N LYS D 279 -29.52 21.56 31.37
CA LYS D 279 -30.68 20.80 31.83
C LYS D 279 -31.82 21.75 32.16
N LYS D 280 -33.02 21.19 32.25
CA LYS D 280 -34.16 21.95 32.71
C LYS D 280 -33.98 22.34 34.18
N GLY D 281 -34.14 23.62 34.47
CA GLY D 281 -33.93 24.10 35.82
C GLY D 281 -32.52 24.57 36.11
N THR D 282 -31.78 25.03 35.10
CA THR D 282 -30.37 25.32 35.23
C THR D 282 -30.13 26.83 35.28
N GLN D 283 -29.31 27.25 36.23
CA GLN D 283 -28.94 28.66 36.38
C GLN D 283 -27.98 29.10 35.29
N VAL D 284 -28.31 30.19 34.60
CA VAL D 284 -27.55 30.68 33.45
C VAL D 284 -27.26 32.16 33.66
N MET D 285 -26.40 32.71 32.78
CA MET D 285 -25.85 34.04 33.04
C MET D 285 -25.96 35.04 31.90
N LEU D 286 -26.67 34.74 30.80
CA LEU D 286 -27.22 35.77 29.91
C LEU D 286 -26.21 36.86 29.54
N LEU D 287 -25.12 36.47 28.87
CA LEU D 287 -23.85 37.18 28.90
C LEU D 287 -23.73 38.28 27.83
N ASN D 288 -24.85 38.77 27.31
CA ASN D 288 -24.84 39.96 26.48
C ASN D 288 -26.11 40.76 26.70
N ASN D 289 -26.07 42.03 26.28
CA ASN D 289 -27.16 42.98 26.49
C ASN D 289 -28.22 42.86 25.41
N ASP D 290 -29.46 42.57 25.81
CA ASP D 290 -30.54 42.42 24.84
C ASP D 290 -30.91 43.78 24.25
N TYR D 291 -30.96 43.84 22.92
CA TYR D 291 -31.39 45.07 22.24
C TYR D 291 -32.80 45.45 22.66
N GLN D 292 -33.71 44.48 22.66
CA GLN D 292 -35.11 44.73 22.97
C GLN D 292 -35.35 45.07 24.43
N GLY D 293 -34.31 45.00 25.27
CA GLY D 293 -34.41 45.44 26.64
C GLY D 293 -35.14 44.46 27.53
N ARG D 294 -34.61 43.25 27.61
CA ARG D 294 -35.15 42.22 28.50
C ARG D 294 -34.15 41.76 29.53
N TRP D 295 -32.88 41.66 29.17
CA TRP D 295 -31.84 41.21 30.10
C TRP D 295 -30.54 41.89 29.73
N ILE D 296 -29.65 41.97 30.72
CA ILE D 296 -28.36 42.60 30.54
C ILE D 296 -27.27 41.54 30.66
N ASN D 297 -26.04 41.96 30.37
CA ASN D 297 -24.87 41.11 30.52
C ASN D 297 -24.66 40.82 32.01
N GLY D 298 -24.85 39.56 32.41
CA GLY D 298 -24.74 39.19 33.81
C GLY D 298 -26.05 38.91 34.50
N SER D 299 -27.18 39.18 33.84
CA SER D 299 -28.48 38.92 34.44
C SER D 299 -28.71 37.41 34.50
N MET D 300 -28.77 36.87 35.71
CA MET D 300 -28.86 35.42 35.89
C MET D 300 -30.28 34.94 35.58
N GLY D 301 -30.38 33.63 35.29
CA GLY D 301 -31.68 33.07 35.01
C GLY D 301 -31.81 31.63 35.48
N ARG D 302 -32.99 31.08 35.25
CA ARG D 302 -33.52 29.93 36.00
C ARG D 302 -34.06 28.87 35.05
N VAL D 303 -33.29 28.55 33.99
CA VAL D 303 -33.87 28.12 32.72
C VAL D 303 -34.93 27.07 32.92
N VAL D 304 -36.06 27.27 32.24
CA VAL D 304 -37.27 26.47 32.40
C VAL D 304 -37.49 25.75 31.08
N ASP D 305 -38.49 24.88 31.03
CA ASP D 305 -38.60 23.86 29.99
C ASP D 305 -38.27 24.41 28.61
N ILE D 306 -37.31 23.77 27.95
CA ILE D 306 -36.81 24.20 26.65
C ILE D 306 -37.85 23.84 25.59
N GLU D 307 -38.42 24.86 24.96
CA GLU D 307 -39.28 24.62 23.82
C GLU D 307 -38.47 24.64 22.54
N LYS D 308 -38.89 23.83 21.58
CA LYS D 308 -38.14 23.61 20.35
C LYS D 308 -39.01 24.10 19.20
N VAL D 309 -38.76 25.32 18.71
CA VAL D 309 -39.62 25.92 17.70
C VAL D 309 -39.27 25.39 16.32
N LYS D 310 -40.30 25.27 15.45
CA LYS D 310 -40.13 24.55 14.19
C LYS D 310 -39.19 25.26 13.23
N GLY D 311 -38.38 24.46 12.54
CA GLY D 311 -37.90 24.69 11.20
C GLY D 311 -36.81 25.72 11.04
N ASN D 312 -36.51 26.52 12.07
CA ASN D 312 -35.27 27.28 12.09
C ASN D 312 -34.33 26.85 13.21
N GLU D 313 -34.83 26.79 14.45
CA GLU D 313 -34.01 26.72 15.64
C GLU D 313 -34.94 26.49 16.83
N ASP D 314 -34.38 25.94 17.91
CA ASP D 314 -35.13 25.75 19.14
C ASP D 314 -34.84 26.90 20.10
N ILE D 315 -35.68 27.01 21.13
CA ILE D 315 -35.68 28.18 22.01
C ILE D 315 -35.42 27.72 23.44
N ILE D 316 -34.64 28.51 24.17
CA ILE D 316 -34.36 28.25 25.57
C ILE D 316 -35.20 29.21 26.40
N TRP D 317 -36.21 28.68 27.08
CA TRP D 317 -37.00 29.50 27.98
C TRP D 317 -36.30 29.66 29.33
N VAL D 318 -36.24 30.89 29.82
CA VAL D 318 -35.48 31.24 31.01
C VAL D 318 -36.34 32.09 31.93
N GLU D 319 -36.26 31.84 33.23
CA GLU D 319 -36.95 32.66 34.22
C GLU D 319 -35.93 33.64 34.80
N LEU D 320 -36.21 34.93 34.63
CA LEU D 320 -35.23 35.96 34.96
C LEU D 320 -35.12 36.15 36.46
N GLU D 321 -34.19 37.04 36.84
CA GLU D 321 -33.97 37.37 38.24
C GLU D 321 -35.22 37.93 38.90
N ASP D 322 -36.15 38.48 38.11
CA ASP D 322 -37.37 39.06 38.63
C ASP D 322 -38.63 38.29 38.24
N GLY D 323 -38.47 37.12 37.62
CA GLY D 323 -39.67 36.39 37.23
C GLY D 323 -40.26 36.74 35.88
N GLU D 324 -39.45 36.70 34.82
CA GLU D 324 -39.88 37.07 33.47
C GLU D 324 -39.36 36.02 32.49
N GLU D 325 -40.22 35.06 32.15
CA GLU D 325 -39.87 34.04 31.17
C GLU D 325 -39.50 34.65 29.83
N VAL D 326 -38.26 34.50 29.42
CA VAL D 326 -37.75 35.07 28.17
C VAL D 326 -37.36 33.93 27.24
N PRO D 327 -37.76 33.97 25.96
CA PRO D 327 -37.22 33.05 24.95
C PRO D 327 -35.85 33.52 24.48
N VAL D 328 -34.82 32.77 24.84
CA VAL D 328 -33.44 33.07 24.43
C VAL D 328 -33.11 32.26 23.18
N GLN D 329 -32.63 32.95 22.15
CA GLN D 329 -32.17 32.36 20.91
C GLN D 329 -30.72 32.72 20.66
N PRO D 330 -30.02 32.01 19.77
CA PRO D 330 -28.59 32.29 19.55
C PRO D 330 -28.35 33.72 19.09
N TYR D 331 -27.26 34.30 19.56
CA TYR D 331 -26.83 35.65 19.24
C TYR D 331 -25.53 35.63 18.42
N GLU D 332 -25.40 36.60 17.52
CA GLU D 332 -24.26 36.68 16.61
C GLU D 332 -23.23 37.67 17.14
N TRP D 333 -22.01 37.18 17.37
CA TRP D 333 -20.87 38.02 17.72
C TRP D 333 -19.95 38.16 16.53
N ASP D 334 -19.36 39.34 16.36
CA ASP D 334 -18.52 39.65 15.21
C ASP D 334 -17.15 40.13 15.64
N MET D 335 -16.13 39.77 14.85
CA MET D 335 -14.74 40.13 15.11
C MET D 335 -14.32 41.16 14.06
N PHE D 336 -14.19 42.42 14.49
CA PHE D 336 -13.88 43.55 13.61
C PHE D 336 -12.37 43.69 13.38
N GLU D 337 -12.03 44.58 12.46
CA GLU D 337 -10.64 45.01 12.26
C GLU D 337 -10.65 46.35 11.53
N PHE D 338 -9.97 47.34 12.10
CA PHE D 338 -10.01 48.68 11.55
C PHE D 338 -9.02 48.84 10.39
N TYR D 339 -9.39 49.72 9.46
CA TYR D 339 -8.53 50.05 8.33
C TYR D 339 -8.90 51.43 7.83
N TYR D 340 -7.94 52.08 7.16
CA TYR D 340 -8.18 53.39 6.57
C TYR D 340 -8.73 53.22 5.17
N ASP D 341 -9.76 53.98 4.84
CA ASP D 341 -10.34 53.97 3.51
C ASP D 341 -9.67 55.06 2.70
N LYS D 342 -8.84 54.66 1.74
CA LYS D 342 -8.04 55.64 1.00
C LYS D 342 -8.92 56.64 0.26
N ALA D 343 -10.13 56.22 -0.11
CA ALA D 343 -11.02 57.07 -0.89
C ALA D 343 -11.31 58.39 -0.16
N GLN D 344 -11.80 58.30 1.07
CA GLN D 344 -12.17 59.48 1.82
C GLN D 344 -11.34 59.57 3.10
N LYS D 345 -11.66 60.56 3.92
CA LYS D 345 -10.96 60.82 5.19
C LYS D 345 -11.62 60.06 6.35
N LYS D 346 -11.65 58.73 6.27
CA LYS D 346 -12.35 57.99 7.30
C LYS D 346 -11.71 56.62 7.53
N ILE D 347 -11.91 56.11 8.75
CA ILE D 347 -11.42 54.81 9.19
C ILE D 347 -12.61 53.86 9.29
N LYS D 348 -12.67 52.89 8.38
CA LYS D 348 -13.75 51.91 8.40
C LYS D 348 -13.31 50.64 9.10
N SER D 349 -14.29 49.84 9.52
CA SER D 349 -14.06 48.63 10.31
C SER D 349 -14.76 47.45 9.63
N ARG D 350 -13.99 46.59 8.98
CA ARG D 350 -14.53 45.38 8.37
C ARG D 350 -14.51 44.22 9.37
N THR D 351 -15.37 43.25 9.13
CA THR D 351 -15.58 42.11 10.02
C THR D 351 -14.91 40.87 9.43
N VAL D 352 -13.92 40.33 10.15
CA VAL D 352 -13.16 39.17 9.68
C VAL D 352 -13.65 37.87 10.29
N GLY D 353 -14.55 37.92 11.26
CA GLY D 353 -15.00 36.70 11.91
C GLY D 353 -16.41 36.85 12.46
N SER D 354 -17.06 35.70 12.63
CA SER D 354 -18.39 35.63 13.21
C SER D 354 -18.49 34.41 14.12
N TYR D 355 -19.28 34.55 15.18
CA TYR D 355 -19.50 33.47 16.14
C TYR D 355 -20.98 33.45 16.53
N TYR D 356 -21.60 32.28 16.45
CA TYR D 356 -23.02 32.11 16.74
C TYR D 356 -23.20 31.07 17.82
N GLN D 357 -23.85 31.46 18.92
CA GLN D 357 -24.14 30.56 20.02
C GLN D 357 -25.16 31.23 20.92
N TYR D 358 -25.97 30.42 21.59
CA TYR D 358 -26.87 30.93 22.62
C TYR D 358 -26.07 31.71 23.65
N PRO D 359 -26.41 32.97 23.91
CA PRO D 359 -25.65 33.75 24.90
C PRO D 359 -25.91 33.32 26.34
N LEU D 360 -25.39 32.17 26.74
CA LEU D 360 -25.71 31.64 28.06
C LEU D 360 -24.55 30.81 28.55
N LYS D 361 -24.44 30.69 29.88
CA LYS D 361 -23.45 29.83 30.50
C LYS D 361 -23.94 29.49 31.91
N PRO D 362 -23.64 28.30 32.42
CA PRO D 362 -24.06 27.95 33.78
C PRO D 362 -23.53 28.95 34.79
N ALA D 363 -24.41 29.40 35.68
CA ALA D 363 -24.13 30.51 36.58
C ALA D 363 -24.39 30.10 38.03
N TRP D 364 -23.91 28.91 38.38
CA TRP D 364 -23.82 28.53 39.78
C TRP D 364 -22.57 29.08 40.42
N ALA D 365 -21.52 29.31 39.62
CA ALA D 365 -20.27 29.87 40.13
C ALA D 365 -19.53 30.53 38.98
N ILE D 366 -18.77 31.58 39.32
CA ILE D 366 -17.97 32.30 38.36
C ILE D 366 -16.67 32.73 39.03
N THR D 367 -15.67 33.00 38.21
CA THR D 367 -14.39 33.49 38.67
C THR D 367 -14.38 35.00 38.59
N ILE D 368 -13.89 35.63 39.65
CA ILE D 368 -13.81 37.09 39.74
C ILE D 368 -13.27 37.67 38.44
N HIS D 369 -12.21 37.08 37.91
CA HIS D 369 -11.58 37.59 36.69
C HIS D 369 -12.54 37.54 35.51
N LYS D 370 -13.33 36.47 35.42
CA LYS D 370 -14.34 36.41 34.37
C LYS D 370 -15.44 37.44 34.59
N SER D 371 -15.70 37.79 35.85
CA SER D 371 -16.75 38.73 36.20
C SER D 371 -16.22 40.14 36.40
N GLN D 372 -15.13 40.50 35.72
CA GLN D 372 -14.63 41.86 35.79
C GLN D 372 -15.61 42.83 35.15
N GLY D 373 -16.01 43.84 35.90
CA GLY D 373 -16.98 44.80 35.43
C GLY D 373 -18.40 44.29 35.50
N LEU D 374 -18.76 43.64 36.60
CA LEU D 374 -20.11 43.16 36.80
C LEU D 374 -20.49 43.28 38.28
N THR D 375 -21.77 43.50 38.52
CA THR D 375 -22.31 43.57 39.87
C THR D 375 -23.51 42.64 39.97
N PHE D 376 -23.52 41.78 40.97
CA PHE D 376 -24.56 40.77 41.15
C PHE D 376 -25.31 41.02 42.45
N ASP D 377 -26.61 40.78 42.43
CA ASP D 377 -27.42 41.05 43.61
C ASP D 377 -27.04 40.16 44.78
N LYS D 378 -26.85 38.87 44.52
CA LYS D 378 -26.59 37.89 45.57
C LYS D 378 -25.36 37.07 45.21
N VAL D 379 -24.29 37.20 46.00
CA VAL D 379 -23.02 36.53 45.78
C VAL D 379 -22.64 35.74 47.02
N ILE D 380 -21.70 34.80 46.84
CA ILE D 380 -21.19 33.99 47.94
C ILE D 380 -19.68 33.97 47.86
N ILE D 381 -19.04 34.63 48.82
CA ILE D 381 -17.59 34.78 48.90
C ILE D 381 -17.00 33.57 49.62
N ASP D 382 -16.30 32.71 48.88
CA ASP D 382 -15.76 31.47 49.42
C ASP D 382 -14.44 31.70 50.14
N ILE D 383 -13.85 30.61 50.65
CA ILE D 383 -12.52 30.67 51.23
C ILE D 383 -11.48 30.92 50.16
N GLY D 384 -11.80 30.59 48.91
CA GLY D 384 -10.91 30.75 47.78
C GLY D 384 -10.71 29.54 46.89
N ARG D 385 -10.70 28.32 47.44
CA ARG D 385 -10.76 27.87 48.84
C ARG D 385 -9.36 27.78 49.41
N GLY D 386 -8.96 28.79 50.20
CA GLY D 386 -7.58 28.75 50.63
C GLY D 386 -6.64 29.78 50.03
N THR D 387 -6.05 30.64 50.88
CA THR D 387 -4.90 31.45 50.49
C THR D 387 -5.19 32.39 49.31
N PHE D 388 -6.17 33.27 49.51
CA PHE D 388 -6.44 34.34 48.55
C PHE D 388 -5.20 35.23 48.41
N SER D 389 -5.21 36.07 47.38
CA SER D 389 -4.02 36.86 47.09
C SER D 389 -4.07 38.19 47.81
N HIS D 390 -2.94 38.91 47.77
CA HIS D 390 -2.89 40.21 48.43
C HIS D 390 -3.87 41.18 47.79
N GLY D 391 -4.82 41.65 48.59
CA GLY D 391 -5.79 42.62 48.11
C GLY D 391 -6.79 42.05 47.14
N GLN D 392 -6.98 40.72 47.14
CA GLN D 392 -8.01 40.12 46.30
C GLN D 392 -9.37 40.21 46.95
N LEU D 393 -9.42 40.47 48.25
CA LEU D 393 -10.69 40.52 48.94
C LEU D 393 -11.48 41.76 48.54
N TYR D 394 -10.78 42.88 48.35
CA TYR D 394 -11.45 44.12 47.93
C TYR D 394 -12.11 43.97 46.57
N VAL D 395 -11.47 43.23 45.66
CA VAL D 395 -12.06 43.03 44.34
C VAL D 395 -13.31 42.17 44.46
N ALA D 396 -13.24 41.08 45.24
CA ALA D 396 -14.40 40.20 45.39
C ALA D 396 -15.57 40.95 46.01
N LEU D 397 -15.30 41.82 46.97
CA LEU D 397 -16.36 42.63 47.54
C LEU D 397 -16.90 43.61 46.52
N SER D 398 -16.03 44.14 45.67
CA SER D 398 -16.50 45.06 44.65
C SER D 398 -17.33 44.37 43.57
N ARG D 399 -17.39 43.04 43.58
CA ARG D 399 -18.30 42.34 42.68
C ARG D 399 -19.74 42.34 43.15
N CYS D 400 -19.97 42.72 44.39
CA CYS D 400 -21.30 42.63 44.99
C CYS D 400 -22.10 43.90 44.74
N ARG D 401 -23.41 43.79 44.93
CA ARG D 401 -24.30 44.94 44.82
C ARG D 401 -24.75 45.48 46.17
N SER D 402 -25.28 44.61 47.03
CA SER D 402 -25.87 45.02 48.29
C SER D 402 -25.34 44.16 49.43
N LEU D 403 -25.50 44.65 50.65
CA LEU D 403 -25.09 43.90 51.83
C LEU D 403 -26.04 42.75 52.13
N GLU D 404 -27.32 42.92 51.84
CA GLU D 404 -28.30 41.85 52.02
C GLU D 404 -28.14 40.72 51.01
N GLY D 405 -27.21 40.84 50.06
CA GLY D 405 -26.95 39.76 49.12
C GLY D 405 -25.59 39.11 49.31
N LEU D 406 -24.71 39.73 50.10
CA LEU D 406 -23.39 39.19 50.35
C LEU D 406 -23.45 38.12 51.44
N VAL D 407 -23.03 36.90 51.10
CA VAL D 407 -22.87 35.81 52.06
C VAL D 407 -21.45 35.28 51.96
N LEU D 408 -20.73 35.32 53.08
CA LEU D 408 -19.34 34.86 53.13
C LEU D 408 -19.28 33.52 53.85
N LYS D 409 -19.19 32.43 53.07
CA LYS D 409 -19.33 31.06 53.56
C LYS D 409 -18.67 30.79 54.90
N LYS D 410 -17.39 31.12 55.00
CA LYS D 410 -16.60 30.74 56.16
C LYS D 410 -15.99 32.00 56.74
N PRO D 411 -16.43 32.44 57.93
CA PRO D 411 -16.08 33.77 58.43
C PRO D 411 -14.59 34.08 58.38
N ILE D 412 -14.23 35.07 57.57
CA ILE D 412 -12.89 35.66 57.67
C ILE D 412 -12.83 36.65 58.82
N SER D 413 -13.68 37.68 58.76
CA SER D 413 -13.84 38.68 59.83
C SER D 413 -12.52 39.38 60.17
N GLU D 414 -11.54 39.27 59.28
CA GLU D 414 -10.17 39.74 59.47
C GLU D 414 -9.97 41.07 58.74
N LYS D 415 -8.74 41.55 58.74
CA LYS D 415 -8.40 42.95 58.58
C LYS D 415 -7.32 43.10 57.52
N TYR D 416 -7.52 42.39 56.41
CA TYR D 416 -6.60 42.40 55.28
C TYR D 416 -7.37 42.49 53.97
N ILE D 417 -8.64 42.89 54.06
CA ILE D 417 -9.45 43.21 52.88
C ILE D 417 -8.81 44.32 52.07
N TRP D 418 -8.07 45.20 52.74
CA TRP D 418 -7.57 46.44 52.19
C TRP D 418 -7.03 46.27 50.78
N LEU D 419 -7.41 47.21 49.91
CA LEU D 419 -6.96 47.21 48.54
C LEU D 419 -5.45 47.13 48.48
N ASP D 420 -4.95 46.34 47.54
CA ASP D 420 -3.52 46.01 47.48
C ASP D 420 -2.78 47.22 46.95
N LYS D 421 -2.22 48.01 47.86
CA LYS D 421 -1.73 49.31 47.45
C LYS D 421 -0.50 49.14 46.58
N ARG D 422 -0.70 49.38 45.32
CA ARG D 422 0.03 50.23 44.40
C ARG D 422 -0.96 51.19 43.76
N VAL D 423 -2.19 50.71 43.54
CA VAL D 423 -3.30 51.57 43.14
C VAL D 423 -3.48 52.72 44.12
N VAL D 424 -3.42 52.41 45.42
CA VAL D 424 -3.64 53.44 46.44
C VAL D 424 -2.60 54.52 46.33
N SER D 425 -1.34 54.14 46.12
CA SER D 425 -0.27 55.11 45.96
C SER D 425 -0.48 55.93 44.69
N PHE D 426 -0.70 55.24 43.56
CA PHE D 426 -0.90 55.92 42.30
C PHE D 426 -2.08 56.87 42.35
N LEU D 427 -3.17 56.45 43.00
CA LEU D 427 -4.36 57.28 43.02
C LEU D 427 -4.17 58.50 43.90
N THR D 428 -3.48 58.36 45.04
CA THR D 428 -3.27 59.51 45.90
C THR D 428 -2.25 60.47 45.31
N LYS D 429 -1.42 60.01 44.37
CA LYS D 429 -0.53 60.92 43.68
C LYS D 429 -1.28 61.76 42.66
N TYR D 430 -2.11 61.12 41.85
CA TYR D 430 -2.78 61.80 40.76
C TYR D 430 -4.01 62.60 41.19
N GLN D 431 -4.75 62.11 42.21
CA GLN D 431 -5.96 62.81 42.64
C GLN D 431 -5.64 64.18 43.21
N TYR D 432 -4.46 64.33 43.78
CA TYR D 432 -4.01 65.60 44.34
C TYR D 432 -2.81 66.14 43.55
N LYS D 433 -2.84 65.96 42.24
CA LYS D 433 -1.81 66.50 41.35
C LYS D 433 -2.38 67.56 40.41
PB ADP E . 8.49 -48.01 -38.06
O1B ADP E . 9.20 -49.31 -38.37
O2B ADP E . 9.33 -46.77 -38.21
O3B ADP E . 7.66 -48.02 -36.80
PA ADP E . 6.07 -47.03 -38.98
O1A ADP E . 5.13 -47.85 -38.15
O2A ADP E . 6.46 -45.64 -38.52
O3A ADP E . 7.40 -47.89 -39.23
O5' ADP E . 5.46 -46.92 -40.47
C5' ADP E . 5.62 -45.74 -41.25
C4' ADP E . 4.56 -45.72 -42.34
O4' ADP E . 4.69 -46.87 -43.18
C3' ADP E . 3.17 -45.73 -41.73
O3' ADP E . 2.58 -44.43 -41.83
C2' ADP E . 2.39 -46.73 -42.54
O2' ADP E . 1.45 -46.04 -43.38
C1' ADP E . 3.41 -47.48 -43.37
N9 ADP E . 3.54 -48.85 -42.84
C8 ADP E . 4.64 -49.33 -42.23
N7 ADP E . 4.45 -50.62 -41.85
C5 ADP E . 3.21 -50.99 -42.24
C6 ADP E . 2.39 -52.22 -42.15
N6 ADP E . 2.88 -53.35 -41.56
N1 ADP E . 1.15 -52.17 -42.67
C2 ADP E . 0.66 -51.06 -43.25
N3 ADP E . 1.36 -49.91 -43.37
C4 ADP E . 2.62 -49.81 -42.88
PB ADP F . 17.41 17.10 -16.31
O1B ADP F . 17.03 15.65 -16.16
O2B ADP F . 18.05 17.46 -17.63
O3B ADP F . 18.07 17.71 -15.11
PA ADP F . 15.16 18.14 -17.64
O1A ADP F . 14.93 16.79 -18.28
O2A ADP F . 15.77 19.28 -18.39
O3A ADP F . 16.02 17.86 -16.32
O5' ADP F . 13.82 18.66 -16.89
C5' ADP F . 12.95 17.64 -16.40
C4' ADP F . 11.59 18.21 -16.06
O4' ADP F . 11.75 19.36 -15.21
C3' ADP F . 10.86 18.68 -17.31
O3' ADP F . 9.89 17.73 -17.77
C2' ADP F . 10.15 19.93 -16.84
O2' ADP F . 8.79 19.65 -16.49
C1' ADP F . 10.91 20.42 -15.63
N9 ADP F . 11.73 21.54 -16.13
C8 ADP F . 13.06 21.46 -16.35
N7 ADP F . 13.53 22.65 -16.82
C5 ADP F . 12.51 23.50 -16.91
C6 ADP F . 12.35 24.91 -17.33
N6 ADP F . 13.42 25.62 -17.75
N1 ADP F . 11.10 25.43 -17.27
C2 ADP F . 10.04 24.71 -16.84
N3 ADP F . 10.13 23.42 -16.44
C4 ADP F . 11.31 22.77 -16.44
PB ADP G . -28.39 -14.33 11.80
O1B ADP G . -27.62 -15.63 11.61
O2B ADP G . -27.56 -13.10 11.52
O3B ADP G . -29.22 -14.27 13.05
PA ADP G . -30.82 -13.51 10.78
O1A ADP G . -31.75 -14.31 11.65
O2A ADP G . -30.44 -12.10 11.18
O3A ADP G . -29.46 -14.36 10.61
O5' ADP G . -31.40 -13.46 9.28
C5' ADP G . -31.20 -12.28 8.51
C4' ADP G . -32.22 -12.21 7.38
O4' ADP G . -32.12 -13.38 6.57
C3' ADP G . -33.64 -12.13 7.93
O3' ADP G . -34.16 -10.80 7.83
C2' ADP G . -34.44 -13.07 7.05
O2' ADP G . -35.24 -12.31 6.13
C1' ADP G . -33.42 -13.91 6.30
N9 ADP G . -33.44 -15.25 6.88
C8 ADP G . -32.46 -15.76 7.65
N7 ADP G . -32.76 -17.02 8.04
C5 ADP G . -33.96 -17.34 7.52
C6 ADP G . -34.84 -18.52 7.56
N6 ADP G . -34.50 -19.65 8.25
N1 ADP G . -36.01 -18.44 6.87
C2 ADP G . -36.35 -17.33 6.19
N3 ADP G . -35.59 -16.22 6.12
C4 ADP G . -34.40 -16.17 6.76
PB ADP H . -19.60 51.21 33.54
O1B ADP H . -19.82 49.76 33.94
O2B ADP H . -19.19 51.38 32.10
O3B ADP H . -18.80 51.99 34.55
PA ADP H . -22.05 51.75 32.37
O1A ADP H . -22.13 50.29 32.00
O2A ADP H . -21.63 52.77 31.33
O3A ADP H . -21.05 51.88 33.62
O5' ADP H . -23.45 52.22 32.99
C5' ADP H . -24.42 51.25 33.39
C4' ADP H . -25.79 51.91 33.43
O4' ADP H . -25.76 53.06 34.27
C3' ADP H . -26.21 52.36 32.05
O3' ADP H . -27.22 51.50 31.52
C2' ADP H . -26.77 53.75 32.22
O2' ADP H . -28.20 53.70 32.12
C1' ADP H . -26.35 54.18 33.62
N9 ADP H . -25.28 55.19 33.50
C8 ADP H . -24.01 54.99 33.87
N7 ADP H . -23.26 56.09 33.63
C5 ADP H . -24.07 57.02 33.09
C6 ADP H . -23.91 58.42 32.61
N6 ADP H . -22.71 59.03 32.66
N1 ADP H . -25.01 59.03 32.13
C2 ADP H . -26.20 58.41 32.08
N3 ADP H . -26.41 57.16 32.50
C4 ADP H . -25.40 56.42 33.01
#